data_1MWA
#
_entry.id   1MWA
#
_cell.length_a   297.899
_cell.length_b   95.942
_cell.length_c   84.735
_cell.angle_alpha   90.00
_cell.angle_beta   90.00
_cell.angle_gamma   90.00
#
_symmetry.space_group_name_H-M   'P 21 21 2'
#
loop_
_entity.id
_entity.type
_entity.pdbx_description
1 polymer '2C T CELL RECEPTOR ALPHA CHAIN'
2 polymer '2C T CELL RECEPTOR BETA CHAIN'
3 polymer 'H-2KBM3 MHC CLASS I MOLECULE HEAVY CHAIN'
4 polymer 'MICROGLOBULIN MHC LIGHT CHAIN'
5 polymer DEV8
6 branched 2-acetamido-2-deoxy-beta-D-glucopyranose-(1-4)-2-acetamido-2-deoxy-beta-D-glucopyranose
7 branched beta-D-mannopyranose-(1-4)-2-acetamido-2-deoxy-beta-D-glucopyranose-(1-4)-2-acetamido-2-deoxy-beta-D-glucopyranose
8 non-polymer GLYCEROL
9 non-polymer 2-acetamido-2-deoxy-beta-D-glucopyranose
10 non-polymer 'ACETIC ACID'
11 water water
#
loop_
_entity_poly.entity_id
_entity_poly.type
_entity_poly.pdbx_seq_one_letter_code
_entity_poly.pdbx_strand_id
1 'polypeptide(L)'
;QSVTQPDARVTVSEGASLQLRCKYSYSATPYLFWYVQYPRQGLQLLLKYYSGDPVVQGVNGFEAEFSKSNSSFHLRKASV
HWSDSAVYFCAVSGFASALTFGSGTKVIVLPYIQNPEPAVYALKDPRSQDSTLCLFTDFDSQINVPKTMESGTFITDATV
LDMKAMDSKSNGAIAWSNQTSFTCQDIFKETNATYPSSDVPC
;
A,C
2 'polypeptide(L)'
;EAAVTQSPRNKVAVTGGKVTLSCNQTNNHNNMYWYRQDTGHGLRLIHYSYGAGSTEKGDIPDGYKASRPSQENFSLILEL
ATPSQTSVYFCASGGGGTLYFGAGTRLSVLEDLRNVTPPKVSLFEPSKAEIANKQKATLVCLARGFFPDHVELSWWVNGK
EVHSGVSTDPQAYKESNYSYCLSSRLRVSATFWHNPRNHFRCQVQFHGLSEEDKWPEGSPKPVTQNISAEAWGRADC
;
B,D
3 'polypeptide(L)'
;GPHSLRYFVTAVSRPGLGEPRYMEVGYVDDTEFVRFDSDAENPRYEPRARWMEQEGPEYWERETQKAKGNEQSFRVSLRT
LLGYYNQSAGGSHTIQVISGCEVGSDGRLLRGYQQYAYDGCDYIALNEDLKTWTAADMAALITKHKWEQAGEAERLRAYL
EGTCVEWLRRYLKNGNATLLRTDSPKAHVTHHSRPEDKVTLRCWALGFYPADITLTWQLNGEELIQDMELVETRPAGDGT
FQKWASVVVPLGKEQYYTCHVYHQGLPEPLTLRWR
;
H,I
4 'polypeptide(L)'
;IQKTPQIQVYSRHPPENGKPNILNCYVTQFHPPHIEIQMLKNGKKIPKVEMSDMSFSKDWSFYILAHTEFTPTETDTYAC
RVKHDSMAEPKTVYWDRDM
;
L,M
5 'polypeptide(L)' EQYKFYSV P,Q
#
# COMPACT_ATOMS: atom_id res chain seq x y z
N GLN A 1 -11.73 25.36 -28.89
CA GLN A 1 -11.68 24.20 -29.81
C GLN A 1 -11.99 24.62 -31.25
N SER A 2 -10.95 24.77 -32.05
CA SER A 2 -11.14 25.10 -33.45
C SER A 2 -10.28 24.21 -34.34
N VAL A 3 -10.68 24.08 -35.60
CA VAL A 3 -9.98 23.23 -36.53
C VAL A 3 -10.12 23.80 -37.94
N THR A 4 -9.13 23.58 -38.79
CA THR A 4 -9.19 24.06 -40.16
C THR A 4 -8.36 23.19 -41.10
N GLN A 5 -8.77 23.16 -42.36
CA GLN A 5 -8.07 22.39 -43.37
C GLN A 5 -7.67 23.38 -44.48
N PRO A 6 -6.40 23.77 -44.51
CA PRO A 6 -5.81 24.77 -45.41
C PRO A 6 -5.83 24.41 -46.91
N ASP A 7 -5.92 23.13 -47.25
CA ASP A 7 -5.96 22.75 -48.66
C ASP A 7 -7.36 22.31 -49.05
N ALA A 8 -8.05 23.13 -49.83
CA ALA A 8 -9.40 22.82 -50.25
C ALA A 8 -9.46 21.59 -51.16
N ARG A 9 -8.49 21.43 -52.04
CA ARG A 9 -8.48 20.31 -52.98
C ARG A 9 -7.10 19.65 -53.06
N VAL A 10 -7.09 18.33 -53.17
CA VAL A 10 -5.86 17.60 -53.28
C VAL A 10 -6.00 16.56 -54.37
N THR A 11 -5.15 16.66 -55.39
CA THR A 11 -5.20 15.74 -56.50
C THR A 11 -3.89 14.98 -56.59
N VAL A 12 -3.97 13.66 -56.45
CA VAL A 12 -2.81 12.79 -56.49
C VAL A 12 -3.04 11.69 -57.53
N SER A 13 -1.97 10.99 -57.89
CA SER A 13 -2.05 9.91 -58.87
C SER A 13 -2.18 8.58 -58.18
N GLU A 14 -2.96 7.70 -58.80
CA GLU A 14 -3.15 6.38 -58.27
C GLU A 14 -1.78 5.76 -57.93
N GLY A 15 -1.74 4.98 -56.85
CA GLY A 15 -0.49 4.36 -56.43
C GLY A 15 0.44 5.28 -55.66
N ALA A 16 0.09 6.56 -55.57
CA ALA A 16 0.92 7.52 -54.82
C ALA A 16 0.56 7.48 -53.34
N SER A 17 1.29 8.22 -52.53
CA SER A 17 1.04 8.29 -51.12
C SER A 17 0.17 9.53 -50.93
N LEU A 18 -0.41 9.71 -49.75
CA LEU A 18 -1.29 10.87 -49.51
C LEU A 18 -1.22 11.40 -48.09
N GLN A 19 -1.32 12.71 -47.96
CA GLN A 19 -1.33 13.35 -46.66
C GLN A 19 -2.35 14.46 -46.64
N LEU A 20 -3.27 14.40 -45.69
CA LEU A 20 -4.26 15.45 -45.58
C LEU A 20 -3.93 16.26 -44.33
N ARG A 21 -3.72 17.56 -44.53
CA ARG A 21 -3.37 18.46 -43.45
C ARG A 21 -4.55 18.94 -42.64
N CYS A 22 -4.40 18.92 -41.31
CA CYS A 22 -5.43 19.39 -40.39
C CYS A 22 -4.78 20.11 -39.23
N LYS A 23 -5.24 21.33 -38.96
CA LYS A 23 -4.72 22.15 -37.88
C LYS A 23 -5.85 22.44 -36.89
N TYR A 24 -5.53 22.45 -35.61
CA TYR A 24 -6.52 22.78 -34.60
C TYR A 24 -5.92 23.82 -33.70
N SER A 25 -6.75 24.73 -33.21
CA SER A 25 -6.27 25.72 -32.25
C SER A 25 -6.97 25.36 -30.96
N TYR A 26 -6.24 25.31 -29.85
CA TYR A 26 -6.87 24.95 -28.58
C TYR A 26 -5.93 24.88 -27.41
N SER A 27 -6.41 25.40 -26.29
CA SER A 27 -5.56 25.54 -25.13
C SER A 27 -5.23 24.22 -24.41
N ALA A 28 -6.03 23.19 -24.61
CA ALA A 28 -5.76 21.89 -24.01
C ALA A 28 -5.57 20.88 -25.14
N THR A 29 -5.64 19.61 -24.80
CA THR A 29 -5.64 18.55 -25.78
C THR A 29 -7.13 18.27 -26.07
N PRO A 30 -7.55 18.38 -27.34
CA PRO A 30 -8.94 18.10 -27.76
C PRO A 30 -9.12 16.68 -28.25
N TYR A 31 -10.37 16.29 -28.48
CA TYR A 31 -10.60 15.01 -29.11
C TYR A 31 -10.43 15.34 -30.59
N LEU A 32 -9.88 14.41 -31.36
CA LEU A 32 -9.72 14.63 -32.80
C LEU A 32 -10.34 13.47 -33.61
N PHE A 33 -10.90 13.82 -34.77
CA PHE A 33 -11.58 12.89 -35.65
C PHE A 33 -11.35 13.16 -37.17
N TRP A 34 -11.46 12.10 -37.97
CA TRP A 34 -11.35 12.19 -39.44
C TRP A 34 -12.51 11.39 -40.02
N TYR A 35 -13.28 12.01 -40.91
CA TYR A 35 -14.42 11.34 -41.55
C TYR A 35 -14.26 11.46 -43.05
N VAL A 36 -14.94 10.56 -43.78
CA VAL A 36 -14.93 10.59 -45.23
C VAL A 36 -16.34 10.82 -45.71
N GLN A 37 -16.50 11.59 -46.76
CA GLN A 37 -17.83 11.75 -47.32
C GLN A 37 -17.77 11.37 -48.79
N TYR A 38 -18.46 10.30 -49.13
CA TYR A 38 -18.56 9.87 -50.50
C TYR A 38 -19.68 10.64 -51.18
N PRO A 39 -19.64 10.66 -52.51
CA PRO A 39 -20.58 11.34 -53.40
C PRO A 39 -21.90 11.95 -52.92
N ARG A 40 -22.94 11.20 -52.57
CA ARG A 40 -24.20 11.85 -52.16
C ARG A 40 -24.73 11.38 -50.82
N GLN A 41 -23.84 11.25 -49.83
CA GLN A 41 -24.25 10.75 -48.52
C GLN A 41 -23.61 11.48 -47.35
N GLY A 42 -23.89 10.99 -46.14
CA GLY A 42 -23.34 11.58 -44.93
C GLY A 42 -21.92 11.15 -44.68
N LEU A 43 -21.41 11.45 -43.48
CA LEU A 43 -20.05 11.13 -43.13
C LEU A 43 -19.87 9.80 -42.42
N GLN A 44 -18.68 9.23 -42.57
CA GLN A 44 -18.34 7.98 -41.94
C GLN A 44 -16.99 8.18 -41.28
N LEU A 45 -16.82 7.65 -40.08
CA LEU A 45 -15.55 7.81 -39.36
C LEU A 45 -14.42 6.96 -39.94
N LEU A 46 -13.22 7.52 -39.98
CA LEU A 46 -12.03 6.80 -40.43
C LEU A 46 -11.25 6.47 -39.17
N LEU A 47 -11.19 7.43 -38.27
CA LEU A 47 -10.49 7.25 -37.01
C LEU A 47 -10.70 8.44 -36.08
N LYS A 48 -10.38 8.23 -34.81
CA LYS A 48 -10.46 9.25 -33.78
C LYS A 48 -9.25 9.13 -32.88
N TYR A 49 -9.01 10.17 -32.08
CA TYR A 49 -7.95 10.21 -31.10
C TYR A 49 -8.59 10.82 -29.85
N TYR A 50 -8.44 10.16 -28.71
CA TYR A 50 -8.99 10.68 -27.46
C TYR A 50 -7.80 11.10 -26.60
N SER A 51 -6.87 10.17 -26.43
CA SER A 51 -5.64 10.43 -25.67
C SER A 51 -4.70 9.26 -25.91
N GLY A 52 -3.48 9.33 -25.37
CA GLY A 52 -2.52 8.25 -25.52
C GLY A 52 -1.64 8.33 -26.77
N ASP A 53 -1.25 7.17 -27.30
CA ASP A 53 -0.43 7.09 -28.49
C ASP A 53 -0.92 8.06 -29.57
N PRO A 54 -0.03 8.94 -30.01
CA PRO A 54 -0.33 9.96 -31.04
C PRO A 54 -0.54 9.41 -32.46
N VAL A 55 -0.13 8.16 -32.69
CA VAL A 55 -0.34 7.53 -33.98
C VAL A 55 -1.55 6.60 -33.93
N VAL A 56 -2.63 6.94 -34.62
CA VAL A 56 -3.78 6.04 -34.61
C VAL A 56 -4.04 5.52 -36.01
N GLN A 57 -4.28 4.21 -36.09
CA GLN A 57 -4.55 3.55 -37.34
C GLN A 57 -6.07 3.39 -37.52
N GLY A 58 -6.55 3.74 -38.71
CA GLY A 58 -7.98 3.66 -38.96
C GLY A 58 -8.35 2.67 -40.05
N VAL A 59 -9.54 2.86 -40.62
CA VAL A 59 -10.05 1.99 -41.66
C VAL A 59 -9.33 2.23 -42.98
N ASN A 60 -9.20 1.15 -43.75
CA ASN A 60 -8.62 1.18 -45.09
C ASN A 60 -7.29 1.88 -45.28
N GLY A 61 -6.29 1.49 -44.52
CA GLY A 61 -4.97 2.04 -44.69
C GLY A 61 -4.82 3.45 -44.24
N PHE A 62 -5.87 4.00 -43.64
CA PHE A 62 -5.80 5.37 -43.15
C PHE A 62 -5.23 5.44 -41.77
N GLU A 63 -4.50 6.52 -41.50
CA GLU A 63 -3.93 6.72 -40.19
C GLU A 63 -3.51 8.16 -39.98
N ALA A 64 -3.58 8.59 -38.74
CA ALA A 64 -3.23 9.94 -38.44
C ALA A 64 -2.26 10.01 -37.29
N GLU A 65 -1.64 11.16 -37.12
CA GLU A 65 -0.75 11.36 -36.00
C GLU A 65 -0.99 12.73 -35.38
N PHE A 66 -1.37 12.70 -34.11
CA PHE A 66 -1.59 13.93 -33.36
C PHE A 66 -0.25 14.48 -32.94
N SER A 67 -0.05 15.76 -33.24
CA SER A 67 1.17 16.45 -32.85
C SER A 67 0.81 17.67 -32.05
N LYS A 68 0.99 17.60 -30.73
CA LYS A 68 0.71 18.70 -29.84
C LYS A 68 1.57 19.89 -30.23
N SER A 69 2.85 19.62 -30.46
CA SER A 69 3.77 20.66 -30.88
C SER A 69 3.14 21.41 -32.03
N ASN A 70 3.13 20.78 -33.20
CA ASN A 70 2.58 21.37 -34.43
C ASN A 70 1.09 21.66 -34.36
N SER A 71 0.42 21.17 -33.34
CA SER A 71 -0.98 21.43 -33.20
C SER A 71 -1.67 20.93 -34.47
N SER A 72 -1.31 19.73 -34.89
CA SER A 72 -1.84 19.15 -36.11
C SER A 72 -2.33 17.72 -35.93
N PHE A 73 -3.09 17.26 -36.92
CA PHE A 73 -3.64 15.91 -36.92
C PHE A 73 -3.81 15.47 -38.38
N HIS A 74 -2.69 15.37 -39.06
CA HIS A 74 -2.67 15.00 -40.49
C HIS A 74 -3.03 13.55 -40.76
N LEU A 75 -3.79 13.33 -41.84
CA LEU A 75 -4.22 11.98 -42.22
C LEU A 75 -3.31 11.43 -43.31
N ARG A 76 -3.05 10.12 -43.29
CA ARG A 76 -2.17 9.49 -44.27
C ARG A 76 -2.62 8.13 -44.76
N LYS A 77 -2.17 7.80 -45.96
CA LYS A 77 -2.40 6.50 -46.56
C LYS A 77 -1.21 6.32 -47.47
N ALA A 78 -0.50 5.22 -47.29
CA ALA A 78 0.70 4.94 -48.07
C ALA A 78 0.37 4.88 -49.54
N SER A 79 -0.67 4.14 -49.89
CA SER A 79 -1.03 3.95 -51.29
C SER A 79 -2.53 4.01 -51.57
N VAL A 80 -2.93 5.09 -52.25
CA VAL A 80 -4.32 5.30 -52.59
C VAL A 80 -4.63 4.92 -54.03
N HIS A 81 -5.88 4.56 -54.28
CA HIS A 81 -6.29 4.26 -55.64
C HIS A 81 -7.55 5.08 -55.86
N TRP A 82 -8.12 4.92 -57.04
CA TRP A 82 -9.33 5.64 -57.44
C TRP A 82 -10.42 5.72 -56.38
N SER A 83 -10.80 4.59 -55.81
CA SER A 83 -11.88 4.56 -54.81
C SER A 83 -11.67 5.45 -53.57
N ASP A 84 -10.45 5.96 -53.37
CA ASP A 84 -10.19 6.84 -52.24
C ASP A 84 -10.68 8.25 -52.54
N SER A 85 -11.09 8.46 -53.79
CA SER A 85 -11.60 9.76 -54.22
C SER A 85 -12.81 10.03 -53.35
N ALA A 86 -12.83 11.18 -52.70
CA ALA A 86 -13.95 11.53 -51.82
C ALA A 86 -13.64 12.83 -51.13
N VAL A 87 -14.50 13.21 -50.19
CA VAL A 87 -14.28 14.42 -49.43
C VAL A 87 -13.95 14.01 -47.99
N TYR A 88 -12.82 14.50 -47.49
CA TYR A 88 -12.37 14.18 -46.14
C TYR A 88 -12.49 15.32 -45.20
N PHE A 89 -13.04 15.02 -44.03
CA PHE A 89 -13.26 16.02 -43.01
C PHE A 89 -12.45 15.76 -41.73
N CYS A 90 -11.93 16.83 -41.18
CA CYS A 90 -11.21 16.78 -39.95
C CYS A 90 -12.22 17.38 -39.01
N ALA A 91 -12.24 16.94 -37.76
CA ALA A 91 -13.19 17.47 -36.81
C ALA A 91 -12.55 17.52 -35.44
N VAL A 92 -13.17 18.25 -34.53
CA VAL A 92 -12.61 18.38 -33.20
C VAL A 92 -13.66 18.61 -32.12
N SER A 93 -13.31 18.23 -30.89
CA SER A 93 -14.17 18.41 -29.74
C SER A 93 -13.33 18.70 -28.50
N GLY A 94 -13.83 19.70 -27.69
CA GLY A 94 -13.19 20.09 -26.46
C GLY A 94 -14.23 20.48 -25.43
N PHE A 95 -14.60 21.75 -25.41
CA PHE A 95 -15.61 22.29 -24.49
C PHE A 95 -16.84 21.38 -24.46
N ALA A 96 -17.48 21.34 -25.62
CA ALA A 96 -18.72 20.63 -25.86
C ALA A 96 -18.54 19.21 -26.38
N SER A 97 -19.63 18.45 -26.31
CA SER A 97 -19.65 17.08 -26.79
C SER A 97 -19.95 17.01 -28.30
N ALA A 98 -20.29 18.14 -28.91
CA ALA A 98 -20.55 18.18 -30.35
C ALA A 98 -19.23 18.33 -31.09
N LEU A 99 -19.21 18.00 -32.39
CA LEU A 99 -17.96 18.14 -33.14
C LEU A 99 -17.99 19.39 -34.00
N THR A 100 -16.87 20.10 -34.04
CA THR A 100 -16.71 21.26 -34.90
C THR A 100 -15.95 20.74 -36.11
N PHE A 101 -16.45 21.01 -37.31
CA PHE A 101 -15.82 20.47 -38.50
C PHE A 101 -15.01 21.46 -39.33
N GLY A 102 -13.94 20.95 -39.93
CA GLY A 102 -13.14 21.79 -40.81
C GLY A 102 -13.93 21.92 -42.12
N SER A 103 -13.52 22.84 -42.97
CA SER A 103 -14.22 23.07 -44.23
C SER A 103 -14.13 21.86 -45.16
N GLY A 104 -13.07 21.06 -45.05
CA GLY A 104 -12.94 19.86 -45.85
C GLY A 104 -11.99 19.90 -47.03
N THR A 105 -11.48 18.72 -47.36
CA THR A 105 -10.56 18.58 -48.48
C THR A 105 -11.05 17.55 -49.48
N LYS A 106 -11.30 17.99 -50.71
CA LYS A 106 -11.74 17.04 -51.73
C LYS A 106 -10.52 16.36 -52.34
N VAL A 107 -10.50 15.04 -52.30
CA VAL A 107 -9.37 14.30 -52.85
C VAL A 107 -9.69 13.68 -54.21
N ILE A 108 -8.89 14.04 -55.20
CA ILE A 108 -9.04 13.48 -56.55
C ILE A 108 -7.84 12.61 -56.84
N VAL A 109 -8.03 11.30 -56.95
CA VAL A 109 -6.92 10.43 -57.27
C VAL A 109 -7.05 9.93 -58.71
N LEU A 110 -6.09 10.31 -59.54
CA LEU A 110 -6.08 9.99 -60.96
C LEU A 110 -5.77 8.54 -61.28
N PRO A 111 -6.71 7.83 -61.91
CA PRO A 111 -6.46 6.44 -62.26
C PRO A 111 -5.48 6.52 -63.40
N TYR A 112 -4.61 5.54 -63.55
CA TYR A 112 -3.68 5.65 -64.66
C TYR A 112 -4.04 4.72 -65.79
N ILE A 113 -4.22 5.29 -66.96
CA ILE A 113 -4.59 4.56 -68.15
C ILE A 113 -3.35 4.09 -68.88
N GLN A 114 -3.16 2.77 -68.87
CA GLN A 114 -2.01 2.15 -69.50
C GLN A 114 -1.88 2.51 -70.98
N ASN A 115 -2.98 2.41 -71.73
CA ASN A 115 -2.92 2.72 -73.15
C ASN A 115 -3.99 3.71 -73.58
N PRO A 116 -3.80 5.00 -73.33
CA PRO A 116 -4.85 5.92 -73.75
C PRO A 116 -5.08 5.80 -75.25
N GLU A 117 -6.32 6.09 -75.68
CA GLU A 117 -6.71 6.05 -77.08
C GLU A 117 -7.69 7.22 -77.26
N PRO A 118 -7.26 8.41 -76.86
CA PRO A 118 -8.11 9.61 -76.88
C PRO A 118 -8.98 9.77 -78.13
N ALA A 119 -10.27 9.48 -77.98
CA ALA A 119 -11.22 9.59 -79.07
C ALA A 119 -12.35 10.55 -78.72
N VAL A 120 -13.00 11.08 -79.76
CA VAL A 120 -14.12 11.99 -79.58
C VAL A 120 -15.24 11.59 -80.52
N TYR A 121 -16.01 10.56 -80.14
CA TYR A 121 -17.12 10.04 -80.96
C TYR A 121 -18.35 10.94 -80.99
N ALA A 122 -19.12 10.78 -82.06
CA ALA A 122 -20.36 11.52 -82.26
C ALA A 122 -21.52 10.58 -81.97
N LEU A 123 -22.40 11.00 -81.07
CA LEU A 123 -23.55 10.19 -80.70
C LEU A 123 -24.79 11.03 -80.88
N LYS A 124 -25.90 10.41 -81.28
CA LYS A 124 -27.15 11.14 -81.47
C LYS A 124 -28.29 10.46 -80.73
N ASP A 125 -29.32 11.27 -80.45
CA ASP A 125 -30.56 10.83 -79.84
C ASP A 125 -31.47 10.45 -81.00
N PRO A 126 -31.79 9.15 -81.14
CA PRO A 126 -32.63 8.71 -82.26
C PRO A 126 -34.05 9.24 -82.23
N ARG A 127 -34.45 9.83 -81.11
CA ARG A 127 -35.79 10.38 -80.97
C ARG A 127 -35.80 11.87 -81.28
N SER A 128 -34.66 12.52 -81.09
CA SER A 128 -34.58 13.94 -81.39
C SER A 128 -33.67 14.09 -82.58
N GLN A 129 -34.22 14.56 -83.69
CA GLN A 129 -33.47 14.74 -84.91
C GLN A 129 -32.48 15.91 -84.80
N ASP A 130 -31.26 15.71 -85.27
CA ASP A 130 -30.24 16.75 -85.22
C ASP A 130 -29.91 17.12 -83.77
N SER A 131 -29.80 16.11 -82.92
CA SER A 131 -29.49 16.32 -81.51
C SER A 131 -27.99 16.10 -81.23
N THR A 132 -27.23 17.19 -81.09
CA THR A 132 -25.77 17.10 -80.88
C THR A 132 -25.36 16.53 -79.54
N LEU A 133 -24.09 16.11 -79.47
CA LEU A 133 -23.47 15.54 -78.27
C LEU A 133 -22.22 14.75 -78.64
N CYS A 134 -21.06 15.20 -78.15
CA CYS A 134 -19.78 14.53 -78.43
C CYS A 134 -19.22 13.85 -77.18
N LEU A 135 -18.68 12.66 -77.37
CA LEU A 135 -18.11 11.87 -76.28
C LEU A 135 -16.59 11.78 -76.40
N PHE A 136 -15.89 12.47 -75.49
CA PHE A 136 -14.43 12.46 -75.41
C PHE A 136 -14.09 11.35 -74.43
N THR A 137 -13.46 10.28 -74.87
CA THR A 137 -13.15 9.18 -73.97
C THR A 137 -11.82 8.49 -74.25
N ASP A 138 -11.37 7.73 -73.26
CA ASP A 138 -10.14 6.95 -73.34
C ASP A 138 -8.86 7.77 -73.33
N PHE A 139 -8.96 9.02 -72.87
CA PHE A 139 -7.78 9.87 -72.79
C PHE A 139 -6.99 9.68 -71.49
N ASP A 140 -5.88 10.41 -71.39
CA ASP A 140 -4.99 10.35 -70.26
C ASP A 140 -5.59 11.09 -69.08
N SER A 141 -5.27 10.62 -67.86
CA SER A 141 -5.78 11.23 -66.64
C SER A 141 -5.00 12.49 -66.29
N GLN A 142 -3.83 12.61 -66.90
CA GLN A 142 -2.96 13.74 -66.66
C GLN A 142 -3.35 14.92 -67.53
N ILE A 143 -3.69 14.62 -68.77
CA ILE A 143 -4.06 15.64 -69.73
C ILE A 143 -5.21 16.50 -69.19
N ASN A 144 -5.48 17.64 -69.82
CA ASN A 144 -6.55 18.54 -69.34
C ASN A 144 -7.69 18.76 -70.31
N VAL A 145 -8.90 18.43 -69.85
CA VAL A 145 -10.11 18.59 -70.65
C VAL A 145 -10.58 20.05 -70.63
N PRO A 146 -10.67 20.67 -71.81
CA PRO A 146 -11.09 22.06 -71.92
C PRO A 146 -12.54 22.28 -71.45
N LYS A 147 -12.87 23.52 -71.13
CA LYS A 147 -14.21 23.86 -70.66
C LYS A 147 -14.87 24.89 -71.58
N THR A 148 -16.08 25.31 -71.24
CA THR A 148 -16.82 26.27 -72.06
C THR A 148 -16.43 27.71 -71.76
N MET A 149 -16.35 28.51 -72.81
CA MET A 149 -15.95 29.92 -72.69
C MET A 149 -17.08 30.89 -73.06
N GLU A 150 -18.32 30.44 -72.94
CA GLU A 150 -19.47 31.29 -73.24
C GLU A 150 -20.77 30.58 -72.84
N SER A 151 -21.91 31.21 -73.15
CA SER A 151 -23.22 30.64 -72.86
C SER A 151 -23.63 29.76 -74.04
N GLY A 152 -24.73 29.03 -73.88
CA GLY A 152 -25.21 28.17 -74.95
C GLY A 152 -24.47 26.85 -75.10
N THR A 153 -23.15 26.88 -74.90
CA THR A 153 -22.33 25.66 -75.00
C THR A 153 -22.08 25.03 -73.64
N PHE A 154 -21.81 23.72 -73.63
CA PHE A 154 -21.56 23.00 -72.39
C PHE A 154 -20.66 21.78 -72.56
N ILE A 155 -19.76 21.60 -71.60
CA ILE A 155 -18.85 20.46 -71.58
C ILE A 155 -18.84 19.99 -70.14
N THR A 156 -18.71 18.69 -69.94
CA THR A 156 -18.70 18.14 -68.59
C THR A 156 -17.28 17.94 -68.10
N ASP A 157 -17.09 18.02 -66.78
CA ASP A 157 -15.79 17.78 -66.19
C ASP A 157 -15.44 16.31 -66.38
N ALA A 158 -14.18 15.97 -66.22
CA ALA A 158 -13.77 14.59 -66.37
C ALA A 158 -14.63 13.78 -65.41
N THR A 159 -14.81 12.50 -65.72
CA THR A 159 -15.52 11.57 -64.84
C THR A 159 -14.88 10.24 -65.19
N VAL A 160 -14.79 9.36 -64.21
CA VAL A 160 -14.17 8.05 -64.41
C VAL A 160 -15.24 6.99 -64.44
N LEU A 161 -15.04 6.00 -65.29
CA LEU A 161 -15.98 4.89 -65.39
C LEU A 161 -15.14 3.63 -65.31
N ASP A 162 -15.67 2.57 -64.72
CA ASP A 162 -14.92 1.34 -64.57
C ASP A 162 -15.76 0.10 -64.85
N MET A 163 -15.32 -0.69 -65.82
CA MET A 163 -16.01 -1.91 -66.23
C MET A 163 -15.41 -3.11 -65.52
N LYS A 164 -16.24 -4.09 -65.18
CA LYS A 164 -15.78 -5.30 -64.49
C LYS A 164 -15.02 -6.28 -65.39
N ALA A 165 -14.38 -5.75 -66.44
CA ALA A 165 -13.60 -6.54 -67.36
C ALA A 165 -12.13 -6.15 -67.23
N MET A 166 -11.49 -6.65 -66.17
CA MET A 166 -10.10 -6.33 -65.90
C MET A 166 -9.98 -4.82 -65.81
N ASP A 167 -8.79 -4.28 -66.08
CA ASP A 167 -8.63 -2.83 -66.04
C ASP A 167 -9.50 -2.27 -67.14
N SER A 168 -10.46 -1.44 -66.77
CA SER A 168 -11.34 -0.85 -67.75
C SER A 168 -11.77 0.54 -67.35
N LYS A 169 -10.89 1.26 -66.65
CA LYS A 169 -11.21 2.61 -66.26
C LYS A 169 -10.97 3.46 -67.48
N SER A 170 -11.67 4.58 -67.55
CA SER A 170 -11.52 5.45 -68.69
C SER A 170 -12.24 6.75 -68.41
N ASN A 171 -11.53 7.84 -68.67
CA ASN A 171 -12.06 9.15 -68.44
C ASN A 171 -13.05 9.51 -69.52
N GLY A 172 -13.88 10.51 -69.25
CA GLY A 172 -14.85 10.92 -70.23
C GLY A 172 -15.32 12.34 -70.02
N ALA A 173 -15.59 13.01 -71.12
CA ALA A 173 -16.10 14.37 -71.12
C ALA A 173 -17.16 14.41 -72.20
N ILE A 174 -18.31 14.99 -71.88
CA ILE A 174 -19.42 15.09 -72.82
C ILE A 174 -19.68 16.55 -73.14
N ALA A 175 -19.98 16.81 -74.40
CA ALA A 175 -20.26 18.16 -74.87
C ALA A 175 -21.42 18.20 -75.87
N TRP A 176 -22.05 19.37 -75.95
CA TRP A 176 -23.18 19.62 -76.85
C TRP A 176 -23.23 21.15 -76.91
N SER A 177 -23.83 21.70 -77.96
CA SER A 177 -23.93 23.13 -78.19
C SER A 177 -25.20 23.42 -78.98
N ASN A 178 -25.86 24.54 -78.68
CA ASN A 178 -27.09 24.95 -79.36
C ASN A 178 -26.76 25.49 -80.75
N GLN A 179 -25.48 25.80 -80.95
CA GLN A 179 -24.99 26.32 -82.22
C GLN A 179 -25.59 25.59 -83.41
N THR A 180 -25.99 26.36 -84.42
CA THR A 180 -26.57 25.79 -85.62
C THR A 180 -25.64 24.67 -86.04
N SER A 181 -24.36 24.97 -86.20
CA SER A 181 -23.37 23.98 -86.58
C SER A 181 -22.26 23.83 -85.54
N PHE A 182 -21.08 23.43 -86.00
CA PHE A 182 -19.92 23.21 -85.14
C PHE A 182 -19.98 21.81 -84.57
N THR A 183 -19.13 20.93 -85.07
CA THR A 183 -19.11 19.55 -84.62
C THR A 183 -18.14 19.33 -83.46
N CYS A 184 -17.67 18.10 -83.31
CA CYS A 184 -16.77 17.72 -82.21
C CYS A 184 -15.33 18.22 -82.35
N GLN A 185 -14.74 18.06 -83.54
CA GLN A 185 -13.38 18.52 -83.76
C GLN A 185 -13.25 19.97 -83.32
N ASP A 186 -14.16 20.80 -83.79
CA ASP A 186 -14.17 22.22 -83.49
C ASP A 186 -14.31 22.52 -82.01
N ILE A 187 -14.96 21.63 -81.26
CA ILE A 187 -15.15 21.85 -79.82
C ILE A 187 -14.04 21.25 -78.96
N PHE A 188 -13.56 20.06 -79.34
CA PHE A 188 -12.48 19.39 -78.62
C PHE A 188 -11.18 19.46 -79.42
N LYS A 189 -10.87 20.66 -79.88
CA LYS A 189 -9.69 20.96 -80.68
C LYS A 189 -8.38 20.29 -80.24
N GLU A 190 -8.26 19.97 -78.96
CA GLU A 190 -7.04 19.34 -78.44
C GLU A 190 -7.28 17.92 -77.98
N THR A 191 -7.11 16.96 -78.88
CA THR A 191 -7.33 15.57 -78.53
C THR A 191 -6.47 14.68 -79.41
N ASN A 192 -7.15 13.70 -80.12
CA ASN A 192 -6.53 12.76 -81.03
C ASN A 192 -7.59 12.24 -82.02
N ALA A 193 -7.62 10.93 -82.23
CA ALA A 193 -8.56 10.32 -83.17
C ALA A 193 -9.99 10.85 -83.01
N THR A 194 -10.61 11.19 -84.14
CA THR A 194 -11.98 11.69 -84.15
C THR A 194 -12.81 10.91 -85.16
N TYR A 195 -12.85 9.59 -84.98
CA TYR A 195 -13.59 8.70 -85.86
C TYR A 195 -14.97 9.21 -86.28
N PRO A 196 -15.28 9.11 -87.58
CA PRO A 196 -16.58 9.54 -88.10
C PRO A 196 -17.61 8.42 -87.94
N SER A 197 -18.83 8.79 -87.55
CA SER A 197 -19.88 7.79 -87.36
C SER A 197 -20.38 7.29 -88.72
N SER A 198 -19.63 7.60 -89.77
CA SER A 198 -19.97 7.18 -91.12
C SER A 198 -19.95 5.66 -91.22
N ASP A 199 -21.13 5.06 -91.34
CA ASP A 199 -21.32 3.62 -91.42
C ASP A 199 -20.30 2.93 -92.35
N VAL A 200 -19.90 1.71 -91.97
CA VAL A 200 -18.95 0.91 -92.75
C VAL A 200 -19.73 0.02 -93.74
N PRO A 201 -19.49 0.21 -95.04
CA PRO A 201 -20.18 -0.57 -96.07
C PRO A 201 -20.06 -2.09 -95.89
N CYS A 202 -21.12 -2.79 -96.27
CA CYS A 202 -21.18 -4.23 -96.11
C CYS A 202 -22.04 -4.81 -97.22
N GLN B 1 25.81 -5.23 30.48
CA GLN B 1 26.31 -6.50 31.07
C GLN B 1 26.97 -6.23 32.44
N SER B 2 26.97 -4.98 32.86
CA SER B 2 27.53 -4.58 34.14
C SER B 2 26.57 -3.79 35.03
N VAL B 3 26.22 -4.37 36.17
CA VAL B 3 25.30 -3.73 37.12
C VAL B 3 25.96 -3.38 38.46
N THR B 4 25.71 -2.15 38.91
CA THR B 4 26.25 -1.67 40.18
C THR B 4 25.14 -1.12 41.06
N GLN B 5 25.05 -1.62 42.30
CA GLN B 5 24.03 -1.20 43.24
C GLN B 5 24.65 -0.40 44.40
N PRO B 6 24.65 0.94 44.30
CA PRO B 6 25.21 1.79 45.35
C PRO B 6 24.53 1.61 46.73
N ASP B 7 23.25 1.17 46.75
CA ASP B 7 22.53 0.84 48.01
C ASP B 7 23.39 -0.01 48.97
N ALA B 8 23.06 -1.29 49.06
CA ALA B 8 23.90 -2.33 49.70
C ALA B 8 23.93 -2.39 51.16
N ARG B 9 23.16 -1.55 51.72
CA ARG B 9 22.85 -1.75 53.06
C ARG B 9 21.85 -0.70 53.25
N VAL B 10 20.64 -1.20 53.28
CA VAL B 10 19.53 -0.30 53.43
C VAL B 10 18.85 -0.44 54.78
N THR B 11 18.57 0.71 55.41
CA THR B 11 17.87 0.74 56.68
C THR B 11 16.58 1.52 56.52
N VAL B 12 15.48 1.02 57.05
CA VAL B 12 14.20 1.73 56.94
C VAL B 12 13.09 1.20 57.84
N SER B 13 12.21 2.11 58.27
CA SER B 13 11.09 1.78 59.13
C SER B 13 9.93 1.25 58.30
N GLU B 14 9.16 0.33 58.87
CA GLU B 14 8.03 -0.28 58.17
C GLU B 14 6.91 0.70 57.83
N GLY B 15 6.17 0.38 56.77
CA GLY B 15 5.06 1.20 56.31
C GLY B 15 5.52 2.43 55.55
N ALA B 16 6.83 2.69 55.56
CA ALA B 16 7.40 3.84 54.87
C ALA B 16 7.68 3.51 53.40
N SER B 17 8.44 4.39 52.74
CA SER B 17 8.77 4.20 51.33
C SER B 17 10.13 3.55 51.18
N LEU B 18 10.27 2.71 50.15
CA LEU B 18 11.52 2.00 49.88
C LEU B 18 12.14 2.49 48.55
N GLN B 19 13.46 2.35 48.42
CA GLN B 19 14.14 2.79 47.21
C GLN B 19 15.56 2.22 47.12
N LEU B 20 15.68 1.05 46.49
CA LEU B 20 16.97 0.36 46.33
C LEU B 20 17.57 0.61 44.94
N ARG B 21 18.24 1.73 44.78
CA ARG B 21 18.85 2.12 43.50
C ARG B 21 19.69 1.06 42.81
N CYS B 22 19.71 1.10 41.49
CA CYS B 22 20.47 0.18 40.63
C CYS B 22 20.95 0.89 39.37
N LYS B 23 22.19 0.64 38.99
CA LYS B 23 22.74 1.25 37.79
C LYS B 23 23.43 0.23 36.89
N TYR B 24 23.45 0.54 35.59
CA TYR B 24 24.07 -0.31 34.59
C TYR B 24 25.03 0.55 33.76
N SER B 25 25.76 -0.09 32.86
CA SER B 25 26.69 0.59 31.98
C SER B 25 26.65 -0.15 30.65
N TYR B 26 26.09 0.48 29.62
CA TYR B 26 25.98 -0.18 28.33
C TYR B 26 26.24 0.75 27.14
N SER B 27 26.38 0.15 25.95
CA SER B 27 26.59 0.88 24.71
C SER B 27 25.23 1.14 24.04
N ALA B 28 24.23 0.35 24.46
CA ALA B 28 22.87 0.45 23.95
C ALA B 28 21.92 0.02 25.06
N THR B 29 20.65 -0.16 24.74
CA THR B 29 19.67 -0.57 25.75
C THR B 29 19.63 -2.08 25.93
N PRO B 30 19.90 -2.55 27.15
CA PRO B 30 19.87 -3.96 27.52
C PRO B 30 18.65 -4.39 28.33
N TYR B 31 18.53 -5.69 28.58
CA TYR B 31 17.43 -6.20 29.39
C TYR B 31 17.77 -5.80 30.82
N LEU B 32 16.75 -5.76 31.69
CA LEU B 32 16.95 -5.37 33.08
C LEU B 32 16.06 -6.23 33.97
N PHE B 33 16.65 -6.89 34.97
CA PHE B 33 15.89 -7.76 35.88
C PHE B 33 16.07 -7.44 37.38
N TRP B 34 15.02 -7.70 38.16
CA TRP B 34 15.03 -7.51 39.60
C TRP B 34 14.64 -8.83 40.28
N TYR B 35 15.55 -9.36 41.09
CA TYR B 35 15.35 -10.63 41.81
C TYR B 35 15.57 -10.52 43.33
N VAL B 36 14.86 -11.35 44.09
CA VAL B 36 14.99 -11.38 45.54
C VAL B 36 14.91 -12.80 46.08
N GLN B 37 15.77 -13.11 47.04
CA GLN B 37 15.82 -14.44 47.65
C GLN B 37 15.80 -14.34 49.16
N TYR B 38 15.13 -15.29 49.79
CA TYR B 38 15.05 -15.37 51.24
C TYR B 38 16.08 -16.42 51.65
N PRO B 39 16.67 -16.32 52.84
CA PRO B 39 17.67 -17.30 53.23
C PRO B 39 17.08 -18.72 53.22
N ARG B 40 17.35 -19.44 52.14
CA ARG B 40 16.87 -20.81 51.91
C ARG B 40 15.38 -20.81 51.60
N GLN B 41 15.06 -20.36 50.39
CA GLN B 41 13.67 -20.28 49.94
C GLN B 41 13.53 -20.73 48.49
N GLY B 42 14.39 -20.18 47.63
CA GLY B 42 14.34 -20.47 46.22
C GLY B 42 14.21 -19.15 45.47
N LEU B 43 14.79 -19.07 44.29
CA LEU B 43 14.77 -17.83 43.51
C LEU B 43 13.43 -17.54 42.83
N GLN B 44 12.97 -16.29 42.96
CA GLN B 44 11.70 -15.89 42.35
C GLN B 44 11.82 -14.55 41.60
N LEU B 45 11.06 -14.43 40.51
CA LEU B 45 11.09 -13.24 39.66
C LEU B 45 9.93 -12.25 39.91
N LEU B 46 10.25 -10.96 39.88
CA LEU B 46 9.25 -9.91 40.07
C LEU B 46 8.83 -9.22 38.78
N LEU B 47 9.74 -8.49 38.14
CA LEU B 47 9.41 -7.79 36.89
C LEU B 47 10.50 -7.89 35.82
N LYS B 48 10.06 -7.99 34.57
CA LYS B 48 10.99 -8.04 33.44
C LYS B 48 10.71 -6.89 32.46
N TYR B 49 11.76 -6.21 32.04
CA TYR B 49 11.64 -5.08 31.11
C TYR B 49 12.41 -5.29 29.80
N TYR B 50 11.76 -5.93 28.83
CA TYR B 50 12.35 -6.17 27.51
C TYR B 50 12.46 -4.79 26.82
N SER B 51 11.44 -4.39 26.04
CA SER B 51 10.99 -3.02 26.18
C SER B 51 9.45 -2.94 26.06
N GLY B 52 8.97 -1.85 25.49
CA GLY B 52 7.65 -1.33 25.82
C GLY B 52 7.73 -0.15 26.78
N ASP B 53 6.68 0.00 27.60
CA ASP B 53 6.59 1.08 28.59
C ASP B 53 7.78 0.97 29.52
N PRO B 54 8.42 2.08 29.84
CA PRO B 54 9.57 2.06 30.76
C PRO B 54 9.14 1.81 32.20
N VAL B 55 7.99 1.17 32.36
CA VAL B 55 7.46 0.80 33.67
C VAL B 55 6.58 -0.45 33.51
N VAL B 56 6.95 -1.52 34.20
CA VAL B 56 6.21 -2.79 34.15
C VAL B 56 5.37 -2.94 35.42
N GLN B 57 4.34 -3.77 35.36
CA GLN B 57 3.50 -3.96 36.54
C GLN B 57 4.10 -5.04 37.46
N GLY B 58 5.15 -4.67 38.18
CA GLY B 58 5.82 -5.59 39.10
C GLY B 58 4.89 -6.12 40.16
N VAL B 59 4.71 -7.44 40.20
CA VAL B 59 3.83 -8.10 41.15
C VAL B 59 4.22 -7.99 42.62
N ASN B 60 3.20 -7.84 43.47
CA ASN B 60 3.32 -7.76 44.93
C ASN B 60 3.79 -6.42 45.48
N GLY B 61 3.46 -5.34 44.79
CA GLY B 61 3.79 -4.00 45.26
C GLY B 61 5.11 -3.41 44.83
N PHE B 62 5.80 -4.07 43.91
CA PHE B 62 7.08 -3.56 43.44
C PHE B 62 6.99 -3.16 41.98
N GLU B 63 7.80 -2.19 41.59
CA GLU B 63 7.84 -1.70 40.23
C GLU B 63 9.06 -0.83 40.04
N ALA B 64 9.73 -1.00 38.91
CA ALA B 64 10.93 -0.23 38.61
C ALA B 64 10.76 0.59 37.33
N GLU B 65 11.56 1.64 37.20
CA GLU B 65 11.52 2.51 36.03
C GLU B 65 12.90 2.63 35.40
N PHE B 66 12.94 2.78 34.08
CA PHE B 66 14.21 2.89 33.35
C PHE B 66 14.45 4.28 32.79
N SER B 67 15.69 4.71 32.86
CA SER B 67 16.08 6.00 32.34
C SER B 67 17.45 5.88 31.69
N LYS B 68 17.50 5.94 30.38
CA LYS B 68 18.77 5.87 29.68
C LYS B 68 19.40 7.24 29.91
N SER B 69 18.56 8.17 30.34
CA SER B 69 18.98 9.53 30.63
C SER B 69 19.86 9.48 31.88
N ASN B 70 19.41 8.67 32.84
CA ASN B 70 20.11 8.47 34.09
C ASN B 70 20.96 7.21 34.01
N SER B 71 20.57 6.31 33.11
CA SER B 71 21.25 5.04 32.92
C SER B 71 21.02 4.23 34.19
N SER B 72 19.77 4.20 34.63
CA SER B 72 19.39 3.51 35.86
C SER B 72 18.23 2.54 35.65
N PHE B 73 17.71 2.02 36.75
CA PHE B 73 16.59 1.09 36.76
C PHE B 73 16.16 0.88 38.21
N HIS B 74 16.42 1.89 39.03
CA HIS B 74 16.09 1.88 40.45
C HIS B 74 14.70 1.31 40.71
N LEU B 75 14.60 0.43 41.71
CA LEU B 75 13.33 -0.19 42.08
C LEU B 75 12.64 0.62 43.19
N ARG B 76 11.33 0.43 43.33
CA ARG B 76 10.56 1.13 44.33
C ARG B 76 9.43 0.29 44.93
N LYS B 77 9.19 0.46 46.22
CA LYS B 77 8.14 -0.29 46.92
C LYS B 77 6.96 0.61 47.29
N ALA B 78 5.75 0.03 47.27
CA ALA B 78 4.52 0.74 47.57
C ALA B 78 4.23 0.82 49.07
N SER B 79 3.98 -0.33 49.69
CA SER B 79 3.71 -0.38 51.12
C SER B 79 4.74 -1.30 51.77
N VAL B 80 5.89 -0.73 52.10
CA VAL B 80 7.00 -1.50 52.68
C VAL B 80 6.61 -2.25 53.97
N HIS B 81 6.32 -3.54 53.83
CA HIS B 81 5.94 -4.35 54.98
C HIS B 81 6.85 -5.55 55.23
N TRP B 82 7.30 -5.64 56.48
CA TRP B 82 8.19 -6.68 56.98
C TRP B 82 8.05 -8.07 56.34
N SER B 83 6.83 -8.44 55.95
CA SER B 83 6.57 -9.76 55.37
C SER B 83 7.29 -10.05 54.05
N ASP B 84 8.30 -9.25 53.71
CA ASP B 84 9.06 -9.45 52.48
C ASP B 84 10.51 -8.99 52.61
N SER B 85 10.95 -8.72 53.83
CA SER B 85 12.33 -8.27 54.10
C SER B 85 13.31 -9.24 53.47
N ALA B 86 14.33 -8.72 52.76
CA ALA B 86 15.31 -9.61 52.12
C ALA B 86 16.48 -8.88 51.45
N VAL B 87 17.03 -9.54 50.44
CA VAL B 87 18.14 -9.03 49.64
C VAL B 87 17.65 -8.81 48.21
N TYR B 88 18.08 -7.72 47.59
CA TYR B 88 17.64 -7.40 46.24
C TYR B 88 18.76 -7.40 45.21
N PHE B 89 18.58 -8.22 44.17
CA PHE B 89 19.54 -8.34 43.08
C PHE B 89 19.01 -7.74 41.79
N CYS B 90 19.85 -6.95 41.14
CA CYS B 90 19.51 -6.27 39.91
C CYS B 90 20.53 -6.71 38.85
N ALA B 91 20.11 -7.51 37.89
CA ALA B 91 21.02 -8.01 36.85
C ALA B 91 20.55 -7.75 35.43
N VAL B 92 21.44 -7.20 34.61
CA VAL B 92 21.13 -6.89 33.21
C VAL B 92 21.43 -8.05 32.27
N SER B 93 21.22 -7.81 30.98
CA SER B 93 21.45 -8.77 29.92
C SER B 93 21.85 -8.00 28.67
N GLY B 94 23.04 -8.38 28.05
CA GLY B 94 23.45 -7.63 26.87
C GLY B 94 24.25 -8.44 25.88
N PHE B 95 24.96 -9.47 26.36
CA PHE B 95 25.80 -10.29 25.49
C PHE B 95 25.09 -11.49 24.89
N ALA B 96 24.18 -12.09 25.66
CA ALA B 96 23.44 -13.26 25.21
C ALA B 96 22.23 -13.44 26.10
N SER B 97 22.13 -14.60 26.74
CA SER B 97 21.02 -14.90 27.64
C SER B 97 21.48 -15.07 29.09
N ALA B 98 22.74 -14.72 29.36
CA ALA B 98 23.31 -14.83 30.70
C ALA B 98 23.20 -13.48 31.40
N LEU B 99 22.67 -13.49 32.61
CA LEU B 99 22.49 -12.27 33.38
C LEU B 99 23.66 -12.03 34.32
N THR B 100 24.14 -10.79 34.35
CA THR B 100 25.22 -10.40 35.24
C THR B 100 24.61 -9.64 36.41
N PHE B 101 24.79 -10.17 37.63
CA PHE B 101 24.21 -9.56 38.82
C PHE B 101 25.11 -8.56 39.52
N GLY B 102 24.48 -7.56 40.13
CA GLY B 102 25.22 -6.57 40.88
C GLY B 102 25.46 -7.21 42.23
N SER B 103 26.32 -6.62 43.05
CA SER B 103 26.58 -7.20 44.35
C SER B 103 25.26 -7.45 45.06
N GLY B 104 24.39 -6.44 45.07
CA GLY B 104 23.09 -6.56 45.70
C GLY B 104 22.74 -5.40 46.59
N THR B 105 21.97 -5.69 47.64
CA THR B 105 21.53 -4.68 48.59
C THR B 105 20.59 -5.31 49.61
N LYS B 106 21.01 -5.28 50.88
CA LYS B 106 20.20 -5.83 51.97
C LYS B 106 19.21 -4.79 52.47
N VAL B 107 17.94 -5.17 52.53
CA VAL B 107 16.89 -4.26 52.99
C VAL B 107 16.19 -4.79 54.24
N ILE B 108 16.14 -3.95 55.27
CA ILE B 108 15.51 -4.31 56.53
C ILE B 108 14.36 -3.37 56.83
N VAL B 109 13.13 -3.87 56.70
CA VAL B 109 11.95 -3.06 56.97
C VAL B 109 11.48 -3.25 58.42
N LEU B 110 12.14 -2.56 59.33
CA LEU B 110 11.83 -2.62 60.75
C LEU B 110 10.35 -2.39 61.00
N PRO B 111 9.66 -3.39 61.56
CA PRO B 111 8.24 -3.27 61.87
C PRO B 111 8.01 -2.49 63.15
N TYR B 112 6.76 -2.13 63.43
CA TYR B 112 6.45 -1.37 64.63
C TYR B 112 5.60 -2.21 65.56
N ILE B 113 5.39 -1.72 66.77
CA ILE B 113 4.57 -2.43 67.76
C ILE B 113 3.77 -1.46 68.62
N GLN B 114 3.00 -2.02 69.54
CA GLN B 114 2.19 -1.26 70.45
C GLN B 114 2.30 -1.97 71.79
N ASN B 115 3.35 -2.79 71.90
CA ASN B 115 3.64 -3.57 73.09
C ASN B 115 5.12 -3.41 73.45
N PRO B 116 5.62 -2.17 73.55
CA PRO B 116 7.03 -1.94 73.88
C PRO B 116 7.34 -2.28 75.34
N GLU B 117 8.04 -3.40 75.53
CA GLU B 117 8.40 -3.90 76.84
C GLU B 117 9.89 -4.26 76.95
N PRO B 118 10.72 -3.28 77.30
CA PRO B 118 12.17 -3.49 77.43
C PRO B 118 12.51 -4.33 78.65
N ALA B 119 12.71 -5.63 78.44
CA ALA B 119 13.02 -6.54 79.53
C ALA B 119 14.25 -7.40 79.24
N VAL B 120 14.65 -8.19 80.23
CA VAL B 120 15.79 -9.09 80.13
C VAL B 120 15.59 -10.28 81.07
N TYR B 121 14.92 -11.32 80.59
CA TYR B 121 14.66 -12.52 81.41
C TYR B 121 15.83 -13.48 81.46
N ALA B 122 15.59 -14.68 81.98
CA ALA B 122 16.62 -15.72 82.10
C ALA B 122 16.12 -17.07 81.60
N LEU B 123 17.06 -17.97 81.33
CA LEU B 123 16.72 -19.30 80.83
C LEU B 123 17.85 -20.30 81.09
N LYS B 124 17.49 -21.49 81.58
CA LYS B 124 18.46 -22.53 81.88
C LYS B 124 18.10 -23.80 81.12
N ASP B 125 19.05 -24.83 81.10
CA ASP B 125 18.82 -26.06 80.35
C ASP B 125 18.49 -27.25 81.26
N PRO B 126 17.53 -28.07 80.84
CA PRO B 126 17.11 -29.28 81.59
C PRO B 126 18.14 -30.40 81.63
N ARG B 127 19.27 -30.22 80.97
CA ARG B 127 20.33 -31.21 80.96
C ARG B 127 21.67 -30.54 81.25
N SER B 128 21.65 -29.22 81.30
CA SER B 128 22.83 -28.41 81.55
C SER B 128 22.55 -27.53 82.75
N GLN B 129 23.17 -27.85 83.88
CA GLN B 129 22.98 -27.10 85.12
C GLN B 129 23.79 -25.79 85.12
N ASP B 130 23.80 -25.08 83.99
CA ASP B 130 24.54 -23.84 83.90
C ASP B 130 24.13 -23.00 82.68
N SER B 131 25.13 -22.44 81.99
CA SER B 131 24.92 -21.60 80.81
C SER B 131 24.05 -20.40 81.15
N THR B 132 24.68 -19.37 81.72
CA THR B 132 24.01 -18.14 82.13
C THR B 132 23.80 -17.15 80.98
N LEU B 133 22.53 -16.88 80.67
CA LEU B 133 22.18 -15.94 79.60
C LEU B 133 20.86 -15.23 79.87
N CYS B 134 20.34 -14.57 78.84
CA CYS B 134 19.08 -13.82 78.95
C CYS B 134 18.31 -13.87 77.63
N LEU B 135 17.00 -14.07 77.73
CA LEU B 135 16.13 -14.15 76.55
C LEU B 135 15.19 -12.94 76.45
N PHE B 136 15.03 -12.41 75.24
CA PHE B 136 14.16 -11.26 75.00
C PHE B 136 12.82 -11.65 74.39
N THR B 137 12.01 -10.63 74.11
CA THR B 137 10.69 -10.80 73.52
C THR B 137 9.99 -9.45 73.47
N ASP B 138 9.66 -9.00 72.25
CA ASP B 138 8.99 -7.72 72.03
C ASP B 138 9.93 -6.55 72.29
N PHE B 139 10.35 -5.84 71.24
CA PHE B 139 11.24 -4.69 71.40
C PHE B 139 11.15 -3.65 70.29
N ASP B 140 11.61 -2.43 70.59
CA ASP B 140 11.62 -1.31 69.65
C ASP B 140 12.83 -1.38 68.72
N SER B 141 12.56 -1.39 67.41
CA SER B 141 13.62 -1.45 66.41
C SER B 141 14.29 -0.10 66.23
N GLN B 142 14.97 0.37 67.27
CA GLN B 142 15.66 1.66 67.21
C GLN B 142 16.97 1.69 68.01
N ILE B 143 17.02 0.92 69.09
CA ILE B 143 18.23 0.85 69.90
C ILE B 143 19.04 -0.37 69.49
N ASN B 144 20.35 -0.23 69.41
CA ASN B 144 21.22 -1.34 69.00
C ASN B 144 21.52 -2.29 70.15
N VAL B 145 21.47 -3.58 69.86
CA VAL B 145 21.78 -4.59 70.86
C VAL B 145 23.25 -4.41 71.24
N PRO B 146 23.55 -4.34 72.54
CA PRO B 146 24.92 -4.13 73.00
C PRO B 146 25.84 -5.29 72.65
N LYS B 147 26.76 -5.06 71.72
CA LYS B 147 27.70 -6.09 71.30
C LYS B 147 28.67 -6.43 72.43
N THR B 148 29.84 -6.96 72.08
CA THR B 148 30.82 -7.34 73.09
C THR B 148 32.26 -7.03 72.67
N MET B 149 33.11 -6.81 73.67
CA MET B 149 34.52 -6.51 73.43
C MET B 149 35.41 -7.38 74.32
N GLU B 150 35.21 -8.68 74.25
CA GLU B 150 35.99 -9.65 75.02
C GLU B 150 35.85 -11.04 74.42
N SER B 151 36.94 -11.55 73.84
CA SER B 151 36.94 -12.88 73.23
C SER B 151 36.66 -13.97 74.25
N GLY B 152 35.39 -14.12 74.60
CA GLY B 152 34.96 -15.13 75.57
C GLY B 152 33.46 -15.10 75.75
N THR B 153 32.84 -14.06 75.22
CA THR B 153 31.39 -13.89 75.31
C THR B 153 30.93 -12.95 74.20
N PHE B 154 29.99 -13.40 73.39
CA PHE B 154 29.47 -12.61 72.28
C PHE B 154 28.00 -12.23 72.49
N ILE B 155 27.40 -11.63 71.47
CA ILE B 155 25.99 -11.22 71.50
C ILE B 155 25.41 -11.42 70.11
N THR B 156 24.10 -11.65 70.04
CA THR B 156 23.45 -11.84 68.74
C THR B 156 22.95 -10.51 68.17
N ASP B 157 22.20 -10.60 67.07
CA ASP B 157 21.68 -9.41 66.41
C ASP B 157 20.20 -9.23 66.69
N ALA B 158 19.36 -9.97 65.95
CA ALA B 158 17.91 -9.87 66.12
C ALA B 158 17.20 -11.04 65.43
N THR B 159 16.03 -11.37 65.94
CA THR B 159 15.22 -12.45 65.38
C THR B 159 13.74 -12.11 65.56
N VAL B 160 12.87 -13.05 65.24
CA VAL B 160 11.43 -12.83 65.37
C VAL B 160 10.66 -14.11 65.65
N LEU B 161 9.46 -13.95 66.20
CA LEU B 161 8.58 -15.05 66.53
C LEU B 161 7.13 -14.60 66.32
N ASP B 162 6.40 -15.35 65.50
CA ASP B 162 5.01 -15.00 65.19
C ASP B 162 3.96 -15.85 65.90
N MET B 163 2.77 -15.25 66.06
CA MET B 163 1.62 -15.90 66.65
C MET B 163 0.47 -15.59 65.72
N LYS B 164 -0.74 -15.96 66.09
CA LYS B 164 -1.91 -15.67 65.26
C LYS B 164 -2.47 -14.30 65.62
N ALA B 165 -2.06 -13.78 66.78
CA ALA B 165 -2.50 -12.47 67.27
C ALA B 165 -2.31 -11.38 66.23
N MET B 166 -3.31 -10.49 66.10
CA MET B 166 -3.24 -9.40 65.13
C MET B 166 -2.21 -8.34 65.54
N ASP B 167 -1.12 -8.82 66.13
CA ASP B 167 -0.01 -7.98 66.56
C ASP B 167 1.05 -8.95 67.04
N SER B 168 1.09 -10.12 66.41
CA SER B 168 2.05 -11.16 66.74
C SER B 168 3.46 -10.77 66.33
N LYS B 169 3.89 -9.57 66.74
CA LYS B 169 5.22 -9.07 66.42
C LYS B 169 6.19 -9.24 67.58
N SER B 170 6.33 -10.47 68.04
CA SER B 170 7.25 -10.78 69.14
C SER B 170 8.65 -10.94 68.55
N ASN B 171 9.64 -10.35 69.20
CA ASN B 171 11.02 -10.42 68.72
C ASN B 171 11.98 -10.98 69.78
N GLY B 172 13.25 -10.63 69.69
CA GLY B 172 14.23 -11.11 70.65
C GLY B 172 15.66 -11.11 70.15
N ALA B 173 16.59 -11.36 71.07
CA ALA B 173 18.02 -11.40 70.77
C ALA B 173 18.73 -12.19 71.86
N ILE B 174 18.74 -13.52 71.72
CA ILE B 174 19.35 -14.40 72.72
C ILE B 174 20.88 -14.39 72.69
N ALA B 175 21.48 -14.34 73.88
CA ALA B 175 22.93 -14.33 74.01
C ALA B 175 23.36 -14.87 75.37
N TRP B 176 24.34 -15.77 75.37
CA TRP B 176 24.84 -16.39 76.60
C TRP B 176 26.35 -16.20 76.77
N SER B 177 26.96 -17.04 77.60
CA SER B 177 28.39 -16.96 77.85
C SER B 177 28.89 -18.15 78.66
N ASN B 178 30.02 -18.71 78.24
CA ASN B 178 30.63 -19.83 78.94
C ASN B 178 31.86 -19.33 79.71
N GLN B 179 31.93 -18.02 79.88
CA GLN B 179 33.03 -17.37 80.58
C GLN B 179 32.71 -17.34 82.09
N THR B 180 33.40 -16.48 82.84
CA THR B 180 33.18 -16.37 84.28
C THR B 180 31.74 -15.95 84.60
N SER B 181 31.44 -15.68 85.87
CA SER B 181 30.07 -15.31 86.23
C SER B 181 29.66 -13.99 85.61
N PHE B 182 28.83 -14.11 84.60
CA PHE B 182 28.28 -12.95 83.93
C PHE B 182 26.79 -13.17 83.97
N THR B 183 26.13 -12.51 84.92
CA THR B 183 24.70 -12.61 85.07
C THR B 183 24.08 -11.92 83.86
N CYS B 184 23.00 -11.17 84.07
CA CYS B 184 22.37 -10.49 82.96
C CYS B 184 22.18 -9.00 83.19
N GLN B 185 23.31 -8.34 83.39
CA GLN B 185 23.37 -6.90 83.63
C GLN B 185 24.82 -6.48 83.39
N ASP B 186 25.64 -7.46 83.00
CA ASP B 186 27.06 -7.24 82.73
C ASP B 186 27.26 -6.55 81.39
N ILE B 187 26.19 -6.43 80.62
CA ILE B 187 26.23 -5.80 79.31
C ILE B 187 25.05 -4.84 79.13
N PHE B 188 23.92 -5.21 79.70
CA PHE B 188 22.71 -4.42 79.63
C PHE B 188 22.70 -3.33 80.70
N LYS B 189 23.87 -2.78 80.98
CA LYS B 189 24.00 -1.73 81.99
C LYS B 189 23.31 -0.42 81.60
N GLU B 190 23.22 -0.16 80.30
CA GLU B 190 22.62 1.07 79.81
C GLU B 190 21.60 0.83 78.70
N THR B 191 21.07 -0.38 78.62
CA THR B 191 20.06 -0.71 77.63
C THR B 191 18.85 0.18 77.83
N ASN B 192 18.18 -0.05 79.02
CA ASN B 192 17.02 0.73 79.41
C ASN B 192 16.45 0.20 80.72
N ALA B 193 16.17 -1.10 80.75
CA ALA B 193 15.61 -1.71 81.94
C ALA B 193 15.75 -3.24 81.91
N THR B 194 15.25 -3.89 82.96
CA THR B 194 15.30 -5.35 83.06
C THR B 194 14.12 -5.86 83.90
N TYR B 195 13.94 -7.18 83.89
CA TYR B 195 12.87 -7.81 84.65
C TYR B 195 13.39 -9.00 85.46
N PRO B 196 13.88 -8.74 86.68
CA PRO B 196 14.39 -9.80 87.56
C PRO B 196 13.37 -10.89 87.84
N SER B 197 13.60 -12.08 87.27
CA SER B 197 12.71 -13.23 87.45
C SER B 197 12.94 -13.93 88.78
N SER B 198 11.99 -14.77 89.17
CA SER B 198 12.08 -15.52 90.42
C SER B 198 11.11 -16.70 90.44
N ASP B 199 9.97 -16.51 91.09
CA ASP B 199 8.96 -17.56 91.19
C ASP B 199 7.59 -16.96 91.47
N VAL B 200 6.63 -17.26 90.59
CA VAL B 200 5.26 -16.75 90.70
C VAL B 200 4.63 -17.03 92.06
N PRO B 201 3.69 -16.18 92.49
CA PRO B 201 3.01 -16.35 93.77
C PRO B 201 2.26 -17.68 93.88
N CYS B 202 2.79 -18.59 94.69
CA CYS B 202 2.18 -19.90 94.89
C CYS B 202 1.25 -19.89 96.08
N GLU C 1 -23.57 -0.77 -38.23
CA GLU C 1 -25.02 -0.45 -38.13
C GLU C 1 -25.20 1.03 -37.72
N ALA C 2 -25.26 1.28 -36.42
CA ALA C 2 -25.36 2.64 -35.88
C ALA C 2 -26.27 3.54 -36.73
N ALA C 3 -27.47 3.04 -37.02
CA ALA C 3 -28.45 3.71 -37.89
C ALA C 3 -29.08 5.02 -37.44
N VAL C 4 -29.15 5.93 -38.39
CA VAL C 4 -29.75 7.26 -38.23
C VAL C 4 -30.51 7.53 -39.52
N THR C 5 -31.82 7.75 -39.42
CA THR C 5 -32.65 7.96 -40.61
C THR C 5 -33.30 9.34 -40.64
N GLN C 6 -33.07 10.08 -41.71
CA GLN C 6 -33.63 11.41 -41.85
C GLN C 6 -34.79 11.38 -42.83
N SER C 7 -35.81 12.19 -42.60
CA SER C 7 -36.94 12.24 -43.49
C SER C 7 -37.57 13.63 -43.50
N PRO C 8 -37.87 14.12 -44.71
CA PRO C 8 -37.62 13.44 -45.97
C PRO C 8 -36.18 13.48 -46.48
N ARG C 9 -35.92 12.88 -47.64
CA ARG C 9 -34.61 12.86 -48.26
C ARG C 9 -34.42 14.19 -48.98
N ASN C 10 -35.53 14.67 -49.55
CA ASN C 10 -35.54 15.91 -50.32
C ASN C 10 -36.77 16.76 -50.00
N LYS C 11 -36.68 18.05 -50.28
CA LYS C 11 -37.79 18.94 -50.00
C LYS C 11 -37.71 20.19 -50.86
N VAL C 12 -38.82 20.48 -51.53
CA VAL C 12 -38.94 21.67 -52.36
C VAL C 12 -39.97 22.55 -51.67
N ALA C 13 -39.51 23.49 -50.85
CA ALA C 13 -40.41 24.39 -50.13
C ALA C 13 -40.25 25.80 -50.67
N VAL C 14 -41.23 26.66 -50.41
CA VAL C 14 -41.19 28.03 -50.88
C VAL C 14 -41.06 28.98 -49.70
N THR C 15 -40.50 30.16 -49.93
CA THR C 15 -40.33 31.17 -48.89
C THR C 15 -41.61 31.32 -48.08
N GLY C 16 -41.47 31.49 -46.77
CA GLY C 16 -42.63 31.63 -45.90
C GLY C 16 -43.21 30.28 -45.52
N GLY C 17 -42.84 29.25 -46.28
CA GLY C 17 -43.31 27.90 -46.03
C GLY C 17 -42.90 27.31 -44.70
N LYS C 18 -43.50 26.16 -44.38
CA LYS C 18 -43.22 25.45 -43.15
C LYS C 18 -42.53 24.14 -43.51
N VAL C 19 -41.35 23.92 -42.94
CA VAL C 19 -40.59 22.71 -43.21
C VAL C 19 -40.19 22.01 -41.92
N THR C 20 -40.41 20.70 -41.87
CA THR C 20 -40.01 19.91 -40.72
C THR C 20 -39.13 18.77 -41.22
N LEU C 21 -37.89 18.77 -40.76
CA LEU C 21 -36.95 17.71 -41.09
C LEU C 21 -36.93 16.86 -39.84
N SER C 22 -37.00 15.54 -39.99
CA SER C 22 -37.01 14.70 -38.80
C SER C 22 -35.92 13.65 -38.87
N CYS C 23 -35.45 13.25 -37.69
CA CYS C 23 -34.40 12.27 -37.54
C CYS C 23 -34.90 11.17 -36.62
N ASN C 24 -34.75 9.92 -37.04
CA ASN C 24 -35.14 8.79 -36.23
C ASN C 24 -33.83 8.08 -35.96
N GLN C 25 -33.67 7.57 -34.74
CA GLN C 25 -32.45 6.92 -34.34
C GLN C 25 -32.71 5.61 -33.60
N THR C 26 -31.94 4.57 -33.90
CA THR C 26 -32.09 3.29 -33.19
C THR C 26 -30.79 3.00 -32.44
N ASN C 27 -29.89 3.97 -32.44
CA ASN C 27 -28.61 3.85 -31.75
C ASN C 27 -28.73 3.97 -30.24
N ASN C 28 -29.88 4.47 -29.78
CA ASN C 28 -30.12 4.64 -28.35
C ASN C 28 -29.06 5.56 -27.74
N HIS C 29 -28.61 6.55 -28.52
CA HIS C 29 -27.62 7.52 -28.06
C HIS C 29 -28.31 8.70 -27.42
N ASN C 30 -27.74 9.20 -26.34
CA ASN C 30 -28.32 10.31 -25.61
C ASN C 30 -28.29 11.65 -26.33
N ASN C 31 -27.18 11.95 -27.00
CA ASN C 31 -26.98 13.21 -27.70
C ASN C 31 -27.38 13.12 -29.17
N MET C 32 -27.91 14.21 -29.71
CA MET C 32 -28.29 14.27 -31.12
C MET C 32 -27.94 15.64 -31.68
N TYR C 33 -27.58 15.69 -32.96
CA TYR C 33 -27.17 16.93 -33.60
C TYR C 33 -27.82 17.16 -34.96
N TRP C 34 -27.99 18.42 -35.32
CA TRP C 34 -28.56 18.79 -36.61
C TRP C 34 -27.58 19.76 -37.23
N TYR C 35 -26.99 19.36 -38.36
CA TYR C 35 -26.03 20.18 -39.05
C TYR C 35 -26.51 20.53 -40.46
N ARG C 36 -25.94 21.58 -41.03
CA ARG C 36 -26.23 21.89 -42.41
C ARG C 36 -24.87 21.87 -43.10
N GLN C 37 -24.83 21.52 -44.37
CA GLN C 37 -23.54 21.50 -45.07
C GLN C 37 -23.59 22.42 -46.29
N ASP C 38 -22.54 23.23 -46.45
CA ASP C 38 -22.46 24.18 -47.55
C ASP C 38 -21.00 24.33 -47.96
N THR C 39 -20.75 24.67 -49.22
CA THR C 39 -19.37 24.80 -49.70
C THR C 39 -18.67 26.01 -49.15
N GLY C 40 -17.51 25.79 -48.56
CA GLY C 40 -16.74 26.86 -47.97
C GLY C 40 -16.98 26.92 -46.48
N HIS C 41 -18.00 26.19 -46.01
CA HIS C 41 -18.35 26.17 -44.59
C HIS C 41 -18.33 24.78 -43.99
N GLY C 42 -17.93 23.77 -44.74
CA GLY C 42 -17.94 22.42 -44.20
C GLY C 42 -19.29 22.20 -43.55
N LEU C 43 -19.32 21.44 -42.47
CA LEU C 43 -20.56 21.18 -41.74
C LEU C 43 -20.58 22.15 -40.58
N ARG C 44 -21.77 22.65 -40.22
CA ARG C 44 -21.96 23.58 -39.10
C ARG C 44 -23.16 23.16 -38.25
N LEU C 45 -22.99 23.21 -36.92
CA LEU C 45 -24.03 22.82 -35.96
C LEU C 45 -25.15 23.85 -35.81
N ILE C 46 -26.39 23.37 -35.87
CA ILE C 46 -27.57 24.22 -35.73
C ILE C 46 -28.23 24.06 -34.35
N HIS C 47 -28.46 22.81 -33.94
CA HIS C 47 -29.08 22.51 -32.66
C HIS C 47 -28.71 21.08 -32.28
N TYR C 48 -28.53 20.82 -30.99
CA TYR C 48 -28.22 19.49 -30.48
C TYR C 48 -29.08 19.26 -29.25
N SER C 49 -28.97 18.08 -28.65
CA SER C 49 -29.77 17.73 -27.51
C SER C 49 -29.08 16.69 -26.66
N TYR C 50 -29.20 16.83 -25.34
CA TYR C 50 -28.60 15.92 -24.37
C TYR C 50 -29.57 14.82 -23.97
N GLY C 51 -30.71 14.77 -24.62
CA GLY C 51 -31.69 13.75 -24.28
C GLY C 51 -33.09 14.23 -24.53
N ALA C 52 -34.05 13.31 -24.42
CA ALA C 52 -35.45 13.61 -24.63
C ALA C 52 -35.85 14.80 -23.80
N GLY C 53 -36.25 15.88 -24.45
CA GLY C 53 -36.69 17.07 -23.74
C GLY C 53 -35.59 18.13 -23.71
N SER C 54 -34.42 17.77 -24.23
CA SER C 54 -33.31 18.70 -24.25
C SER C 54 -33.16 19.31 -25.64
N THR C 55 -32.77 20.59 -25.68
CA THR C 55 -32.54 21.29 -26.94
C THR C 55 -31.73 22.52 -26.65
N GLU C 56 -30.66 22.70 -27.42
CA GLU C 56 -29.83 23.86 -27.24
C GLU C 56 -29.18 24.33 -28.53
N LYS C 57 -29.31 25.63 -28.75
CA LYS C 57 -28.80 26.29 -29.93
C LYS C 57 -27.34 25.96 -30.21
N GLY C 58 -27.03 25.78 -31.49
CA GLY C 58 -25.68 25.48 -31.93
C GLY C 58 -24.92 26.75 -32.29
N ASP C 59 -24.10 26.66 -33.32
CA ASP C 59 -23.30 27.78 -33.78
C ASP C 59 -24.10 28.69 -34.69
N ILE C 60 -25.15 28.14 -35.30
CA ILE C 60 -26.00 28.89 -36.21
C ILE C 60 -27.48 28.55 -36.04
N PRO C 61 -28.00 28.76 -34.83
CA PRO C 61 -29.40 28.46 -34.52
C PRO C 61 -30.44 29.32 -35.23
N ASP C 62 -30.10 30.58 -35.44
CA ASP C 62 -31.01 31.54 -36.08
C ASP C 62 -31.78 31.05 -37.29
N GLY C 63 -33.09 31.09 -37.18
CA GLY C 63 -33.96 30.69 -38.25
C GLY C 63 -34.50 29.30 -38.07
N TYR C 64 -33.93 28.52 -37.07
CA TYR C 64 -34.36 27.15 -36.85
C TYR C 64 -34.82 26.93 -35.43
N LYS C 65 -35.56 25.85 -35.23
CA LYS C 65 -36.04 25.45 -33.92
C LYS C 65 -35.89 23.94 -33.88
N ALA C 66 -35.98 23.37 -32.68
CA ALA C 66 -35.86 21.94 -32.55
C ALA C 66 -36.71 21.41 -31.41
N SER C 67 -37.02 20.13 -31.48
CA SER C 67 -37.79 19.45 -30.44
C SER C 67 -37.26 18.04 -30.27
N ARG C 68 -37.06 17.63 -29.03
CA ARG C 68 -36.57 16.29 -28.74
C ARG C 68 -37.61 15.49 -27.96
N PRO C 69 -38.68 15.10 -28.66
CA PRO C 69 -39.84 14.36 -28.12
C PRO C 69 -39.46 13.11 -27.34
N SER C 70 -38.48 12.39 -27.85
CA SER C 70 -38.04 11.17 -27.20
C SER C 70 -36.63 10.83 -27.65
N GLN C 71 -36.05 9.82 -27.02
CA GLN C 71 -34.71 9.36 -27.33
C GLN C 71 -34.53 9.15 -28.83
N GLU C 72 -35.47 8.42 -29.43
CA GLU C 72 -35.37 8.06 -30.84
C GLU C 72 -35.32 9.18 -31.86
N ASN C 73 -35.96 10.31 -31.61
CA ASN C 73 -35.96 11.34 -32.64
C ASN C 73 -35.79 12.79 -32.20
N PHE C 74 -35.20 13.57 -33.11
CA PHE C 74 -34.85 14.97 -32.93
C PHE C 74 -35.21 15.74 -34.20
N SER C 75 -36.13 16.70 -34.12
CA SER C 75 -36.57 17.44 -35.30
C SER C 75 -36.06 18.87 -35.40
N LEU C 76 -35.84 19.32 -36.63
CA LEU C 76 -35.41 20.68 -36.89
C LEU C 76 -36.59 21.40 -37.57
N ILE C 77 -37.23 22.33 -36.86
CA ILE C 77 -38.38 23.02 -37.46
C ILE C 77 -37.98 24.33 -38.16
N LEU C 78 -38.59 24.56 -39.33
CA LEU C 78 -38.35 25.79 -40.09
C LEU C 78 -39.66 26.56 -40.27
N GLU C 79 -40.25 27.03 -39.17
CA GLU C 79 -41.53 27.76 -39.24
C GLU C 79 -41.66 28.79 -40.34
N LEU C 80 -40.57 29.42 -40.74
CA LEU C 80 -40.59 30.42 -41.80
C LEU C 80 -39.31 30.27 -42.61
N ALA C 81 -39.38 29.50 -43.69
CA ALA C 81 -38.21 29.24 -44.54
C ALA C 81 -37.75 30.44 -45.36
N THR C 82 -36.43 30.61 -45.46
CA THR C 82 -35.84 31.66 -46.26
C THR C 82 -34.88 30.97 -47.22
N PRO C 83 -34.74 31.47 -48.45
CA PRO C 83 -33.84 30.83 -49.41
C PRO C 83 -32.42 30.64 -48.89
N SER C 84 -32.04 31.35 -47.84
CA SER C 84 -30.72 31.20 -47.25
C SER C 84 -30.54 29.81 -46.69
N GLN C 85 -31.66 29.18 -46.33
CA GLN C 85 -31.64 27.85 -45.73
C GLN C 85 -31.62 26.69 -46.72
N THR C 86 -31.49 27.01 -48.01
CA THR C 86 -31.36 25.96 -49.01
C THR C 86 -30.04 25.28 -48.71
N SER C 87 -30.05 23.96 -48.56
CA SER C 87 -28.82 23.26 -48.22
C SER C 87 -29.07 21.78 -47.99
N VAL C 88 -28.04 21.09 -47.50
CA VAL C 88 -28.12 19.68 -47.17
C VAL C 88 -27.98 19.58 -45.67
N TYR C 89 -28.93 18.95 -45.00
CA TYR C 89 -28.91 18.84 -43.55
C TYR C 89 -28.65 17.41 -43.09
N PHE C 90 -27.90 17.27 -42.01
CA PHE C 90 -27.59 15.95 -41.46
C PHE C 90 -27.74 15.96 -39.97
N CYS C 91 -28.38 14.93 -39.43
CA CYS C 91 -28.46 14.79 -37.99
C CYS C 91 -27.51 13.68 -37.66
N ALA C 92 -26.97 13.73 -36.46
CA ALA C 92 -26.05 12.71 -36.01
C ALA C 92 -26.46 12.37 -34.60
N SER C 93 -26.21 11.14 -34.19
CA SER C 93 -26.48 10.78 -32.83
C SER C 93 -25.07 10.63 -32.30
N GLY C 94 -24.86 10.81 -31.00
CA GLY C 94 -23.51 10.65 -30.51
C GLY C 94 -23.51 10.10 -29.11
N GLY C 95 -22.44 9.42 -28.75
CA GLY C 95 -22.34 8.85 -27.42
C GLY C 95 -21.33 9.52 -26.53
N GLY C 96 -21.04 10.80 -26.77
CA GLY C 96 -20.05 11.49 -25.95
C GLY C 96 -18.77 11.76 -26.70
N GLY C 97 -18.46 10.91 -27.68
CA GLY C 97 -17.24 11.07 -28.47
C GLY C 97 -17.55 11.21 -29.94
N THR C 98 -17.49 10.07 -30.70
CA THR C 98 -17.69 10.10 -32.14
C THR C 98 -19.17 10.09 -32.53
N LEU C 99 -19.52 10.87 -33.55
CA LEU C 99 -20.89 10.95 -34.05
C LEU C 99 -21.18 10.06 -35.26
N TYR C 100 -22.45 9.65 -35.37
CA TYR C 100 -22.93 8.82 -36.46
C TYR C 100 -23.92 9.66 -37.27
N PHE C 101 -23.73 9.76 -38.59
CA PHE C 101 -24.60 10.60 -39.41
C PHE C 101 -25.63 9.86 -40.24
N GLY C 102 -26.75 10.53 -40.46
CA GLY C 102 -27.80 10.00 -41.30
C GLY C 102 -27.34 10.30 -42.71
N ALA C 103 -28.11 9.92 -43.72
CA ALA C 103 -27.68 10.16 -45.10
C ALA C 103 -27.98 11.54 -45.70
N GLY C 104 -28.51 12.47 -44.91
CA GLY C 104 -28.74 13.82 -45.40
C GLY C 104 -30.12 14.11 -45.97
N THR C 105 -30.39 15.39 -46.17
CA THR C 105 -31.67 15.83 -46.72
C THR C 105 -31.47 17.07 -47.55
N ARG C 106 -31.63 16.98 -48.87
CA ARG C 106 -31.52 18.16 -49.71
C ARG C 106 -32.77 19.01 -49.50
N LEU C 107 -32.58 20.31 -49.32
CA LEU C 107 -33.71 21.21 -49.14
C LEU C 107 -33.51 22.42 -50.03
N SER C 108 -34.52 22.77 -50.80
CA SER C 108 -34.42 23.95 -51.64
C SER C 108 -35.52 24.94 -51.29
N VAL C 109 -35.12 26.15 -50.93
CA VAL C 109 -36.10 27.17 -50.61
C VAL C 109 -36.20 28.11 -51.80
N LEU C 110 -37.45 28.11 -52.45
CA LEU C 110 -37.60 28.94 -53.63
C LEU C 110 -38.46 30.16 -53.38
N GLU C 111 -38.14 31.24 -54.09
CA GLU C 111 -38.84 32.50 -54.01
C GLU C 111 -40.13 32.43 -54.80
N ASP C 112 -40.21 31.41 -55.65
CA ASP C 112 -41.37 31.16 -56.50
C ASP C 112 -41.49 29.65 -56.59
N LEU C 113 -42.70 29.13 -56.82
CA LEU C 113 -42.87 27.69 -56.90
C LEU C 113 -43.22 27.21 -58.30
N ARG C 114 -43.15 28.11 -59.26
CA ARG C 114 -43.51 27.78 -60.64
C ARG C 114 -42.32 27.62 -61.58
N ASN C 115 -41.12 27.81 -61.07
CA ASN C 115 -39.93 27.64 -61.89
C ASN C 115 -39.52 26.17 -61.92
N VAL C 116 -40.02 25.41 -60.94
CA VAL C 116 -39.75 23.99 -60.80
C VAL C 116 -40.16 23.28 -62.09
N THR C 117 -39.44 22.22 -62.46
CA THR C 117 -39.78 21.51 -63.70
C THR C 117 -39.14 20.13 -63.79
N PRO C 118 -39.91 19.14 -64.25
CA PRO C 118 -39.40 17.78 -64.41
C PRO C 118 -38.31 17.71 -65.47
N PRO C 119 -37.51 16.65 -65.47
CA PRO C 119 -36.47 16.53 -66.48
C PRO C 119 -36.87 15.89 -67.78
N LYS C 120 -36.21 16.31 -68.84
CA LYS C 120 -36.38 15.75 -70.16
C LYS C 120 -35.17 14.83 -70.25
N VAL C 121 -35.37 13.54 -70.44
CA VAL C 121 -34.23 12.65 -70.55
C VAL C 121 -34.29 11.94 -71.89
N SER C 122 -33.13 11.82 -72.53
CA SER C 122 -33.02 11.16 -73.82
C SER C 122 -31.78 10.28 -73.79
N LEU C 123 -31.83 9.17 -74.51
CA LEU C 123 -30.72 8.22 -74.53
C LEU C 123 -29.99 8.26 -75.87
N PHE C 124 -28.74 8.72 -75.85
CA PHE C 124 -27.91 8.79 -77.04
C PHE C 124 -27.25 7.45 -77.20
N GLU C 125 -27.36 6.87 -78.39
CA GLU C 125 -26.81 5.56 -78.66
C GLU C 125 -25.32 5.64 -78.99
N PRO C 126 -24.61 4.53 -78.90
CA PRO C 126 -23.17 4.51 -79.19
C PRO C 126 -22.81 4.60 -80.66
N SER C 127 -21.82 5.43 -80.97
CA SER C 127 -21.34 5.60 -82.32
C SER C 127 -20.75 4.25 -82.72
N LYS C 128 -20.81 3.92 -84.00
CA LYS C 128 -20.29 2.65 -84.48
C LYS C 128 -18.77 2.65 -84.57
N ALA C 129 -18.19 3.85 -84.60
CA ALA C 129 -16.75 3.97 -84.63
C ALA C 129 -16.21 3.38 -83.33
N GLU C 130 -16.72 3.87 -82.19
CA GLU C 130 -16.29 3.37 -80.89
C GLU C 130 -16.41 1.85 -80.88
N ILE C 131 -17.61 1.39 -81.14
CA ILE C 131 -17.93 -0.04 -81.15
C ILE C 131 -17.10 -0.86 -82.14
N ALA C 132 -16.70 -0.23 -83.23
CA ALA C 132 -15.95 -0.93 -84.27
C ALA C 132 -14.54 -1.32 -83.88
N ASN C 133 -13.72 -0.31 -83.59
CA ASN C 133 -12.31 -0.53 -83.26
C ASN C 133 -11.97 -0.77 -81.79
N LYS C 134 -12.91 -0.50 -80.89
CA LYS C 134 -12.65 -0.71 -79.46
C LYS C 134 -13.52 -1.80 -78.85
N GLN C 135 -14.42 -2.37 -79.63
CA GLN C 135 -15.29 -3.43 -79.16
C GLN C 135 -16.01 -3.03 -77.87
N LYS C 136 -16.25 -1.73 -77.69
CA LYS C 136 -16.96 -1.24 -76.51
C LYS C 136 -18.08 -0.33 -76.97
N ALA C 137 -19.05 -0.09 -76.09
CA ALA C 137 -20.18 0.76 -76.42
C ALA C 137 -20.50 1.71 -75.29
N THR C 138 -20.42 3.01 -75.54
CA THR C 138 -20.76 3.97 -74.50
C THR C 138 -22.14 4.54 -74.75
N LEU C 139 -23.14 4.10 -73.98
CA LEU C 139 -24.45 4.66 -74.11
C LEU C 139 -24.38 5.91 -73.25
N VAL C 140 -25.03 6.98 -73.66
CA VAL C 140 -24.97 8.19 -72.87
C VAL C 140 -26.35 8.75 -72.53
N CYS C 141 -26.62 8.86 -71.22
CA CYS C 141 -27.87 9.40 -70.76
C CYS C 141 -27.69 10.84 -70.38
N LEU C 142 -28.59 11.66 -70.88
CA LEU C 142 -28.53 13.08 -70.63
C LEU C 142 -29.88 13.56 -70.13
N ALA C 143 -29.86 14.31 -69.03
CA ALA C 143 -31.10 14.84 -68.44
C ALA C 143 -31.03 16.34 -68.48
N ARG C 144 -31.99 16.95 -69.16
CA ARG C 144 -32.05 18.40 -69.29
C ARG C 144 -33.38 18.93 -68.82
N GLY C 145 -33.43 20.24 -68.53
CA GLY C 145 -34.67 20.91 -68.16
C GLY C 145 -35.26 20.90 -66.77
N PHE C 146 -34.72 20.13 -65.83
CA PHE C 146 -35.27 20.11 -64.48
C PHE C 146 -34.71 21.28 -63.69
N PHE C 147 -35.48 21.80 -62.74
CA PHE C 147 -34.95 22.90 -61.94
C PHE C 147 -34.45 22.42 -60.58
N PRO C 148 -35.24 22.50 -59.51
CA PRO C 148 -34.65 22.11 -58.24
C PRO C 148 -33.87 20.81 -58.52
N ASP C 149 -32.54 20.90 -58.47
CA ASP C 149 -31.64 19.78 -58.78
C ASP C 149 -31.64 18.59 -57.82
N HIS C 150 -32.82 18.11 -57.44
CA HIS C 150 -32.91 16.95 -56.58
C HIS C 150 -33.25 15.76 -57.46
N VAL C 151 -32.24 15.24 -58.16
CA VAL C 151 -32.45 14.11 -59.04
C VAL C 151 -31.44 12.98 -58.80
N GLU C 152 -31.85 11.77 -59.16
CA GLU C 152 -31.00 10.60 -59.04
C GLU C 152 -31.05 9.85 -60.37
N LEU C 153 -29.89 9.70 -61.00
CA LEU C 153 -29.79 9.02 -62.27
C LEU C 153 -29.40 7.58 -62.01
N SER C 154 -30.14 6.65 -62.58
CA SER C 154 -29.81 5.23 -62.47
C SER C 154 -29.86 4.56 -63.85
N TRP C 155 -29.23 3.39 -63.98
CA TRP C 155 -29.23 2.63 -65.22
C TRP C 155 -29.85 1.26 -64.99
N TRP C 156 -30.69 0.82 -65.93
CA TRP C 156 -31.34 -0.50 -65.83
C TRP C 156 -31.16 -1.31 -67.09
N VAL C 157 -30.53 -2.48 -66.93
CA VAL C 157 -30.25 -3.38 -68.04
C VAL C 157 -31.08 -4.66 -67.85
N ASN C 158 -31.92 -4.96 -68.82
CA ASN C 158 -32.78 -6.13 -68.75
C ASN C 158 -33.45 -6.17 -67.39
N GLY C 159 -34.13 -5.08 -67.05
CA GLY C 159 -34.85 -4.96 -65.80
C GLY C 159 -34.11 -4.78 -64.47
N LYS C 160 -32.78 -4.99 -64.43
CA LYS C 160 -32.01 -4.87 -63.18
C LYS C 160 -31.05 -3.67 -63.15
N GLU C 161 -30.99 -2.98 -62.01
CA GLU C 161 -30.09 -1.84 -61.91
C GLU C 161 -28.64 -2.30 -62.07
N VAL C 162 -27.87 -1.58 -62.86
CA VAL C 162 -26.47 -1.94 -63.09
C VAL C 162 -25.58 -0.84 -62.51
N HIS C 163 -24.39 -1.21 -62.06
CA HIS C 163 -23.46 -0.24 -61.47
C HIS C 163 -22.14 -0.24 -62.21
N SER C 164 -21.64 -1.43 -62.50
CA SER C 164 -20.41 -1.59 -63.24
C SER C 164 -20.56 -0.97 -64.62
N GLY C 165 -19.58 -0.19 -65.04
CA GLY C 165 -19.63 0.43 -66.35
C GLY C 165 -20.44 1.71 -66.36
N VAL C 166 -20.77 2.20 -65.17
CA VAL C 166 -21.56 3.42 -65.00
C VAL C 166 -20.78 4.54 -64.31
N SER C 167 -20.88 5.75 -64.88
CA SER C 167 -20.22 6.93 -64.36
C SER C 167 -21.17 8.09 -64.57
N THR C 168 -21.64 8.67 -63.47
CA THR C 168 -22.61 9.74 -63.52
C THR C 168 -22.04 11.03 -62.93
N ASP C 169 -22.24 12.15 -63.62
CA ASP C 169 -21.78 13.45 -63.12
C ASP C 169 -22.09 13.47 -61.65
N PRO C 170 -21.19 13.97 -60.81
CA PRO C 170 -21.54 13.99 -59.39
C PRO C 170 -22.60 15.05 -59.11
N GLN C 171 -22.27 16.31 -59.41
CA GLN C 171 -23.17 17.43 -59.19
C GLN C 171 -23.93 17.76 -60.47
N ALA C 172 -25.13 18.30 -60.33
CA ALA C 172 -25.89 18.66 -61.50
C ALA C 172 -25.33 19.98 -61.98
N TYR C 173 -25.39 20.22 -63.28
CA TYR C 173 -24.87 21.46 -63.84
C TYR C 173 -26.03 22.42 -64.08
N LYS C 174 -25.71 23.67 -64.39
CA LYS C 174 -26.73 24.68 -64.62
C LYS C 174 -26.59 25.26 -66.02
N GLU C 175 -27.59 25.04 -66.86
CA GLU C 175 -27.57 25.57 -68.22
C GLU C 175 -28.06 27.01 -68.16
N SER C 176 -29.36 27.17 -68.00
CA SER C 176 -29.94 28.51 -67.89
C SER C 176 -29.91 28.85 -66.41
N ASN C 177 -30.90 29.68 -65.93
CA ASN C 177 -30.90 30.10 -64.53
C ASN C 177 -31.89 29.30 -63.69
N TYR C 178 -32.82 28.61 -64.35
CA TYR C 178 -33.80 27.78 -63.66
C TYR C 178 -33.85 26.44 -64.34
N SER C 179 -32.67 26.01 -64.90
CA SER C 179 -32.61 24.75 -65.63
C SER C 179 -31.29 24.06 -65.34
N TYR C 180 -31.36 22.80 -64.92
CA TYR C 180 -30.17 22.01 -64.64
C TYR C 180 -30.05 20.84 -65.61
N CYS C 181 -28.81 20.40 -65.86
CA CYS C 181 -28.56 19.26 -66.74
C CYS C 181 -27.61 18.32 -66.04
N LEU C 182 -27.71 17.03 -66.37
CA LEU C 182 -26.91 15.98 -65.76
C LEU C 182 -26.77 14.87 -66.78
N SER C 183 -25.58 14.29 -66.90
CA SER C 183 -25.39 13.22 -67.87
C SER C 183 -24.74 12.00 -67.24
N SER C 184 -24.82 10.88 -67.95
CA SER C 184 -24.23 9.66 -67.48
C SER C 184 -23.84 8.75 -68.63
N ARG C 185 -22.85 7.92 -68.36
CA ARG C 185 -22.35 6.97 -69.33
C ARG C 185 -22.60 5.57 -68.84
N LEU C 186 -22.71 4.65 -69.77
CA LEU C 186 -22.88 3.25 -69.45
C LEU C 186 -22.17 2.54 -70.57
N ARG C 187 -21.04 1.94 -70.24
CA ARG C 187 -20.24 1.25 -71.24
C ARG C 187 -20.31 -0.26 -71.06
N VAL C 188 -20.47 -0.95 -72.18
CA VAL C 188 -20.54 -2.40 -72.22
C VAL C 188 -19.80 -2.84 -73.48
N SER C 189 -19.61 -4.14 -73.63
CA SER C 189 -18.92 -4.66 -74.79
C SER C 189 -19.75 -4.34 -76.02
N ALA C 190 -19.25 -4.66 -77.19
CA ALA C 190 -19.97 -4.44 -78.44
C ALA C 190 -20.97 -5.59 -78.57
N THR C 191 -20.53 -6.77 -78.13
CA THR C 191 -21.33 -7.97 -78.17
C THR C 191 -22.62 -7.77 -77.39
N PHE C 192 -22.45 -7.33 -76.15
CA PHE C 192 -23.59 -7.11 -75.28
C PHE C 192 -24.56 -6.11 -75.91
N TRP C 193 -24.02 -5.15 -76.65
CA TRP C 193 -24.83 -4.13 -77.30
C TRP C 193 -25.54 -4.63 -78.56
N HIS C 194 -24.79 -5.15 -79.52
CA HIS C 194 -25.41 -5.63 -80.75
C HIS C 194 -26.44 -6.69 -80.46
N ASN C 195 -26.42 -7.23 -79.24
CA ASN C 195 -27.37 -8.26 -78.85
C ASN C 195 -28.76 -7.65 -78.63
N PRO C 196 -29.63 -7.74 -79.62
CA PRO C 196 -30.96 -7.13 -79.57
C PRO C 196 -31.80 -7.74 -78.45
N ARG C 197 -31.23 -8.73 -77.77
CA ARG C 197 -31.91 -9.38 -76.65
C ARG C 197 -31.77 -8.49 -75.41
N ASN C 198 -30.77 -7.62 -75.41
CA ASN C 198 -30.55 -6.74 -74.28
C ASN C 198 -31.30 -5.42 -74.37
N HIS C 199 -31.90 -5.05 -73.24
CA HIS C 199 -32.67 -3.82 -73.11
C HIS C 199 -31.94 -2.90 -72.15
N PHE C 200 -31.86 -1.62 -72.48
CA PHE C 200 -31.20 -0.67 -71.63
C PHE C 200 -32.14 0.47 -71.34
N ARG C 201 -32.04 1.01 -70.14
CA ARG C 201 -32.91 2.09 -69.76
C ARG C 201 -32.24 3.03 -68.78
N CYS C 202 -32.37 4.32 -69.06
CA CYS C 202 -31.84 5.34 -68.20
C CYS C 202 -33.05 5.92 -67.49
N GLN C 203 -32.93 6.05 -66.18
CA GLN C 203 -34.00 6.58 -65.36
C GLN C 203 -33.49 7.77 -64.56
N VAL C 204 -34.36 8.76 -64.38
CA VAL C 204 -33.98 9.92 -63.63
C VAL C 204 -35.06 10.31 -62.67
N GLN C 205 -34.95 9.85 -61.43
CA GLN C 205 -35.95 10.19 -60.46
C GLN C 205 -35.80 11.66 -60.10
N PHE C 206 -36.87 12.42 -60.34
CA PHE C 206 -36.90 13.84 -60.07
C PHE C 206 -37.70 14.13 -58.81
N HIS C 207 -37.09 14.83 -57.86
CA HIS C 207 -37.77 15.18 -56.62
C HIS C 207 -38.33 16.57 -56.69
N GLY C 208 -39.66 16.67 -56.70
CA GLY C 208 -40.31 17.96 -56.81
C GLY C 208 -41.49 18.18 -55.89
N LEU C 209 -42.52 18.80 -56.44
CA LEU C 209 -43.73 19.16 -55.70
C LEU C 209 -44.37 17.99 -54.94
N SER C 210 -44.72 18.27 -53.68
CA SER C 210 -45.36 17.31 -52.80
C SER C 210 -46.82 17.20 -53.21
N GLU C 211 -47.42 16.04 -52.97
CA GLU C 211 -48.82 15.83 -53.30
C GLU C 211 -49.67 16.83 -52.52
N GLU C 212 -49.22 17.15 -51.30
CA GLU C 212 -49.94 18.09 -50.45
C GLU C 212 -49.56 19.55 -50.79
N ASP C 213 -48.97 19.75 -51.96
CA ASP C 213 -48.62 21.09 -52.43
C ASP C 213 -49.64 21.48 -53.50
N LYS C 214 -49.94 22.77 -53.62
CA LYS C 214 -50.91 23.21 -54.61
C LYS C 214 -50.23 23.65 -55.90
N TRP C 215 -50.91 23.42 -57.01
CA TRP C 215 -50.42 23.81 -58.33
C TRP C 215 -51.56 24.57 -59.02
N PRO C 216 -51.25 25.69 -59.70
CA PRO C 216 -52.17 26.37 -60.60
C PRO C 216 -52.72 25.44 -61.62
N GLU C 217 -53.17 25.91 -62.77
CA GLU C 217 -53.87 24.93 -63.53
C GLU C 217 -53.86 25.04 -64.99
N GLY C 218 -53.89 23.84 -65.44
CA GLY C 218 -53.62 23.59 -66.77
C GLY C 218 -52.32 22.86 -66.52
N SER C 219 -51.22 23.54 -66.73
CA SER C 219 -49.94 22.86 -66.76
C SER C 219 -49.83 21.71 -65.75
N PRO C 220 -49.30 20.57 -66.17
CA PRO C 220 -49.15 19.42 -65.27
C PRO C 220 -48.38 19.78 -64.00
N LYS C 221 -48.57 18.98 -62.97
CA LYS C 221 -47.95 19.23 -61.67
C LYS C 221 -46.55 18.62 -61.52
N PRO C 222 -45.53 19.46 -61.35
CA PRO C 222 -44.15 19.01 -61.19
C PRO C 222 -43.90 18.25 -59.90
N VAL C 223 -44.64 17.16 -59.77
CA VAL C 223 -44.55 16.28 -58.61
C VAL C 223 -43.43 15.29 -58.84
N THR C 224 -42.94 14.71 -57.76
CA THR C 224 -41.89 13.72 -57.86
C THR C 224 -42.29 12.70 -58.90
N GLN C 225 -41.32 12.16 -59.62
CA GLN C 225 -41.61 11.19 -60.66
C GLN C 225 -40.33 10.70 -61.31
N ASN C 226 -40.40 9.53 -61.92
CA ASN C 226 -39.27 8.98 -62.66
C ASN C 226 -39.53 9.20 -64.13
N ILE C 227 -38.51 9.65 -64.85
CA ILE C 227 -38.59 9.84 -66.27
C ILE C 227 -37.49 9.00 -66.86
N SER C 228 -37.83 8.20 -67.85
CA SER C 228 -36.84 7.32 -68.45
C SER C 228 -36.77 7.41 -69.96
N ALA C 229 -35.73 6.79 -70.50
CA ALA C 229 -35.51 6.70 -71.93
C ALA C 229 -34.84 5.34 -72.13
N GLU C 230 -35.16 4.67 -73.22
CA GLU C 230 -34.65 3.35 -73.47
C GLU C 230 -34.09 3.14 -74.86
N ALA C 231 -33.28 2.09 -74.99
CA ALA C 231 -32.69 1.71 -76.25
C ALA C 231 -32.60 0.21 -76.18
N TRP C 232 -32.70 -0.42 -77.34
CA TRP C 232 -32.62 -1.86 -77.40
C TRP C 232 -31.35 -2.19 -78.15
N GLY C 233 -30.66 -3.26 -77.75
CA GLY C 233 -29.46 -3.66 -78.43
C GLY C 233 -29.80 -3.87 -79.89
N ARG C 234 -28.81 -3.88 -80.77
CA ARG C 234 -29.09 -4.07 -82.21
C ARG C 234 -27.90 -4.57 -83.00
N ALA C 235 -28.17 -5.15 -84.16
CA ALA C 235 -27.12 -5.66 -85.03
C ALA C 235 -26.45 -4.52 -85.76
N ASP C 236 -25.19 -4.72 -86.14
CA ASP C 236 -24.49 -3.70 -86.87
C ASP C 236 -24.52 -4.08 -88.35
N CYS C 237 -25.43 -3.45 -89.10
CA CYS C 237 -25.56 -3.70 -90.53
C CYS C 237 -24.69 -2.72 -91.31
N GLU D 1 5.01 -28.80 37.65
CA GLU D 1 6.33 -29.16 38.23
C GLU D 1 7.49 -28.80 37.30
N ALA D 2 7.62 -27.51 37.02
CA ALA D 2 8.71 -26.98 36.22
C ALA D 2 9.67 -26.26 37.15
N ALA D 3 10.91 -26.76 37.22
CA ALA D 3 11.91 -26.17 38.09
C ALA D 3 13.31 -26.71 37.80
N VAL D 4 14.17 -26.62 38.80
CA VAL D 4 15.56 -27.09 38.70
C VAL D 4 15.91 -27.91 39.94
N THR D 5 16.02 -29.24 39.76
CA THR D 5 16.35 -30.14 40.86
C THR D 5 17.79 -29.94 41.32
N GLN D 6 18.02 -30.00 42.63
CA GLN D 6 19.36 -29.82 43.17
C GLN D 6 19.93 -31.03 43.92
N SER D 7 21.22 -31.28 43.69
CA SER D 7 21.95 -32.38 44.31
C SER D 7 23.43 -32.21 43.98
N PRO D 8 24.32 -32.07 44.98
CA PRO D 8 24.02 -32.00 46.42
C PRO D 8 23.76 -30.61 46.96
N ARG D 9 22.60 -30.43 47.60
CA ARG D 9 22.22 -29.16 48.18
C ARG D 9 23.24 -28.75 49.23
N ASN D 10 24.21 -29.64 49.47
CA ASN D 10 25.26 -29.42 50.45
C ASN D 10 26.33 -30.51 50.35
N LYS D 11 27.60 -30.09 50.31
CA LYS D 11 28.70 -31.05 50.24
C LYS D 11 30.00 -30.44 50.74
N VAL D 12 30.80 -31.27 51.43
CA VAL D 12 32.10 -30.86 51.93
C VAL D 12 33.16 -31.59 51.13
N ALA D 13 33.47 -31.07 49.95
CA ALA D 13 34.47 -31.68 49.07
C ALA D 13 35.80 -31.88 49.78
N VAL D 14 36.82 -32.23 48.99
CA VAL D 14 38.17 -32.44 49.49
C VAL D 14 39.04 -31.35 48.89
N THR D 15 40.34 -31.33 49.23
CA THR D 15 41.24 -30.33 48.65
C THR D 15 41.64 -30.80 47.28
N GLY D 16 40.90 -31.78 46.76
CA GLY D 16 41.16 -32.33 45.45
C GLY D 16 40.03 -33.25 45.02
N GLY D 17 39.17 -33.61 45.97
CA GLY D 17 38.07 -34.51 45.72
C GLY D 17 37.13 -34.10 44.60
N LYS D 18 36.91 -35.02 43.65
CA LYS D 18 36.03 -34.77 42.52
C LYS D 18 34.65 -34.40 43.05
N VAL D 19 34.04 -33.41 42.43
CA VAL D 19 32.70 -32.96 42.82
C VAL D 19 31.92 -32.45 41.61
N THR D 20 30.83 -33.14 41.29
CA THR D 20 29.97 -32.78 40.16
C THR D 20 28.56 -32.44 40.64
N LEU D 21 28.17 -31.18 40.46
CA LEU D 21 26.86 -30.69 40.89
C LEU D 21 25.76 -31.07 39.89
N SER D 22 24.90 -32.01 40.29
CA SER D 22 23.81 -32.50 39.44
C SER D 22 22.61 -31.56 39.31
N CYS D 23 22.74 -30.54 38.46
CA CYS D 23 21.65 -29.58 38.23
C CYS D 23 20.72 -30.07 37.12
N ASN D 24 19.49 -30.41 37.49
CA ASN D 24 18.49 -30.88 36.54
C ASN D 24 17.49 -29.80 36.14
N GLN D 25 16.40 -30.20 35.48
CA GLN D 25 15.38 -29.25 35.04
C GLN D 25 14.12 -29.96 34.52
N THR D 26 13.07 -29.17 34.28
CA THR D 26 11.79 -29.66 33.75
C THR D 26 11.04 -28.47 33.16
N ASN D 27 11.73 -27.65 32.37
CA ASN D 27 11.11 -26.44 31.82
C ASN D 27 11.23 -26.22 30.31
N ASN D 28 11.94 -27.10 29.61
CA ASN D 28 12.09 -26.97 28.16
C ASN D 28 13.06 -25.87 27.73
N HIS D 29 13.88 -25.37 28.66
CA HIS D 29 14.81 -24.29 28.34
C HIS D 29 16.15 -24.73 27.78
N ASN D 30 16.57 -24.05 26.73
CA ASN D 30 17.83 -24.35 26.06
C ASN D 30 18.98 -23.67 26.79
N ASN D 31 18.64 -22.76 27.69
CA ASN D 31 19.67 -22.03 28.42
C ASN D 31 19.83 -22.44 29.88
N MET D 32 21.09 -22.62 30.27
CA MET D 32 21.46 -23.01 31.62
C MET D 32 22.82 -22.41 31.95
N TYR D 33 22.99 -21.98 33.20
CA TYR D 33 24.22 -21.34 33.63
C TYR D 33 24.62 -21.74 35.04
N TRP D 34 25.86 -21.43 35.40
CA TRP D 34 26.39 -21.73 36.72
C TRP D 34 26.93 -20.46 37.34
N TYR D 35 26.62 -20.22 38.60
CA TYR D 35 27.11 -19.01 39.27
C TYR D 35 27.78 -19.28 40.62
N ARG D 36 28.38 -18.23 41.18
CA ARG D 36 29.06 -18.30 42.45
C ARG D 36 28.74 -17.05 43.26
N GLN D 37 27.49 -16.97 43.73
CA GLN D 37 27.05 -15.81 44.51
C GLN D 37 27.67 -15.80 45.90
N ASP D 38 28.13 -14.62 46.34
CA ASP D 38 28.71 -14.52 47.67
C ASP D 38 29.02 -13.10 48.14
N THR D 39 29.48 -13.00 49.38
CA THR D 39 29.81 -11.74 50.02
C THR D 39 31.00 -11.05 49.36
N GLY D 40 30.73 -10.04 48.55
CA GLY D 40 31.79 -9.31 47.88
C GLY D 40 31.41 -8.87 46.47
N HIS D 41 31.19 -9.84 45.59
CA HIS D 41 30.81 -9.56 44.21
C HIS D 41 29.44 -10.16 43.89
N GLY D 42 28.81 -10.75 44.90
CA GLY D 42 27.50 -11.34 44.72
C GLY D 42 27.55 -12.57 43.84
N LEU D 43 26.57 -12.68 42.95
CA LEU D 43 26.46 -13.82 42.04
C LEU D 43 27.34 -13.61 40.80
N ARG D 44 28.21 -14.59 40.53
CA ARG D 44 29.10 -14.55 39.38
C ARG D 44 28.91 -15.81 38.51
N LEU D 45 28.89 -15.63 37.19
CA LEU D 45 28.70 -16.73 36.25
C LEU D 45 29.94 -17.62 36.13
N ILE D 46 29.72 -18.92 35.95
CA ILE D 46 30.81 -19.89 35.82
C ILE D 46 30.91 -20.37 34.37
N HIS D 47 30.02 -21.27 33.99
CA HIS D 47 29.97 -21.80 32.64
C HIS D 47 28.51 -21.81 32.20
N TYR D 48 28.26 -21.64 30.91
CA TYR D 48 26.88 -21.67 30.42
C TYR D 48 26.72 -22.53 29.17
N SER D 49 25.47 -22.62 28.69
CA SER D 49 25.13 -23.44 27.53
C SER D 49 24.08 -22.76 26.63
N TYR D 50 23.95 -23.26 25.40
CA TYR D 50 22.96 -22.74 24.45
C TYR D 50 21.95 -23.79 24.06
N GLY D 51 21.82 -24.84 24.87
CA GLY D 51 20.87 -25.90 24.60
C GLY D 51 21.40 -27.28 24.89
N ALA D 52 21.04 -28.23 24.03
CA ALA D 52 21.47 -29.62 24.20
C ALA D 52 22.94 -29.82 23.83
N GLY D 53 23.75 -30.12 24.84
CA GLY D 53 25.17 -30.37 24.63
C GLY D 53 25.97 -29.15 24.20
N SER D 54 26.31 -28.29 25.15
CA SER D 54 27.08 -27.09 24.85
C SER D 54 27.65 -26.46 26.12
N THR D 55 28.84 -25.90 26.01
CA THR D 55 29.49 -25.26 27.16
C THR D 55 30.39 -24.12 26.72
N GLU D 56 30.02 -22.89 27.09
CA GLU D 56 30.81 -21.72 26.75
C GLU D 56 31.16 -20.92 28.02
N LYS D 57 32.23 -20.13 27.94
CA LYS D 57 32.68 -19.33 29.07
C LYS D 57 32.20 -17.88 28.92
N GLY D 58 31.95 -17.22 30.06
CA GLY D 58 31.49 -15.84 30.03
C GLY D 58 31.96 -14.98 31.18
N ASP D 59 32.35 -15.60 32.29
CA ASP D 59 32.82 -14.84 33.45
C ASP D 59 34.01 -15.50 34.17
N ILE D 60 33.72 -16.49 35.02
CA ILE D 60 34.76 -17.18 35.79
C ILE D 60 35.13 -18.55 35.22
N PRO D 61 36.19 -18.62 34.41
CA PRO D 61 36.61 -19.91 33.87
C PRO D 61 37.51 -20.71 34.81
N ASP D 62 38.74 -20.25 35.00
CA ASP D 62 39.74 -20.89 35.85
C ASP D 62 39.20 -21.56 37.10
N GLY D 63 39.68 -22.78 37.37
CA GLY D 63 39.28 -23.51 38.54
C GLY D 63 38.08 -24.42 38.36
N TYR D 64 37.14 -24.04 37.38
CA TYR D 64 35.94 -24.84 37.22
C TYR D 64 35.86 -25.47 35.85
N LYS D 65 34.88 -26.36 35.69
CA LYS D 65 34.66 -27.08 34.45
C LYS D 65 33.20 -27.53 34.42
N ALA D 66 32.55 -27.41 33.27
CA ALA D 66 31.14 -27.80 33.14
C ALA D 66 30.94 -28.93 32.16
N SER D 67 29.68 -29.32 31.96
CA SER D 67 29.34 -30.40 31.05
C SER D 67 27.83 -30.48 30.80
N ARG D 68 27.45 -30.48 29.53
CA ARG D 68 26.04 -30.55 29.13
C ARG D 68 25.70 -31.98 28.70
N PRO D 69 25.34 -32.86 29.64
CA PRO D 69 24.98 -34.24 29.31
C PRO D 69 23.63 -34.41 28.61
N SER D 70 22.91 -33.32 28.44
CA SER D 70 21.60 -33.33 27.78
C SER D 70 20.80 -32.09 28.15
N GLN D 71 19.66 -31.89 27.48
CA GLN D 71 18.79 -30.76 27.78
C GLN D 71 18.09 -31.08 29.09
N GLU D 72 18.15 -32.35 29.49
CA GLU D 72 17.55 -32.81 30.73
C GLU D 72 18.68 -32.90 31.75
N ASN D 73 19.61 -31.96 31.71
CA ASN D 73 20.74 -31.95 32.63
C ASN D 73 21.69 -30.76 32.44
N PHE D 74 22.70 -30.71 33.30
CA PHE D 74 23.71 -29.65 33.31
C PHE D 74 24.44 -29.70 34.64
N SER D 75 25.62 -30.34 34.66
CA SER D 75 26.40 -30.49 35.88
C SER D 75 27.83 -29.95 35.72
N LEU D 76 28.30 -29.20 36.72
CA LEU D 76 29.63 -28.59 36.70
C LEU D 76 30.66 -29.39 37.51
N ILE D 77 31.72 -29.84 36.84
CA ILE D 77 32.77 -30.65 37.47
C ILE D 77 33.99 -29.86 37.94
N LEU D 78 34.59 -30.32 39.03
CA LEU D 78 35.79 -29.69 39.59
C LEU D 78 36.44 -30.58 40.67
N GLU D 79 37.41 -31.40 40.27
CA GLU D 79 38.10 -32.30 41.19
C GLU D 79 38.95 -31.57 42.25
N LEU D 80 40.10 -31.08 41.83
CA LEU D 80 41.03 -30.37 42.70
C LEU D 80 40.50 -29.00 43.15
N ALA D 81 39.83 -28.98 44.30
CA ALA D 81 39.28 -27.74 44.84
C ALA D 81 40.37 -26.87 45.42
N THR D 82 40.14 -25.56 45.42
CA THR D 82 41.10 -24.59 45.95
C THR D 82 40.51 -23.86 47.15
N PRO D 83 41.35 -23.23 47.98
CA PRO D 83 40.83 -22.49 49.14
C PRO D 83 39.77 -21.47 48.75
N SER D 84 39.88 -20.94 47.54
CA SER D 84 38.94 -19.95 47.03
C SER D 84 37.70 -20.59 46.39
N GLN D 85 37.56 -21.90 46.53
CA GLN D 85 36.39 -22.60 45.98
C GLN D 85 35.25 -22.56 46.98
N THR D 86 35.51 -21.99 48.15
CA THR D 86 34.51 -21.88 49.20
C THR D 86 33.56 -20.74 48.88
N SER D 87 32.31 -21.08 48.58
CA SER D 87 31.29 -20.09 48.23
C SER D 87 29.94 -20.78 48.09
N VAL D 88 29.01 -20.12 47.41
CA VAL D 88 27.68 -20.69 47.17
C VAL D 88 27.40 -20.58 45.68
N TYR D 89 27.10 -21.73 45.07
CA TYR D 89 26.86 -21.78 43.63
C TYR D 89 25.39 -22.01 43.28
N PHE D 90 24.97 -21.46 42.15
CA PHE D 90 23.60 -21.60 41.68
C PHE D 90 23.64 -21.83 40.17
N CYS D 91 22.72 -22.66 39.68
CA CYS D 91 22.61 -22.93 38.26
C CYS D 91 21.33 -22.28 37.75
N ALA D 92 21.39 -21.69 36.55
CA ALA D 92 20.24 -21.01 35.97
C ALA D 92 19.64 -21.70 34.75
N SER D 93 18.43 -21.28 34.38
CA SER D 93 17.70 -21.80 33.24
C SER D 93 17.08 -20.61 32.51
N GLY D 94 16.47 -20.85 31.34
CA GLY D 94 15.84 -19.75 30.62
C GLY D 94 15.90 -19.83 29.10
N GLY D 95 15.37 -18.79 28.46
CA GLY D 95 15.34 -18.71 27.01
C GLY D 95 15.29 -17.26 26.56
N GLY D 96 16.39 -16.55 26.79
CA GLY D 96 16.46 -15.15 26.43
C GLY D 96 16.49 -14.32 27.70
N GLY D 97 15.48 -14.51 28.54
CA GLY D 97 15.39 -13.78 29.81
C GLY D 97 14.23 -14.23 30.68
N THR D 98 13.66 -15.47 30.39
CA THR D 98 12.54 -15.97 31.18
C THR D 98 12.95 -17.31 31.81
N LEU D 99 13.61 -17.22 32.96
CA LEU D 99 14.11 -18.40 33.67
C LEU D 99 13.06 -19.09 34.54
N TYR D 100 13.25 -20.39 34.74
CA TYR D 100 12.38 -21.21 35.57
C TYR D 100 13.23 -22.09 36.50
N PHE D 101 13.48 -21.60 37.70
CA PHE D 101 14.34 -22.29 38.67
C PHE D 101 13.70 -23.43 39.46
N GLY D 102 14.53 -24.04 40.30
CA GLY D 102 14.11 -25.14 41.16
C GLY D 102 14.85 -25.11 42.48
N ALA D 103 16.11 -24.70 42.44
CA ALA D 103 16.95 -24.62 43.66
C ALA D 103 18.42 -24.30 43.33
N GLY D 104 19.27 -24.43 44.35
CA GLY D 104 20.70 -24.18 44.21
C GLY D 104 21.46 -24.85 45.36
N THR D 105 22.79 -24.76 45.36
CA THR D 105 23.58 -25.39 46.43
C THR D 105 24.81 -24.61 46.85
N ARG D 106 25.70 -25.28 47.58
CA ARG D 106 26.93 -24.66 48.06
C ARG D 106 28.10 -25.63 48.23
N LEU D 107 29.32 -25.08 48.30
CA LEU D 107 30.54 -25.85 48.45
C LEU D 107 31.43 -25.36 49.60
N SER D 108 31.93 -26.31 50.38
CA SER D 108 32.79 -26.01 51.52
C SER D 108 34.06 -26.88 51.49
N VAL D 109 35.07 -26.44 50.74
CA VAL D 109 36.32 -27.18 50.61
C VAL D 109 37.34 -26.72 51.65
N LEU D 110 38.11 -27.72 52.22
CA LEU D 110 39.13 -27.44 53.21
C LEU D 110 40.14 -28.58 53.21
N GLU D 111 41.15 -28.49 54.07
CA GLU D 111 42.18 -29.52 54.16
C GLU D 111 41.89 -30.47 55.31
N ASP D 112 41.10 -30.01 56.28
CA ASP D 112 40.74 -30.82 57.44
C ASP D 112 39.36 -31.40 57.21
N LEU D 113 39.30 -32.66 56.79
CA LEU D 113 38.03 -33.34 56.57
C LEU D 113 37.67 -34.10 57.84
N ARG D 114 38.62 -34.11 58.77
CA ARG D 114 38.44 -34.78 60.05
C ARG D 114 38.14 -33.72 61.10
N ASN D 115 36.91 -33.20 61.00
CA ASN D 115 36.49 -32.05 61.82
C ASN D 115 35.01 -31.86 61.83
N VAL D 116 34.38 -32.51 60.91
CA VAL D 116 32.98 -32.41 60.83
C VAL D 116 32.38 -33.29 61.90
N THR D 117 32.10 -32.71 63.07
CA THR D 117 31.44 -33.47 64.14
C THR D 117 29.93 -33.23 64.14
N PRO D 118 29.17 -34.20 64.67
CA PRO D 118 27.71 -34.08 64.73
C PRO D 118 27.26 -32.78 65.40
N PRO D 119 26.05 -32.31 65.09
CA PRO D 119 25.54 -31.07 65.66
C PRO D 119 24.94 -31.26 67.05
N LYS D 120 25.46 -30.52 68.02
CA LYS D 120 24.97 -30.60 69.39
C LYS D 120 23.80 -29.64 69.58
N VAL D 121 22.62 -30.21 69.81
CA VAL D 121 21.41 -29.41 69.99
C VAL D 121 20.99 -29.29 71.45
N SER D 122 21.27 -28.14 72.06
CA SER D 122 20.89 -27.87 73.44
C SER D 122 19.44 -27.38 73.45
N LEU D 123 18.97 -26.88 74.59
CA LEU D 123 17.59 -26.40 74.68
C LEU D 123 17.26 -25.74 76.02
N PHE D 124 17.24 -24.42 76.04
CA PHE D 124 16.93 -23.66 77.25
C PHE D 124 15.41 -23.46 77.35
N GLU D 125 14.94 -22.93 78.48
CA GLU D 125 13.50 -22.69 78.67
C GLU D 125 13.23 -21.35 79.35
N PRO D 126 12.00 -20.85 79.21
CA PRO D 126 11.61 -19.54 79.76
C PRO D 126 11.80 -19.44 81.27
N SER D 127 11.87 -18.21 81.77
CA SER D 127 12.05 -17.94 83.18
C SER D 127 10.72 -18.13 83.92
N LYS D 128 10.67 -17.64 85.16
CA LYS D 128 9.46 -17.74 85.96
C LYS D 128 8.84 -16.36 86.12
N ALA D 129 9.32 -15.41 85.32
CA ALA D 129 8.82 -14.05 85.35
C ALA D 129 7.98 -13.76 84.11
N GLU D 130 7.97 -14.72 83.20
CA GLU D 130 7.22 -14.59 81.95
C GLU D 130 6.45 -15.87 81.68
N ILE D 131 5.84 -16.42 82.72
CA ILE D 131 5.08 -17.65 82.60
C ILE D 131 3.71 -17.46 83.26
N ALA D 132 3.30 -16.19 83.35
CA ALA D 132 2.01 -15.81 83.94
C ALA D 132 1.66 -14.36 83.60
N ASN D 133 2.57 -13.44 83.90
CA ASN D 133 2.40 -12.01 83.64
C ASN D 133 1.64 -11.65 82.36
N LYS D 134 1.85 -12.42 81.30
CA LYS D 134 1.21 -12.15 80.02
C LYS D 134 0.68 -13.39 79.34
N GLN D 135 0.70 -14.52 80.04
CA GLN D 135 0.22 -15.78 79.47
C GLN D 135 1.07 -16.18 78.27
N LYS D 136 2.19 -15.49 78.07
CA LYS D 136 3.09 -15.77 76.95
C LYS D 136 4.44 -16.28 77.46
N ALA D 137 5.17 -16.98 76.59
CA ALA D 137 6.48 -17.53 76.94
C ALA D 137 7.37 -17.72 75.72
N THR D 138 8.53 -17.06 75.73
CA THR D 138 9.48 -17.15 74.61
C THR D 138 10.59 -18.16 74.88
N LEU D 139 10.45 -19.37 74.33
CA LEU D 139 11.42 -20.44 74.48
C LEU D 139 12.49 -20.41 73.39
N VAL D 140 13.34 -21.44 73.33
CA VAL D 140 14.41 -21.50 72.34
C VAL D 140 15.08 -22.89 72.25
N CYS D 141 15.69 -23.17 71.10
CA CYS D 141 16.39 -24.42 70.88
C CYS D 141 17.71 -24.08 70.18
N LEU D 142 18.69 -24.99 70.23
CA LEU D 142 19.99 -24.72 69.61
C LEU D 142 20.40 -25.69 68.51
N ALA D 143 21.62 -25.50 68.02
CA ALA D 143 22.20 -26.31 66.96
C ALA D 143 23.62 -25.84 66.69
N ARG D 144 24.36 -25.58 67.78
CA ARG D 144 25.73 -25.10 67.68
C ARG D 144 26.68 -26.00 68.47
N GLY D 145 27.89 -26.16 67.96
CA GLY D 145 28.89 -26.97 68.62
C GLY D 145 29.33 -28.13 67.75
N PHE D 146 29.91 -27.80 66.60
CA PHE D 146 30.39 -28.80 65.65
C PHE D 146 31.14 -28.11 64.51
N PHE D 147 31.20 -28.73 63.34
CA PHE D 147 31.91 -28.11 62.23
C PHE D 147 31.09 -27.90 60.95
N PRO D 148 30.25 -28.87 60.56
CA PRO D 148 29.43 -28.68 59.35
C PRO D 148 28.40 -27.58 59.50
N ASP D 149 28.84 -26.35 59.23
CA ASP D 149 27.99 -25.15 59.34
C ASP D 149 26.81 -25.10 58.36
N HIS D 150 26.37 -26.25 57.88
CA HIS D 150 25.24 -26.31 56.96
C HIS D 150 24.03 -26.84 57.73
N VAL D 151 23.45 -26.00 58.58
CA VAL D 151 22.30 -26.42 59.41
C VAL D 151 21.22 -25.35 59.58
N GLU D 152 19.97 -25.83 59.65
CA GLU D 152 18.80 -24.96 59.84
C GLU D 152 17.83 -25.65 60.82
N LEU D 153 17.68 -25.08 62.01
CA LEU D 153 16.81 -25.65 63.05
C LEU D 153 15.33 -25.71 62.63
N SER D 154 14.50 -26.29 63.48
CA SER D 154 13.06 -26.43 63.21
C SER D 154 12.24 -26.73 64.46
N TRP D 155 10.95 -26.38 64.42
CA TRP D 155 10.03 -26.61 65.52
C TRP D 155 8.81 -27.41 65.07
N TRP D 156 8.76 -28.68 65.43
CA TRP D 156 7.65 -29.54 65.05
C TRP D 156 6.76 -29.80 66.25
N VAL D 157 5.49 -30.13 65.99
CA VAL D 157 4.53 -30.40 67.04
C VAL D 157 3.69 -31.63 66.71
N ASN D 158 3.59 -32.54 67.68
CA ASN D 158 2.82 -33.77 67.48
C ASN D 158 3.19 -34.39 66.12
N GLY D 159 2.27 -35.12 65.52
CA GLY D 159 2.52 -35.76 64.24
C GLY D 159 2.56 -34.83 63.03
N LYS D 160 2.11 -33.60 63.20
CA LYS D 160 2.12 -32.63 62.10
C LYS D 160 3.20 -31.58 62.34
N GLU D 161 3.18 -30.53 61.53
CA GLU D 161 4.16 -29.46 61.65
C GLU D 161 3.47 -28.12 61.81
N VAL D 162 3.85 -27.37 62.84
CA VAL D 162 3.29 -26.06 63.09
C VAL D 162 3.80 -25.08 62.04
N HIS D 163 3.11 -23.96 61.89
CA HIS D 163 3.50 -22.97 60.89
C HIS D 163 3.80 -21.59 61.48
N SER D 164 4.82 -21.53 62.35
CA SER D 164 5.24 -20.26 62.96
C SER D 164 6.31 -20.47 64.03
N GLY D 165 6.83 -19.36 64.54
CA GLY D 165 7.84 -19.41 65.58
C GLY D 165 9.25 -19.52 65.06
N VAL D 166 9.60 -20.69 64.54
CA VAL D 166 10.94 -20.98 64.01
C VAL D 166 11.67 -19.70 63.61
N SER D 167 12.59 -19.27 64.47
CA SER D 167 13.38 -18.06 64.20
C SER D 167 14.83 -18.45 63.98
N THR D 168 15.05 -19.40 63.08
CA THR D 168 16.38 -19.88 62.75
C THR D 168 17.20 -18.76 62.10
N ASP D 169 18.13 -18.19 62.86
CA ASP D 169 18.97 -17.10 62.36
C ASP D 169 19.45 -17.38 60.92
N PRO D 170 19.12 -16.48 60.00
CA PRO D 170 19.53 -16.62 58.60
C PRO D 170 21.02 -16.90 58.39
N GLN D 171 21.84 -16.68 59.41
CA GLN D 171 23.27 -16.94 59.30
C GLN D 171 23.91 -17.24 60.66
N ALA D 172 24.90 -18.14 60.64
CA ALA D 172 25.60 -18.57 61.86
C ALA D 172 26.81 -17.72 62.25
N TYR D 173 27.15 -17.80 63.53
CA TYR D 173 28.29 -17.07 64.09
C TYR D 173 29.47 -18.03 64.21
N LYS D 174 30.64 -17.51 64.59
CA LYS D 174 31.83 -18.35 64.70
C LYS D 174 32.63 -18.04 65.97
N GLU D 175 32.27 -18.71 67.07
CA GLU D 175 32.95 -18.51 68.35
C GLU D 175 34.31 -19.21 68.34
N SER D 176 34.33 -20.43 67.81
CA SER D 176 35.56 -21.21 67.73
C SER D 176 36.17 -21.00 66.34
N ASN D 177 37.21 -21.82 66.00
CA ASN D 177 37.85 -21.71 64.70
C ASN D 177 37.33 -22.82 63.78
N TYR D 178 36.51 -23.72 64.33
CA TYR D 178 35.95 -24.82 63.57
C TYR D 178 34.56 -25.20 64.07
N SER D 179 33.88 -24.25 64.81
CA SER D 179 32.53 -24.48 65.31
C SER D 179 31.73 -23.20 65.23
N TYR D 180 30.55 -23.30 64.64
CA TYR D 180 29.68 -22.14 64.45
C TYR D 180 28.44 -22.16 65.34
N CYS D 181 27.87 -20.98 65.57
CA CYS D 181 26.69 -20.82 66.42
C CYS D 181 25.44 -20.40 65.65
N LEU D 182 24.27 -20.69 66.22
CA LEU D 182 22.99 -20.36 65.61
C LEU D 182 21.88 -20.56 66.65
N SER D 183 20.75 -19.88 66.48
CA SER D 183 19.65 -19.99 67.44
C SER D 183 18.27 -19.72 66.83
N SER D 184 17.26 -20.45 67.31
CA SER D 184 15.88 -20.31 66.86
C SER D 184 14.97 -20.11 68.08
N ARG D 185 13.65 -20.13 67.88
CA ARG D 185 12.72 -19.96 69.00
C ARG D 185 11.23 -20.15 68.66
N LEU D 186 10.38 -19.98 69.67
CA LEU D 186 8.95 -20.15 69.55
C LEU D 186 8.23 -19.58 70.78
N ARG D 187 6.96 -19.23 70.63
CA ARG D 187 6.16 -18.68 71.74
C ARG D 187 4.98 -19.59 72.11
N VAL D 188 4.70 -19.71 73.40
CA VAL D 188 3.61 -20.55 73.89
C VAL D 188 2.64 -19.80 74.82
N SER D 189 1.39 -19.68 74.39
CA SER D 189 0.36 -18.98 75.15
C SER D 189 0.05 -19.67 76.48
N ALA D 190 -1.13 -19.34 77.03
CA ALA D 190 -1.57 -19.88 78.31
C ALA D 190 -1.80 -21.40 78.23
N THR D 191 -2.80 -21.80 77.45
CA THR D 191 -3.11 -23.22 77.27
C THR D 191 -2.13 -23.85 76.29
N PHE D 192 -0.87 -23.41 76.39
CA PHE D 192 0.20 -23.90 75.51
C PHE D 192 1.19 -24.75 76.30
N TRP D 193 2.20 -24.09 76.86
CA TRP D 193 3.25 -24.74 77.63
C TRP D 193 2.78 -25.10 79.04
N HIS D 194 1.76 -24.41 79.52
CA HIS D 194 1.21 -24.66 80.85
C HIS D 194 0.13 -25.72 80.75
N ASN D 195 -0.08 -26.21 79.54
CA ASN D 195 -1.08 -27.23 79.27
C ASN D 195 -0.58 -28.60 79.74
N PRO D 196 -1.26 -29.19 80.72
CA PRO D 196 -0.89 -30.51 81.26
C PRO D 196 -0.72 -31.62 80.24
N ARG D 197 -0.80 -31.29 78.95
CA ARG D 197 -0.62 -32.29 77.90
C ARG D 197 -0.50 -31.70 76.49
N ASN D 198 0.67 -31.90 75.89
CA ASN D 198 0.97 -31.43 74.55
C ASN D 198 2.31 -32.04 74.12
N HIS D 199 2.78 -31.70 72.92
CA HIS D 199 4.07 -32.24 72.44
C HIS D 199 4.87 -31.24 71.61
N PHE D 200 6.11 -31.01 72.00
CA PHE D 200 7.02 -30.11 71.30
C PHE D 200 8.11 -30.91 70.59
N ARG D 201 8.74 -30.30 69.59
CA ARG D 201 9.81 -30.97 68.83
C ARG D 201 10.79 -29.98 68.21
N CYS D 202 12.08 -30.27 68.32
CA CYS D 202 13.13 -29.43 67.73
C CYS D 202 14.10 -30.31 66.97
N GLN D 203 14.54 -29.86 65.80
CA GLN D 203 15.48 -30.65 64.99
C GLN D 203 16.57 -29.84 64.29
N VAL D 204 17.78 -30.42 64.24
CA VAL D 204 18.95 -29.80 63.61
C VAL D 204 19.28 -30.57 62.33
N GLN D 205 18.72 -30.12 61.22
CA GLN D 205 18.94 -30.74 59.93
C GLN D 205 20.43 -30.76 59.58
N PHE D 206 21.15 -31.71 60.17
CA PHE D 206 22.59 -31.86 59.96
C PHE D 206 22.92 -32.33 58.56
N HIS D 207 23.83 -31.61 57.89
CA HIS D 207 24.25 -31.96 56.55
C HIS D 207 25.67 -32.52 56.59
N GLY D 208 25.81 -33.84 56.65
CA GLY D 208 27.13 -34.44 56.74
C GLY D 208 27.61 -35.27 55.57
N LEU D 209 28.55 -36.15 55.86
CA LEU D 209 29.16 -37.04 54.87
C LEU D 209 28.17 -38.13 54.43
N SER D 210 28.25 -38.51 53.16
CA SER D 210 27.37 -39.53 52.60
C SER D 210 27.61 -40.86 53.31
N GLU D 211 26.68 -41.80 53.14
CA GLU D 211 26.79 -43.11 53.75
C GLU D 211 27.80 -43.95 52.96
N GLU D 212 28.67 -43.27 52.23
CA GLU D 212 29.69 -43.92 51.41
C GLU D 212 31.06 -43.28 51.62
N ASP D 213 31.28 -42.69 52.79
CA ASP D 213 32.56 -42.06 53.09
C ASP D 213 33.25 -42.83 54.22
N LYS D 214 34.51 -42.49 54.48
CA LYS D 214 35.27 -43.15 55.53
C LYS D 214 35.58 -42.19 56.68
N TRP D 215 36.11 -42.72 57.77
CA TRP D 215 36.45 -41.90 58.94
C TRP D 215 37.35 -42.70 59.90
N PRO D 216 38.62 -42.32 59.99
CA PRO D 216 39.60 -42.98 60.87
C PRO D 216 39.41 -42.69 62.36
N GLU D 217 40.36 -43.16 63.18
CA GLU D 217 40.32 -42.98 64.63
C GLU D 217 39.14 -43.71 65.25
N GLY D 218 38.84 -43.39 66.50
CA GLY D 218 37.70 -44.00 67.19
C GLY D 218 36.59 -43.00 67.39
N SER D 219 35.59 -43.05 66.51
CA SER D 219 34.44 -42.14 66.60
C SER D 219 33.51 -42.31 65.38
N PRO D 220 32.20 -42.42 65.63
CA PRO D 220 31.22 -42.57 64.56
C PRO D 220 31.30 -41.45 63.52
N LYS D 221 31.17 -41.80 62.25
CA LYS D 221 31.25 -40.82 61.18
C LYS D 221 29.96 -40.01 61.04
N PRO D 222 30.04 -38.69 61.21
CA PRO D 222 28.89 -37.80 61.07
C PRO D 222 28.25 -37.88 59.69
N VAL D 223 27.33 -38.82 59.52
CA VAL D 223 26.62 -38.99 58.27
C VAL D 223 25.56 -37.90 58.11
N THR D 224 24.54 -38.15 57.29
CA THR D 224 23.47 -37.18 57.08
C THR D 224 22.46 -37.28 58.23
N GLN D 225 22.97 -37.38 59.44
CA GLN D 225 22.14 -37.52 60.63
C GLN D 225 21.31 -36.28 60.93
N ASN D 226 20.46 -36.38 61.95
CA ASN D 226 19.58 -35.29 62.35
C ASN D 226 19.50 -35.23 63.88
N ILE D 227 20.59 -34.82 64.53
CA ILE D 227 20.60 -34.72 65.99
C ILE D 227 19.37 -33.92 66.44
N SER D 228 18.87 -34.19 67.64
CA SER D 228 17.67 -33.48 68.11
C SER D 228 17.52 -33.43 69.63
N ALA D 229 16.47 -32.73 70.06
CA ALA D 229 16.14 -32.56 71.48
C ALA D 229 14.67 -32.17 71.56
N GLU D 230 13.91 -32.82 72.44
CA GLU D 230 12.48 -32.54 72.56
C GLU D 230 12.01 -32.12 73.94
N ALA D 231 10.80 -31.59 73.99
CA ALA D 231 10.17 -31.15 75.23
C ALA D 231 8.85 -31.90 75.38
N TRP D 232 8.20 -31.75 76.52
CA TRP D 232 6.93 -32.43 76.77
C TRP D 232 5.93 -31.49 77.44
N GLY D 233 4.73 -31.99 77.69
CA GLY D 233 3.70 -31.20 78.33
C GLY D 233 3.63 -31.42 79.82
N ARG D 234 3.91 -30.37 80.59
CA ARG D 234 3.90 -30.44 82.05
C ARG D 234 2.58 -29.92 82.60
N ALA D 235 2.26 -30.30 83.84
CA ALA D 235 1.04 -29.87 84.50
C ALA D 235 1.25 -28.61 85.32
N ASP D 236 0.17 -27.89 85.57
CA ASP D 236 0.21 -26.64 86.33
C ASP D 236 0.82 -26.81 87.71
N CYS D 237 1.78 -25.94 88.03
CA CYS D 237 2.47 -25.95 89.32
C CYS D 237 3.30 -27.20 89.52
N GLY E 1 5.53 8.95 -3.18
CA GLY E 1 4.32 8.15 -2.84
C GLY E 1 3.25 8.22 -3.92
N PRO E 2 2.12 7.54 -3.71
CA PRO E 2 1.02 7.57 -4.67
C PRO E 2 0.23 8.88 -4.60
N HIS E 3 -0.19 9.41 -5.75
CA HIS E 3 -0.97 10.62 -5.81
C HIS E 3 -2.26 10.32 -6.55
N SER E 4 -3.27 11.16 -6.35
CA SER E 4 -4.54 10.99 -7.01
C SER E 4 -5.11 12.34 -7.45
N LEU E 5 -5.96 12.29 -8.48
CA LEU E 5 -6.66 13.43 -9.02
C LEU E 5 -8.09 12.95 -9.03
N ARG E 6 -9.00 13.71 -8.44
CA ARG E 6 -10.39 13.28 -8.35
C ARG E 6 -11.41 14.42 -8.33
N TYR E 7 -12.49 14.27 -9.08
CA TYR E 7 -13.56 15.27 -9.08
C TYR E 7 -14.80 14.68 -8.42
N PHE E 8 -15.38 15.43 -7.50
CA PHE E 8 -16.59 15.01 -6.82
C PHE E 8 -17.71 15.83 -7.43
N VAL E 9 -18.69 15.13 -8.01
CA VAL E 9 -19.79 15.76 -8.72
C VAL E 9 -21.15 15.52 -8.07
N THR E 10 -21.87 16.62 -7.85
CA THR E 10 -23.17 16.58 -7.20
C THR E 10 -24.25 17.33 -7.98
N ALA E 11 -25.42 16.72 -8.08
CA ALA E 11 -26.54 17.34 -8.75
C ALA E 11 -27.78 17.03 -7.95
N VAL E 12 -28.48 18.05 -7.48
CA VAL E 12 -29.68 17.80 -6.72
C VAL E 12 -30.80 18.61 -7.32
N SER E 13 -31.88 17.93 -7.69
CA SER E 13 -33.03 18.57 -8.30
C SER E 13 -33.88 19.23 -7.21
N ARG E 14 -34.36 20.43 -7.49
CA ARG E 14 -35.19 21.14 -6.53
C ARG E 14 -36.52 21.48 -7.19
N PRO E 15 -37.45 20.53 -7.24
CA PRO E 15 -38.76 20.71 -7.87
C PRO E 15 -39.49 21.91 -7.29
N GLY E 16 -40.08 22.71 -8.16
CA GLY E 16 -40.76 23.91 -7.73
C GLY E 16 -39.69 24.97 -7.50
N LEU E 17 -38.61 24.55 -6.86
CA LEU E 17 -37.47 25.42 -6.56
C LEU E 17 -36.69 25.83 -7.81
N GLY E 18 -36.99 25.22 -8.96
CA GLY E 18 -36.33 25.58 -10.21
C GLY E 18 -35.34 24.55 -10.74
N GLU E 19 -34.27 25.02 -11.41
CA GLU E 19 -33.24 24.14 -11.97
C GLU E 19 -32.29 23.59 -10.90
N PRO E 20 -31.82 22.35 -11.08
CA PRO E 20 -30.95 21.71 -10.10
C PRO E 20 -29.69 22.49 -9.74
N ARG E 21 -29.23 22.31 -8.51
CA ARG E 21 -28.00 22.93 -8.06
C ARG E 21 -26.93 21.95 -8.54
N TYR E 22 -25.93 22.45 -9.25
CA TYR E 22 -24.89 21.61 -9.81
C TYR E 22 -23.55 22.05 -9.23
N MET E 23 -22.68 21.11 -8.92
CA MET E 23 -21.40 21.47 -8.34
C MET E 23 -20.29 20.46 -8.67
N GLU E 24 -19.11 20.97 -9.00
CA GLU E 24 -17.95 20.15 -9.27
C GLU E 24 -16.82 20.57 -8.34
N VAL E 25 -16.21 19.60 -7.66
CA VAL E 25 -15.10 19.86 -6.76
C VAL E 25 -13.95 18.92 -7.08
N GLY E 26 -12.77 19.47 -7.37
CA GLY E 26 -11.60 18.66 -7.73
C GLY E 26 -10.62 18.53 -6.58
N TYR E 27 -9.95 17.39 -6.48
CA TYR E 27 -9.00 17.14 -5.39
C TYR E 27 -7.73 16.52 -5.88
N VAL E 28 -6.60 17.05 -5.41
CA VAL E 28 -5.31 16.48 -5.71
C VAL E 28 -4.85 15.90 -4.38
N ASP E 29 -4.50 14.62 -4.35
CA ASP E 29 -4.08 13.99 -3.10
C ASP E 29 -4.99 14.36 -1.92
N ASP E 30 -6.28 14.53 -2.20
CA ASP E 30 -7.28 14.84 -1.17
C ASP E 30 -7.41 16.29 -0.73
N THR E 31 -6.70 17.18 -1.42
CA THR E 31 -6.76 18.60 -1.12
C THR E 31 -7.50 19.32 -2.25
N GLU E 32 -8.53 20.05 -1.88
CA GLU E 32 -9.35 20.77 -2.85
C GLU E 32 -8.56 21.84 -3.60
N PHE E 33 -8.65 21.85 -4.94
CA PHE E 33 -7.94 22.85 -5.72
C PHE E 33 -8.81 23.60 -6.75
N VAL E 34 -10.00 23.08 -7.07
CA VAL E 34 -10.93 23.74 -8.00
C VAL E 34 -12.36 23.39 -7.61
N ARG E 35 -13.29 24.32 -7.86
CA ARG E 35 -14.69 24.13 -7.52
C ARG E 35 -15.56 24.93 -8.47
N PHE E 36 -16.75 24.43 -8.74
CA PHE E 36 -17.70 25.12 -9.58
C PHE E 36 -19.04 24.95 -8.93
N ASP E 37 -19.77 26.04 -8.78
CA ASP E 37 -21.06 26.00 -8.13
C ASP E 37 -22.07 26.79 -8.95
N SER E 38 -23.14 26.14 -9.38
CA SER E 38 -24.14 26.83 -10.19
C SER E 38 -24.85 27.93 -9.39
N ASP E 39 -25.00 27.72 -8.09
CA ASP E 39 -25.71 28.66 -7.24
C ASP E 39 -24.92 29.85 -6.72
N ALA E 40 -23.88 30.23 -7.46
CA ALA E 40 -23.08 31.39 -7.11
C ALA E 40 -23.53 32.50 -8.05
N GLU E 41 -23.00 33.70 -7.85
CA GLU E 41 -23.38 34.82 -8.71
C GLU E 41 -22.99 34.54 -10.16
N ASN E 42 -21.69 34.59 -10.44
CA ASN E 42 -21.16 34.29 -11.78
C ASN E 42 -20.57 32.90 -11.68
N PRO E 43 -21.37 31.87 -11.89
CA PRO E 43 -20.84 30.51 -11.77
C PRO E 43 -19.74 30.20 -12.78
N ARG E 44 -18.53 30.03 -12.27
CA ARG E 44 -17.39 29.69 -13.11
C ARG E 44 -16.48 28.83 -12.27
N TYR E 45 -15.57 28.10 -12.91
CA TYR E 45 -14.59 27.29 -12.22
C TYR E 45 -13.65 28.30 -11.61
N GLU E 46 -13.25 28.12 -10.35
CA GLU E 46 -12.27 29.04 -9.76
C GLU E 46 -11.31 28.24 -8.92
N PRO E 47 -10.09 28.75 -8.73
CA PRO E 47 -9.06 28.04 -7.96
C PRO E 47 -9.41 28.04 -6.47
N ARG E 48 -9.05 26.95 -5.79
CA ARG E 48 -9.36 26.77 -4.39
C ARG E 48 -8.11 26.54 -3.57
N ALA E 49 -6.98 26.52 -4.23
CA ALA E 49 -5.70 26.40 -3.58
C ALA E 49 -4.89 27.47 -4.31
N ARG E 50 -4.10 28.23 -3.57
CA ARG E 50 -3.33 29.35 -4.13
C ARG E 50 -2.46 29.02 -5.34
N TRP E 51 -1.88 27.83 -5.38
CA TRP E 51 -1.01 27.50 -6.51
C TRP E 51 -1.75 27.29 -7.83
N MET E 52 -3.08 27.24 -7.79
CA MET E 52 -3.85 27.02 -9.00
C MET E 52 -4.03 28.32 -9.75
N GLU E 53 -3.47 29.39 -9.18
CA GLU E 53 -3.54 30.72 -9.76
C GLU E 53 -2.54 30.89 -10.88
N GLN E 54 -1.55 30.01 -10.92
CA GLN E 54 -0.54 30.09 -11.97
C GLN E 54 -1.08 29.59 -13.31
N GLU E 55 -2.34 29.20 -13.35
CA GLU E 55 -2.96 28.75 -14.59
C GLU E 55 -3.63 29.95 -15.22
N GLY E 56 -3.40 30.16 -16.51
CA GLY E 56 -3.96 31.31 -17.19
C GLY E 56 -5.47 31.39 -17.34
N PRO E 57 -5.95 32.45 -17.98
CA PRO E 57 -7.38 32.69 -18.22
C PRO E 57 -8.06 31.59 -19.01
N GLU E 58 -7.33 31.03 -19.96
CA GLU E 58 -7.84 29.98 -20.81
C GLU E 58 -8.33 28.78 -20.01
N TYR E 59 -7.51 28.34 -19.07
CA TYR E 59 -7.84 27.21 -18.21
C TYR E 59 -9.22 27.38 -17.62
N TRP E 60 -9.44 28.52 -16.97
CA TRP E 60 -10.72 28.79 -16.30
C TRP E 60 -11.89 28.84 -17.26
N GLU E 61 -11.64 29.39 -18.45
CA GLU E 61 -12.67 29.50 -19.47
C GLU E 61 -13.05 28.10 -19.94
N ARG E 62 -12.03 27.34 -20.31
CA ARG E 62 -12.22 25.99 -20.80
C ARG E 62 -13.01 25.15 -19.79
N GLU E 63 -12.55 25.08 -18.55
CA GLU E 63 -13.24 24.31 -17.54
C GLU E 63 -14.65 24.79 -17.24
N THR E 64 -14.91 26.08 -17.41
CA THR E 64 -16.25 26.62 -17.13
C THR E 64 -17.24 26.20 -18.20
N GLN E 65 -16.83 26.29 -19.45
CA GLN E 65 -17.71 25.89 -20.54
C GLN E 65 -18.01 24.40 -20.38
N LYS E 66 -16.97 23.63 -20.05
CA LYS E 66 -17.11 22.19 -19.87
C LYS E 66 -18.09 21.94 -18.73
N ALA E 67 -17.89 22.64 -17.61
CA ALA E 67 -18.76 22.46 -16.45
C ALA E 67 -20.19 22.82 -16.83
N LYS E 68 -20.34 23.87 -17.63
CA LYS E 68 -21.67 24.32 -18.07
C LYS E 68 -22.28 23.22 -18.92
N GLY E 69 -21.44 22.45 -19.59
CA GLY E 69 -21.90 21.35 -20.42
C GLY E 69 -22.21 20.15 -19.56
N ASN E 70 -21.30 19.83 -18.66
CA ASN E 70 -21.52 18.74 -17.74
C ASN E 70 -22.81 19.02 -16.96
N GLU E 71 -23.05 20.29 -16.62
CA GLU E 71 -24.26 20.64 -15.88
C GLU E 71 -25.57 20.21 -16.58
N GLN E 72 -25.71 20.53 -17.86
CA GLN E 72 -26.90 20.14 -18.61
C GLN E 72 -27.00 18.62 -18.69
N SER E 73 -25.85 17.98 -18.83
CA SER E 73 -25.81 16.54 -18.93
C SER E 73 -26.51 15.91 -17.74
N PHE E 74 -26.12 16.35 -16.53
CA PHE E 74 -26.70 15.84 -15.30
C PHE E 74 -28.13 16.29 -15.10
N ARG E 75 -28.44 17.46 -15.62
CA ARG E 75 -29.80 17.97 -15.56
C ARG E 75 -30.71 16.89 -16.19
N VAL E 76 -30.25 16.29 -17.29
CA VAL E 76 -31.03 15.25 -17.97
C VAL E 76 -31.04 13.89 -17.25
N SER E 77 -29.90 13.49 -16.69
CA SER E 77 -29.82 12.23 -15.94
C SER E 77 -30.77 12.22 -14.77
N LEU E 78 -30.89 13.36 -14.09
CA LEU E 78 -31.81 13.49 -12.97
C LEU E 78 -33.17 13.05 -13.48
N ARG E 79 -33.61 13.66 -14.57
CA ARG E 79 -34.88 13.28 -15.15
C ARG E 79 -34.92 11.83 -15.56
N THR E 80 -33.88 11.35 -16.24
CA THR E 80 -33.86 9.97 -16.70
C THR E 80 -34.06 9.01 -15.53
N LEU E 81 -33.46 9.34 -14.40
CA LEU E 81 -33.57 8.50 -13.22
C LEU E 81 -34.98 8.38 -12.66
N LEU E 82 -35.78 9.45 -12.77
CA LEU E 82 -37.15 9.42 -12.27
C LEU E 82 -37.94 8.37 -13.03
N GLY E 83 -37.70 8.26 -14.33
CA GLY E 83 -38.37 7.26 -15.14
C GLY E 83 -37.89 5.85 -14.78
N TYR E 84 -36.58 5.67 -14.65
CA TYR E 84 -36.01 4.36 -14.34
C TYR E 84 -36.54 3.79 -13.04
N TYR E 85 -37.01 4.67 -12.16
CA TYR E 85 -37.50 4.27 -10.86
C TYR E 85 -38.98 4.65 -10.67
N ASN E 86 -39.59 5.15 -11.73
CA ASN E 86 -40.98 5.58 -11.67
C ASN E 86 -41.23 6.24 -10.31
N GLN E 87 -40.53 7.35 -10.09
CA GLN E 87 -40.65 8.08 -8.84
C GLN E 87 -41.46 9.36 -9.03
N SER E 88 -41.84 9.99 -7.92
CA SER E 88 -42.59 11.23 -7.95
C SER E 88 -41.93 12.25 -8.87
N ALA E 89 -42.71 13.22 -9.31
CA ALA E 89 -42.18 14.27 -10.17
C ALA E 89 -41.70 15.43 -9.32
N GLY E 90 -42.41 15.70 -8.22
CA GLY E 90 -42.06 16.80 -7.35
C GLY E 90 -41.10 16.50 -6.22
N GLY E 91 -40.39 15.38 -6.29
CA GLY E 91 -39.45 15.04 -5.24
C GLY E 91 -38.03 15.42 -5.59
N SER E 92 -37.28 15.89 -4.59
CA SER E 92 -35.90 16.26 -4.80
C SER E 92 -35.01 15.03 -4.76
N HIS E 93 -34.03 14.99 -5.65
CA HIS E 93 -33.14 13.85 -5.71
C HIS E 93 -31.68 14.26 -5.85
N THR E 94 -30.79 13.29 -5.69
CA THR E 94 -29.37 13.58 -5.76
C THR E 94 -28.53 12.56 -6.50
N ILE E 95 -27.61 13.08 -7.30
CA ILE E 95 -26.67 12.26 -8.01
C ILE E 95 -25.30 12.70 -7.58
N GLN E 96 -24.47 11.73 -7.26
CA GLN E 96 -23.10 12.00 -6.86
C GLN E 96 -22.21 11.08 -7.68
N VAL E 97 -21.11 11.61 -8.16
CA VAL E 97 -20.18 10.80 -8.90
C VAL E 97 -18.80 11.18 -8.46
N ILE E 98 -17.95 10.18 -8.28
CA ILE E 98 -16.57 10.40 -7.91
C ILE E 98 -15.81 9.83 -9.09
N SER E 99 -14.90 10.62 -9.65
CA SER E 99 -14.17 10.19 -10.82
C SER E 99 -12.73 10.66 -10.77
N GLY E 100 -11.79 9.75 -10.96
CA GLY E 100 -10.40 10.16 -10.91
C GLY E 100 -9.40 9.03 -11.07
N CYS E 101 -8.15 9.37 -10.79
CA CYS E 101 -7.06 8.42 -10.97
C CYS E 101 -6.02 8.45 -9.87
N GLU E 102 -5.54 7.28 -9.50
CA GLU E 102 -4.50 7.20 -8.49
C GLU E 102 -3.29 6.61 -9.20
N VAL E 103 -2.18 7.35 -9.22
CA VAL E 103 -1.01 6.83 -9.88
C VAL E 103 0.14 6.71 -8.90
N GLY E 104 1.02 5.75 -9.14
CA GLY E 104 2.13 5.52 -8.25
C GLY E 104 3.31 6.44 -8.44
N SER E 105 4.34 6.17 -7.63
CA SER E 105 5.58 6.93 -7.63
C SER E 105 6.36 6.67 -8.90
N ASP E 106 5.99 5.60 -9.59
CA ASP E 106 6.66 5.25 -10.84
C ASP E 106 5.80 5.71 -12.00
N GLY E 107 4.79 6.52 -11.70
CA GLY E 107 3.91 7.08 -12.73
C GLY E 107 2.87 6.17 -13.34
N ARG E 108 2.77 4.94 -12.84
CA ARG E 108 1.80 3.99 -13.36
C ARG E 108 0.44 4.24 -12.73
N LEU E 109 -0.62 3.98 -13.49
CA LEU E 109 -1.97 4.16 -12.97
C LEU E 109 -2.30 2.98 -12.07
N LEU E 110 -2.47 3.24 -10.78
CA LEU E 110 -2.82 2.20 -9.81
C LEU E 110 -4.32 2.02 -9.86
N ARG E 111 -5.04 3.11 -10.08
CA ARG E 111 -6.48 3.05 -10.07
C ARG E 111 -7.15 4.15 -10.85
N GLY E 112 -8.24 3.77 -11.50
CA GLY E 112 -9.06 4.67 -12.26
C GLY E 112 -10.47 4.31 -11.86
N TYR E 113 -11.30 5.29 -11.55
CA TYR E 113 -12.65 4.98 -11.11
C TYR E 113 -13.63 6.12 -11.37
N GLN E 114 -14.86 5.70 -11.65
CA GLN E 114 -15.97 6.59 -11.87
C GLN E 114 -17.11 5.85 -11.22
N GLN E 115 -17.56 6.38 -10.10
CA GLN E 115 -18.61 5.75 -9.34
C GLN E 115 -19.80 6.66 -9.26
N TYR E 116 -20.98 6.09 -9.41
CA TYR E 116 -22.19 6.87 -9.32
C TYR E 116 -23.02 6.46 -8.13
N ALA E 117 -23.81 7.40 -7.66
CA ALA E 117 -24.70 7.16 -6.56
C ALA E 117 -25.91 8.04 -6.79
N TYR E 118 -27.08 7.52 -6.47
CA TYR E 118 -28.32 8.26 -6.58
C TYR E 118 -28.95 8.26 -5.20
N ASP E 119 -29.28 9.43 -4.69
CA ASP E 119 -29.85 9.54 -3.34
C ASP E 119 -29.04 8.72 -2.33
N GLY E 120 -27.72 8.94 -2.32
CA GLY E 120 -26.82 8.26 -1.40
C GLY E 120 -26.72 6.75 -1.56
N CYS E 121 -27.04 6.24 -2.75
CA CYS E 121 -26.97 4.80 -2.98
C CYS E 121 -26.23 4.44 -4.26
N ASP E 122 -25.15 3.68 -4.13
CA ASP E 122 -24.38 3.25 -5.29
C ASP E 122 -25.33 2.93 -6.45
N TYR E 123 -25.07 3.51 -7.61
CA TYR E 123 -25.89 3.29 -8.77
C TYR E 123 -25.13 2.44 -9.80
N ILE E 124 -24.01 2.95 -10.26
CA ILE E 124 -23.20 2.20 -11.21
C ILE E 124 -21.75 2.50 -10.88
N ALA E 125 -20.84 1.79 -11.53
CA ALA E 125 -19.43 2.00 -11.25
C ALA E 125 -18.56 1.22 -12.23
N LEU E 126 -17.42 1.82 -12.61
CA LEU E 126 -16.49 1.21 -13.55
C LEU E 126 -15.57 0.19 -12.88
N ASN E 127 -15.69 -1.07 -13.29
CA ASN E 127 -14.81 -2.11 -12.74
C ASN E 127 -13.35 -1.70 -12.93
N GLU E 128 -12.44 -2.33 -12.18
CA GLU E 128 -11.03 -1.99 -12.25
C GLU E 128 -10.35 -2.41 -13.55
N ASP E 129 -11.12 -3.09 -14.42
CA ASP E 129 -10.62 -3.52 -15.72
C ASP E 129 -10.80 -2.35 -16.67
N LEU E 130 -11.45 -1.29 -16.17
CA LEU E 130 -11.71 -0.08 -16.94
C LEU E 130 -12.34 -0.41 -18.28
N LYS E 131 -13.01 -1.55 -18.35
CA LYS E 131 -13.68 -1.97 -19.57
C LYS E 131 -15.14 -2.28 -19.36
N THR E 132 -15.54 -2.63 -18.14
CA THR E 132 -16.95 -2.93 -17.86
C THR E 132 -17.51 -2.28 -16.61
N TRP E 133 -18.83 -2.24 -16.56
CA TRP E 133 -19.54 -1.65 -15.45
C TRP E 133 -20.23 -2.68 -14.56
N THR E 134 -20.52 -2.27 -13.33
CA THR E 134 -21.24 -3.10 -12.38
C THR E 134 -22.44 -2.31 -11.93
N ALA E 135 -23.60 -2.64 -12.48
CA ALA E 135 -24.83 -1.97 -12.11
C ALA E 135 -25.15 -2.37 -10.66
N ALA E 136 -25.92 -1.54 -9.96
CA ALA E 136 -26.29 -1.87 -8.60
C ALA E 136 -27.67 -2.51 -8.63
N ASP E 137 -28.62 -1.84 -9.27
CA ASP E 137 -29.98 -2.36 -9.36
C ASP E 137 -30.44 -2.43 -10.80
N MET E 138 -31.67 -2.91 -11.00
CA MET E 138 -32.26 -3.06 -12.33
C MET E 138 -32.34 -1.77 -13.13
N ALA E 139 -32.22 -0.62 -12.48
CA ALA E 139 -32.25 0.64 -13.21
C ALA E 139 -30.85 0.85 -13.77
N ALA E 140 -29.85 0.46 -12.98
CA ALA E 140 -28.46 0.60 -13.37
C ALA E 140 -28.10 -0.26 -14.58
N LEU E 141 -28.94 -1.26 -14.86
CA LEU E 141 -28.71 -2.14 -15.99
C LEU E 141 -29.00 -1.37 -17.27
N ILE E 142 -30.06 -0.57 -17.24
CA ILE E 142 -30.45 0.21 -18.40
C ILE E 142 -29.34 1.11 -18.86
N THR E 143 -28.62 1.69 -17.90
CA THR E 143 -27.51 2.57 -18.21
C THR E 143 -26.29 1.78 -18.61
N LYS E 144 -26.09 0.63 -17.97
CA LYS E 144 -24.93 -0.19 -18.27
C LYS E 144 -24.93 -0.49 -19.76
N HIS E 145 -26.01 -1.09 -20.25
CA HIS E 145 -26.13 -1.46 -21.66
C HIS E 145 -26.09 -0.23 -22.56
N LYS E 146 -26.73 0.83 -22.13
CA LYS E 146 -26.74 2.03 -22.95
C LYS E 146 -25.33 2.61 -23.05
N TRP E 147 -24.57 2.59 -21.96
CA TRP E 147 -23.21 3.10 -22.03
C TRP E 147 -22.36 2.17 -22.85
N GLU E 148 -22.69 0.88 -22.82
CA GLU E 148 -21.95 -0.09 -23.60
C GLU E 148 -22.33 0.10 -25.07
N GLN E 149 -23.50 0.68 -25.31
CA GLN E 149 -23.98 0.89 -26.68
C GLN E 149 -23.31 2.09 -27.35
N ALA E 150 -22.71 2.97 -26.57
CA ALA E 150 -22.05 4.15 -27.11
C ALA E 150 -20.55 4.07 -26.84
N GLY E 151 -20.09 2.87 -26.50
CA GLY E 151 -18.68 2.65 -26.21
C GLY E 151 -18.09 3.66 -25.22
N GLU E 152 -18.89 4.07 -24.25
CA GLU E 152 -18.45 5.04 -23.25
C GLU E 152 -17.25 4.52 -22.48
N ALA E 153 -17.24 3.22 -22.19
CA ALA E 153 -16.15 2.63 -21.44
C ALA E 153 -14.79 2.96 -22.06
N GLU E 154 -14.70 2.85 -23.38
CA GLU E 154 -13.46 3.11 -24.10
C GLU E 154 -12.99 4.53 -23.85
N ARG E 155 -13.90 5.49 -24.01
CA ARG E 155 -13.51 6.88 -23.82
C ARG E 155 -13.25 7.26 -22.37
N LEU E 156 -13.95 6.65 -21.42
CA LEU E 156 -13.70 6.94 -20.01
C LEU E 156 -12.28 6.43 -19.72
N ARG E 157 -11.97 5.25 -20.24
CA ARG E 157 -10.64 4.68 -20.01
C ARG E 157 -9.52 5.60 -20.52
N ALA E 158 -9.77 6.25 -21.65
CA ALA E 158 -8.79 7.13 -22.26
C ALA E 158 -8.50 8.31 -21.35
N TYR E 159 -9.55 8.88 -20.76
CA TYR E 159 -9.42 9.99 -19.82
C TYR E 159 -8.65 9.51 -18.60
N LEU E 160 -9.16 8.45 -17.99
CA LEU E 160 -8.56 7.87 -16.81
C LEU E 160 -7.09 7.53 -16.99
N GLU E 161 -6.73 6.86 -18.09
CA GLU E 161 -5.32 6.45 -18.25
C GLU E 161 -4.44 7.50 -18.88
N GLY E 162 -5.03 8.57 -19.40
CA GLY E 162 -4.22 9.59 -20.06
C GLY E 162 -4.42 10.98 -19.49
N THR E 163 -5.43 11.65 -19.98
CA THR E 163 -5.77 12.99 -19.51
C THR E 163 -5.65 13.16 -18.01
N CYS E 164 -6.35 12.32 -17.25
CA CYS E 164 -6.35 12.42 -15.78
C CYS E 164 -4.93 12.34 -15.26
N VAL E 165 -4.21 11.29 -15.66
CA VAL E 165 -2.84 11.10 -15.22
C VAL E 165 -1.95 12.26 -15.66
N GLU E 166 -2.18 12.75 -16.87
CA GLU E 166 -1.36 13.83 -17.42
C GLU E 166 -1.59 15.13 -16.70
N TRP E 167 -2.84 15.42 -16.38
CA TRP E 167 -3.10 16.65 -15.65
C TRP E 167 -2.72 16.51 -14.17
N LEU E 168 -2.66 15.28 -13.64
CA LEU E 168 -2.28 15.12 -12.24
C LEU E 168 -0.84 15.60 -12.11
N ARG E 169 0.00 15.05 -12.99
CA ARG E 169 1.41 15.37 -13.08
C ARG E 169 1.63 16.88 -13.13
N ARG E 170 0.78 17.58 -13.89
CA ARG E 170 0.89 19.04 -14.01
C ARG E 170 0.53 19.79 -12.72
N TYR E 171 -0.48 19.33 -12.00
CA TYR E 171 -0.82 20.04 -10.77
C TYR E 171 0.23 19.75 -9.70
N LEU E 172 0.79 18.56 -9.70
CA LEU E 172 1.82 18.22 -8.72
C LEU E 172 3.00 19.16 -8.84
N LYS E 173 3.29 19.61 -10.06
CA LYS E 173 4.39 20.54 -10.29
C LYS E 173 4.11 21.83 -9.56
N ASN E 174 3.00 22.45 -9.94
CA ASN E 174 2.58 23.71 -9.35
C ASN E 174 2.33 23.61 -7.86
N GLY E 175 2.01 22.41 -7.40
CA GLY E 175 1.70 22.23 -5.99
C GLY E 175 2.69 21.53 -5.08
N ASN E 176 3.81 21.00 -5.57
CA ASN E 176 4.76 20.33 -4.67
C ASN E 176 5.05 21.21 -3.47
N ALA E 177 5.40 22.46 -3.74
CA ALA E 177 5.76 23.42 -2.70
C ALA E 177 4.68 23.65 -1.62
N THR E 178 3.48 23.15 -1.83
CA THR E 178 2.40 23.34 -0.87
C THR E 178 1.80 22.00 -0.48
N LEU E 179 1.71 21.11 -1.45
CA LEU E 179 1.15 19.77 -1.23
C LEU E 179 1.93 18.92 -0.23
N LEU E 180 3.22 19.21 -0.05
CA LEU E 180 4.05 18.45 0.87
C LEU E 180 3.93 18.94 2.30
N ARG E 181 3.35 20.13 2.48
CA ARG E 181 3.18 20.69 3.81
C ARG E 181 2.91 19.59 4.83
N THR E 182 3.58 19.69 5.97
CA THR E 182 3.39 18.72 7.03
C THR E 182 3.37 19.50 8.34
N ASP E 183 2.44 19.19 9.23
CA ASP E 183 2.40 19.88 10.53
C ASP E 183 2.17 18.89 11.65
N SER E 184 3.16 18.76 12.53
CA SER E 184 3.11 17.85 13.66
C SER E 184 2.05 18.26 14.67
N PRO E 185 1.40 17.26 15.27
CA PRO E 185 0.41 17.56 16.28
C PRO E 185 1.14 17.87 17.58
N LYS E 186 0.58 18.77 18.35
CA LYS E 186 1.14 19.06 19.64
C LYS E 186 0.19 18.26 20.51
N ALA E 187 0.70 17.28 21.24
CA ALA E 187 -0.19 16.47 22.06
C ALA E 187 -0.19 16.92 23.52
N HIS E 188 -1.10 16.33 24.30
CA HIS E 188 -1.20 16.59 25.73
C HIS E 188 -2.37 15.79 26.28
N VAL E 189 -2.32 15.53 27.58
CA VAL E 189 -3.35 14.75 28.25
C VAL E 189 -3.99 15.56 29.36
N THR E 190 -5.30 15.43 29.49
CA THR E 190 -6.06 16.14 30.53
C THR E 190 -6.67 15.14 31.46
N HIS E 191 -7.02 15.59 32.66
CA HIS E 191 -7.57 14.71 33.67
C HIS E 191 -8.96 15.16 34.11
N HIS E 192 -9.92 14.24 34.03
CA HIS E 192 -11.30 14.53 34.39
C HIS E 192 -11.86 13.53 35.39
N SER E 193 -12.26 14.06 36.56
CA SER E 193 -12.80 13.26 37.66
C SER E 193 -14.10 12.57 37.29
N ARG E 194 -14.27 11.36 37.83
CA ARG E 194 -15.44 10.54 37.55
C ARG E 194 -15.93 9.95 38.86
N PRO E 195 -17.20 9.57 38.95
CA PRO E 195 -17.70 8.97 40.19
C PRO E 195 -17.14 7.56 40.32
N GLU E 196 -17.55 6.83 41.36
CA GLU E 196 -17.05 5.48 41.59
C GLU E 196 -15.54 5.50 41.68
N ASP E 197 -15.00 6.62 42.17
CA ASP E 197 -13.57 6.74 42.34
C ASP E 197 -12.80 6.45 41.05
N LYS E 198 -13.43 6.70 39.90
CA LYS E 198 -12.81 6.48 38.60
C LYS E 198 -12.32 7.76 37.94
N VAL E 199 -11.67 7.65 36.79
CA VAL E 199 -11.12 8.81 36.10
C VAL E 199 -11.03 8.70 34.56
N THR E 200 -11.16 9.85 33.89
CA THR E 200 -11.05 9.95 32.44
C THR E 200 -9.74 10.65 32.07
N LEU E 201 -8.98 10.03 31.19
CA LEU E 201 -7.73 10.61 30.74
C LEU E 201 -7.96 10.94 29.27
N ARG E 202 -7.93 12.22 28.92
CA ARG E 202 -8.12 12.56 27.52
C ARG E 202 -6.83 13.03 26.90
N CYS E 203 -6.40 12.31 25.87
CA CYS E 203 -5.18 12.62 25.14
C CYS E 203 -5.58 13.38 23.88
N TRP E 204 -5.02 14.58 23.72
CA TRP E 204 -5.35 15.43 22.60
C TRP E 204 -4.24 15.58 21.59
N ALA E 205 -4.64 15.65 20.33
CA ALA E 205 -3.73 15.88 19.22
C ALA E 205 -4.34 17.04 18.46
N LEU E 206 -3.63 18.16 18.42
CA LEU E 206 -4.10 19.37 17.76
C LEU E 206 -3.09 19.94 16.78
N GLY E 207 -3.51 20.96 16.05
CA GLY E 207 -2.67 21.64 15.07
C GLY E 207 -1.94 20.81 14.03
N PHE E 208 -2.35 19.57 13.82
CA PHE E 208 -1.67 18.71 12.85
C PHE E 208 -2.16 18.75 11.41
N TYR E 209 -1.27 18.41 10.49
CA TYR E 209 -1.58 18.34 9.07
C TYR E 209 -0.64 17.34 8.39
N PRO E 210 -1.16 16.47 7.52
CA PRO E 210 -2.58 16.36 7.20
C PRO E 210 -3.36 15.63 8.27
N ALA E 211 -4.62 15.32 7.96
CA ALA E 211 -5.53 14.70 8.90
C ALA E 211 -5.17 13.29 9.36
N ASP E 212 -4.63 12.47 8.46
CA ASP E 212 -4.23 11.11 8.80
C ASP E 212 -3.43 11.11 10.10
N ILE E 213 -3.95 10.46 11.13
CA ILE E 213 -3.27 10.41 12.41
C ILE E 213 -3.79 9.18 13.11
N THR E 214 -3.22 8.85 14.25
CA THR E 214 -3.65 7.69 15.00
C THR E 214 -3.29 7.86 16.46
N LEU E 215 -4.27 7.70 17.32
CA LEU E 215 -4.05 7.80 18.75
C LEU E 215 -4.42 6.46 19.38
N THR E 216 -3.66 6.02 20.37
CA THR E 216 -3.98 4.78 21.08
C THR E 216 -3.57 4.90 22.54
N TRP E 217 -4.28 4.18 23.42
CA TRP E 217 -3.93 4.15 24.83
C TRP E 217 -3.30 2.82 25.16
N GLN E 218 -2.29 2.85 26.03
CA GLN E 218 -1.60 1.65 26.43
C GLN E 218 -1.66 1.31 27.92
N LEU E 219 -2.06 0.08 28.23
CA LEU E 219 -2.09 -0.41 29.60
C LEU E 219 -1.02 -1.50 29.71
N ASN E 220 0.10 -1.15 30.34
CA ASN E 220 1.22 -2.05 30.53
C ASN E 220 1.62 -2.84 29.28
N GLY E 221 2.04 -2.13 28.24
CA GLY E 221 2.46 -2.78 27.00
C GLY E 221 1.37 -2.98 25.97
N GLU E 222 0.20 -3.42 26.39
CA GLU E 222 -0.90 -3.64 25.46
C GLU E 222 -1.74 -2.39 25.31
N GLU E 223 -2.25 -2.18 24.08
CA GLU E 223 -3.07 -1.03 23.78
C GLU E 223 -4.53 -1.39 24.00
N LEU E 224 -5.20 -0.57 24.81
CA LEU E 224 -6.61 -0.77 25.17
C LEU E 224 -7.57 -0.52 23.99
N ILE E 225 -8.23 -1.59 23.56
CA ILE E 225 -9.18 -1.53 22.47
C ILE E 225 -10.61 -1.45 23.00
N GLN E 226 -10.78 -1.84 24.26
CA GLN E 226 -12.08 -1.86 24.92
C GLN E 226 -12.85 -0.55 24.95
N ASP E 227 -13.22 -0.14 26.17
CA ASP E 227 -14.00 1.04 26.44
C ASP E 227 -13.25 2.33 26.14
N MET E 228 -12.53 2.36 25.03
CA MET E 228 -11.78 3.54 24.65
C MET E 228 -12.53 4.30 23.55
N GLU E 229 -12.81 5.57 23.83
CA GLU E 229 -13.53 6.43 22.90
C GLU E 229 -12.63 7.45 22.20
N LEU E 230 -12.90 7.67 20.92
CA LEU E 230 -12.16 8.62 20.11
C LEU E 230 -13.07 9.26 19.07
N VAL E 231 -13.04 10.59 19.00
CA VAL E 231 -13.88 11.32 18.05
C VAL E 231 -13.30 11.36 16.63
N GLU E 232 -14.15 11.61 15.65
CA GLU E 232 -13.72 11.75 14.26
C GLU E 232 -12.70 12.89 14.28
N THR E 233 -11.62 12.76 13.52
CA THR E 233 -10.68 13.85 13.46
C THR E 233 -11.54 14.96 12.95
N ARG E 234 -11.22 16.20 13.28
CA ARG E 234 -12.04 17.32 12.87
C ARG E 234 -11.15 18.51 12.50
N PRO E 235 -11.66 19.38 11.62
CA PRO E 235 -10.99 20.61 11.18
C PRO E 235 -10.97 21.75 12.21
N ALA E 236 -9.78 22.34 12.39
CA ALA E 236 -9.65 23.44 13.33
C ALA E 236 -10.29 24.66 12.66
N GLY E 237 -10.13 24.73 11.35
CA GLY E 237 -10.70 25.80 10.54
C GLY E 237 -9.66 26.61 9.79
N ASP E 238 -8.39 26.37 10.12
CA ASP E 238 -7.27 27.08 9.51
C ASP E 238 -6.37 26.14 8.73
N GLY E 239 -6.88 24.99 8.35
CA GLY E 239 -6.06 24.04 7.62
C GLY E 239 -5.40 23.03 8.52
N THR E 240 -5.58 23.16 9.82
CA THR E 240 -5.02 22.17 10.75
C THR E 240 -6.14 21.29 11.29
N PHE E 241 -5.76 20.21 11.94
CA PHE E 241 -6.74 19.27 12.47
C PHE E 241 -6.57 18.98 13.94
N GLN E 242 -7.65 18.45 14.52
CA GLN E 242 -7.68 18.09 15.92
C GLN E 242 -8.29 16.69 16.10
N LYS E 243 -8.00 16.09 17.24
CA LYS E 243 -8.55 14.78 17.56
C LYS E 243 -8.10 14.37 18.93
N TRP E 244 -8.97 13.71 19.67
CA TRP E 244 -8.60 13.19 20.97
C TRP E 244 -9.13 11.79 21.14
N ALA E 245 -8.57 11.11 22.13
CA ALA E 245 -8.94 9.77 22.47
C ALA E 245 -8.85 9.69 23.99
N SER E 246 -9.75 8.93 24.58
CA SER E 246 -9.78 8.80 26.02
C SER E 246 -10.12 7.38 26.47
N VAL E 247 -9.85 7.13 27.74
CA VAL E 247 -10.12 5.85 28.35
C VAL E 247 -10.54 6.11 29.79
N VAL E 248 -11.29 5.19 30.39
CA VAL E 248 -11.69 5.33 31.80
C VAL E 248 -10.85 4.37 32.63
N VAL E 249 -10.11 4.93 33.59
CA VAL E 249 -9.25 4.14 34.46
C VAL E 249 -9.62 4.39 35.92
N PRO E 250 -9.33 3.46 36.82
CA PRO E 250 -9.64 3.73 38.22
C PRO E 250 -8.66 4.78 38.75
N LEU E 251 -9.08 5.57 39.73
CA LEU E 251 -8.22 6.60 40.29
C LEU E 251 -7.07 5.92 41.04
N GLY E 252 -5.92 6.57 41.09
CA GLY E 252 -4.78 6.00 41.79
C GLY E 252 -3.98 5.00 40.96
N LYS E 253 -4.35 4.84 39.70
CA LYS E 253 -3.66 3.91 38.84
C LYS E 253 -3.76 4.31 37.37
N GLU E 254 -3.54 5.60 37.09
CA GLU E 254 -3.60 6.11 35.74
C GLU E 254 -2.20 6.14 35.16
N GLN E 255 -1.21 6.39 36.02
CA GLN E 255 0.20 6.45 35.61
C GLN E 255 0.69 5.18 34.95
N TYR E 256 -0.19 4.19 34.79
CA TYR E 256 0.16 2.95 34.15
C TYR E 256 -0.48 2.95 32.77
N TYR E 257 -0.85 4.16 32.33
CA TYR E 257 -1.49 4.36 31.04
C TYR E 257 -0.71 5.33 30.17
N THR E 258 -0.40 4.92 28.95
CA THR E 258 0.34 5.80 28.05
C THR E 258 -0.39 5.99 26.73
N CYS E 259 -0.40 7.22 26.24
CA CYS E 259 -1.05 7.55 25.00
C CYS E 259 0.02 7.59 23.92
N HIS E 260 -0.33 7.18 22.71
CA HIS E 260 0.60 7.21 21.58
C HIS E 260 -0.02 7.85 20.36
N VAL E 261 0.64 8.88 19.86
CA VAL E 261 0.18 9.63 18.70
C VAL E 261 1.08 9.34 17.51
N TYR E 262 0.50 8.80 16.46
CA TYR E 262 1.24 8.46 15.24
C TYR E 262 0.87 9.38 14.07
N HIS E 263 1.72 10.37 13.78
CA HIS E 263 1.50 11.29 12.66
C HIS E 263 2.80 11.40 11.83
N GLN E 264 2.64 11.47 10.52
CA GLN E 264 3.77 11.51 9.58
C GLN E 264 4.69 12.70 9.70
N GLY E 265 4.28 13.71 10.46
CA GLY E 265 5.10 14.91 10.60
C GLY E 265 6.06 14.81 11.77
N LEU E 266 5.95 13.72 12.52
CA LEU E 266 6.77 13.50 13.71
C LEU E 266 8.00 12.65 13.43
N PRO E 267 9.16 13.08 13.90
CA PRO E 267 10.35 12.29 13.67
C PRO E 267 10.12 10.92 14.30
N GLU E 268 9.29 10.90 15.34
CA GLU E 268 8.95 9.64 15.99
C GLU E 268 7.60 9.73 16.71
N PRO E 269 6.96 8.58 16.89
CA PRO E 269 5.66 8.48 17.54
C PRO E 269 5.71 9.04 18.94
N LEU E 270 5.01 10.15 19.17
CA LEU E 270 4.97 10.75 20.50
C LEU E 270 4.46 9.71 21.49
N THR E 271 4.73 9.94 22.77
CA THR E 271 4.28 9.03 23.82
C THR E 271 3.87 9.87 25.02
N LEU E 272 2.61 9.79 25.42
CA LEU E 272 2.16 10.62 26.54
C LEU E 272 1.66 9.93 27.79
N ARG E 273 2.17 10.39 28.91
CA ARG E 273 1.81 9.89 30.24
C ARG E 273 1.23 11.06 31.05
N TRP E 274 0.12 10.83 31.73
CA TRP E 274 -0.56 11.89 32.47
C TRP E 274 0.36 12.82 33.28
N GLY F 1 7.37 7.85 3.78
CA GLY F 1 7.32 6.56 3.01
C GLY F 1 7.64 5.37 3.90
N PRO F 2 7.03 4.22 3.66
CA PRO F 2 7.28 3.07 4.52
C PRO F 2 8.76 2.68 4.43
N HIS F 3 9.25 2.02 5.48
CA HIS F 3 10.63 1.56 5.57
C HIS F 3 10.64 0.36 6.47
N SER F 4 11.79 -0.27 6.58
CA SER F 4 11.90 -1.44 7.40
C SER F 4 13.32 -1.70 7.84
N LEU F 5 13.45 -2.80 8.54
CA LEU F 5 14.72 -3.29 9.03
C LEU F 5 14.61 -4.80 9.14
N ARG F 6 15.19 -5.52 8.19
CA ARG F 6 15.14 -6.98 8.17
C ARG F 6 16.50 -7.57 8.46
N TYR F 7 16.50 -8.82 8.91
CA TYR F 7 17.75 -9.52 9.17
C TYR F 7 17.75 -10.85 8.47
N PHE F 8 18.79 -11.04 7.66
CA PHE F 8 18.99 -12.26 6.91
C PHE F 8 20.25 -12.96 7.46
N VAL F 9 19.99 -14.00 8.25
CA VAL F 9 21.05 -14.78 8.89
C VAL F 9 21.18 -16.14 8.23
N THR F 10 22.41 -16.59 8.03
CA THR F 10 22.60 -17.89 7.42
C THR F 10 23.71 -18.70 8.06
N ALA F 11 23.40 -19.96 8.37
CA ALA F 11 24.35 -20.87 8.97
C ALA F 11 24.20 -22.21 8.27
N VAL F 12 25.30 -22.74 7.75
CA VAL F 12 25.27 -24.01 7.06
C VAL F 12 26.31 -24.92 7.67
N SER F 13 25.89 -26.12 8.06
CA SER F 13 26.80 -27.08 8.67
C SER F 13 27.80 -27.61 7.64
N ARG F 14 29.02 -27.87 8.09
CA ARG F 14 30.05 -28.40 7.22
C ARG F 14 30.60 -29.68 7.86
N PRO F 15 29.76 -30.70 7.99
CA PRO F 15 30.17 -31.96 8.62
C PRO F 15 31.45 -32.48 7.99
N GLY F 16 32.39 -32.91 8.83
CA GLY F 16 33.66 -33.42 8.34
C GLY F 16 34.66 -32.29 8.16
N LEU F 17 34.15 -31.10 7.87
CA LEU F 17 34.99 -29.93 7.67
C LEU F 17 35.22 -29.21 9.00
N GLY F 18 34.17 -29.09 9.79
CA GLY F 18 34.28 -28.41 11.07
C GLY F 18 32.93 -27.82 11.47
N GLU F 19 32.96 -26.66 12.12
CA GLU F 19 31.73 -26.00 12.57
C GLU F 19 31.02 -25.29 11.41
N PRO F 20 29.73 -25.00 11.58
CA PRO F 20 28.95 -24.32 10.54
C PRO F 20 29.52 -22.96 10.15
N ARG F 21 29.10 -22.44 9.00
CA ARG F 21 29.55 -21.14 8.56
C ARG F 21 28.52 -20.12 8.99
N TYR F 22 28.97 -18.98 9.47
CA TYR F 22 28.04 -17.94 9.91
C TYR F 22 28.31 -16.64 9.20
N MET F 23 27.24 -15.90 8.94
CA MET F 23 27.35 -14.60 8.30
C MET F 23 26.05 -13.86 8.46
N GLU F 24 26.15 -12.56 8.69
CA GLU F 24 24.96 -11.75 8.86
C GLU F 24 24.89 -10.57 7.91
N VAL F 25 23.65 -10.20 7.62
CA VAL F 25 23.36 -9.08 6.74
C VAL F 25 22.04 -8.45 7.18
N GLY F 26 22.13 -7.20 7.64
CA GLY F 26 20.95 -6.47 8.06
C GLY F 26 20.47 -5.75 6.81
N TYR F 27 19.16 -5.68 6.61
CA TYR F 27 18.63 -5.04 5.43
C TYR F 27 17.72 -3.85 5.68
N VAL F 28 18.29 -2.66 5.63
CA VAL F 28 17.50 -1.45 5.81
C VAL F 28 16.92 -1.10 4.44
N ASP F 29 15.62 -1.38 4.26
CA ASP F 29 14.94 -1.12 3.00
C ASP F 29 15.61 -1.89 1.87
N ASP F 30 16.02 -3.12 2.19
CA ASP F 30 16.67 -4.00 1.23
C ASP F 30 18.13 -3.65 0.92
N THR F 31 18.55 -2.44 1.29
CA THR F 31 19.92 -2.02 1.06
C THR F 31 20.81 -2.51 2.20
N GLU F 32 21.64 -3.52 1.92
CA GLU F 32 22.53 -4.05 2.96
C GLU F 32 23.35 -2.92 3.55
N PHE F 33 23.57 -2.97 4.86
CA PHE F 33 24.31 -1.93 5.55
C PHE F 33 25.25 -2.50 6.62
N VAL F 34 25.03 -3.75 7.00
CA VAL F 34 25.87 -4.40 8.00
C VAL F 34 26.07 -5.87 7.63
N ARG F 35 27.32 -6.30 7.68
CA ARG F 35 27.67 -7.66 7.36
C ARG F 35 28.71 -8.22 8.32
N PHE F 36 28.54 -9.48 8.67
CA PHE F 36 29.49 -10.17 9.51
C PHE F 36 29.61 -11.57 8.95
N ASP F 37 30.82 -12.10 8.88
CA ASP F 37 31.03 -13.47 8.38
C ASP F 37 32.13 -14.17 9.18
N SER F 38 31.72 -15.11 10.01
CA SER F 38 32.64 -15.87 10.85
C SER F 38 33.48 -16.81 10.01
N ASP F 39 33.89 -16.32 8.84
CA ASP F 39 34.71 -17.06 7.91
C ASP F 39 35.78 -16.12 7.38
N ALA F 40 35.64 -14.84 7.72
CA ALA F 40 36.57 -13.82 7.29
C ALA F 40 37.85 -13.85 8.12
N GLU F 41 38.89 -13.19 7.61
CA GLU F 41 40.18 -13.12 8.27
C GLU F 41 39.99 -12.87 9.77
N ASN F 42 38.91 -12.15 10.10
CA ASN F 42 38.57 -11.84 11.47
C ASN F 42 37.04 -11.76 11.59
N PRO F 43 36.40 -12.78 12.15
CA PRO F 43 34.94 -12.72 12.31
C PRO F 43 34.54 -11.49 13.11
N ARG F 44 34.16 -10.44 12.39
CA ARG F 44 33.79 -9.19 13.01
C ARG F 44 32.74 -8.48 12.15
N TYR F 45 31.77 -7.86 12.82
CA TYR F 45 30.74 -7.11 12.13
C TYR F 45 31.41 -5.96 11.42
N GLU F 46 30.99 -5.66 10.20
CA GLU F 46 31.58 -4.57 9.43
C GLU F 46 30.47 -3.77 8.76
N PRO F 47 30.65 -2.47 8.61
CA PRO F 47 29.63 -1.61 7.98
C PRO F 47 29.57 -1.80 6.47
N ARG F 48 28.37 -1.91 5.93
CA ARG F 48 28.22 -2.08 4.49
C ARG F 48 27.83 -0.76 3.89
N ALA F 49 28.23 0.32 4.55
CA ALA F 49 27.92 1.66 4.08
C ALA F 49 28.77 2.69 4.82
N ARG F 50 29.28 3.67 4.07
CA ARG F 50 30.11 4.73 4.64
C ARG F 50 29.42 5.38 5.84
N TRP F 51 28.10 5.48 5.82
CA TRP F 51 27.37 6.07 6.94
C TRP F 51 27.29 5.10 8.12
N MET F 52 27.48 3.81 7.85
CA MET F 52 27.43 2.82 8.93
C MET F 52 28.73 2.86 9.74
N GLU F 53 29.59 3.82 9.41
CA GLU F 53 30.85 3.99 10.12
C GLU F 53 30.76 5.21 11.01
N GLN F 54 29.57 5.79 11.09
CA GLN F 54 29.32 6.93 11.96
C GLN F 54 29.01 6.37 13.33
N GLU F 55 28.70 5.07 13.37
CA GLU F 55 28.39 4.35 14.60
C GLU F 55 29.66 4.20 15.41
N GLY F 56 29.68 3.21 16.29
CA GLY F 56 30.85 3.01 17.13
C GLY F 56 31.33 1.59 17.30
N PRO F 57 32.65 1.43 17.31
CA PRO F 57 33.30 0.14 17.54
C PRO F 57 32.99 -0.39 18.92
N GLU F 58 32.07 0.28 19.59
CA GLU F 58 31.57 -0.13 20.89
C GLU F 58 30.37 -0.93 20.43
N TYR F 59 29.61 -0.30 19.55
CA TYR F 59 28.42 -0.86 18.91
C TYR F 59 28.90 -2.01 18.04
N TRP F 60 30.03 -1.80 17.37
CA TRP F 60 30.61 -2.83 16.54
C TRP F 60 31.10 -3.96 17.42
N GLU F 61 31.70 -3.61 18.55
CA GLU F 61 32.14 -4.62 19.48
C GLU F 61 30.86 -5.26 19.93
N ARG F 62 29.93 -4.41 20.35
CA ARG F 62 28.62 -4.82 20.83
C ARG F 62 27.98 -5.84 19.89
N GLU F 63 27.72 -5.44 18.65
CA GLU F 63 27.11 -6.33 17.68
C GLU F 63 27.96 -7.56 17.37
N THR F 64 29.23 -7.36 17.07
CA THR F 64 30.13 -8.47 16.76
C THR F 64 30.03 -9.53 17.83
N GLN F 65 29.90 -9.09 19.08
CA GLN F 65 29.77 -9.99 20.21
C GLN F 65 28.44 -10.74 20.17
N LYS F 66 27.34 -10.00 19.91
CA LYS F 66 26.01 -10.59 19.84
C LYS F 66 26.06 -11.68 18.81
N ALA F 67 26.63 -11.32 17.65
CA ALA F 67 26.81 -12.22 16.53
C ALA F 67 27.42 -13.55 16.98
N LYS F 68 28.49 -13.47 17.77
CA LYS F 68 29.14 -14.69 18.21
C LYS F 68 28.21 -15.55 19.05
N GLY F 69 27.40 -14.89 19.88
CA GLY F 69 26.46 -15.62 20.70
C GLY F 69 25.44 -16.34 19.84
N ASN F 70 24.72 -15.60 19.00
CA ASN F 70 23.70 -16.20 18.15
C ASN F 70 24.32 -17.18 17.14
N GLU F 71 25.64 -17.16 17.01
CA GLU F 71 26.29 -18.10 16.11
C GLU F 71 26.14 -19.50 16.72
N GLN F 72 26.50 -19.60 18.01
CA GLN F 72 26.36 -20.86 18.74
C GLN F 72 24.90 -21.25 18.73
N SER F 73 24.05 -20.31 19.12
CA SER F 73 22.62 -20.53 19.12
C SER F 73 22.25 -21.33 17.89
N PHE F 74 22.77 -20.90 16.74
CA PHE F 74 22.48 -21.56 15.48
C PHE F 74 23.22 -22.88 15.29
N ARG F 75 24.42 -23.00 15.86
CA ARG F 75 25.16 -24.25 15.74
C ARG F 75 24.34 -25.34 16.42
N VAL F 76 23.68 -24.98 17.52
CA VAL F 76 22.86 -25.93 18.26
C VAL F 76 21.48 -26.06 17.63
N SER F 77 20.94 -24.96 17.15
CA SER F 77 19.66 -25.03 16.47
C SER F 77 19.88 -26.10 15.39
N LEU F 78 20.96 -25.93 14.62
CA LEU F 78 21.30 -26.90 13.57
C LEU F 78 21.24 -28.32 14.10
N ARG F 79 22.15 -28.60 15.02
CA ARG F 79 22.26 -29.89 15.67
C ARG F 79 20.91 -30.37 16.16
N THR F 80 20.14 -29.45 16.74
CA THR F 80 18.83 -29.76 17.28
C THR F 80 17.82 -30.07 16.17
N LEU F 81 17.78 -29.21 15.17
CA LEU F 81 16.86 -29.39 14.07
C LEU F 81 17.11 -30.73 13.38
N LEU F 82 18.39 -31.05 13.19
CA LEU F 82 18.75 -32.31 12.57
C LEU F 82 17.85 -33.41 13.09
N GLY F 83 18.13 -33.85 14.32
CA GLY F 83 17.38 -34.91 14.95
C GLY F 83 15.87 -34.84 14.74
N TYR F 84 15.30 -33.64 14.83
CA TYR F 84 13.86 -33.47 14.68
C TYR F 84 13.27 -34.35 13.58
N TYR F 85 14.00 -34.48 12.48
CA TYR F 85 13.53 -35.24 11.33
C TYR F 85 14.30 -36.52 11.10
N ASN F 86 15.14 -36.89 12.06
CA ASN F 86 15.94 -38.10 11.95
C ASN F 86 16.89 -37.98 10.76
N GLN F 87 17.42 -36.77 10.57
CA GLN F 87 18.36 -36.49 9.50
C GLN F 87 19.70 -37.11 9.89
N SER F 88 19.99 -38.30 9.37
CA SER F 88 21.26 -38.94 9.68
C SER F 88 22.39 -38.03 9.25
N ALA F 89 23.18 -37.57 10.22
CA ALA F 89 24.31 -36.67 9.97
C ALA F 89 25.18 -37.15 8.81
N GLY F 90 26.32 -36.49 8.63
CA GLY F 90 27.23 -36.85 7.56
C GLY F 90 27.23 -35.79 6.48
N GLY F 91 26.04 -35.28 6.15
CA GLY F 91 25.90 -34.27 5.12
C GLY F 91 25.67 -32.86 5.65
N SER F 92 25.79 -31.88 4.77
CA SER F 92 25.63 -30.47 5.14
C SER F 92 24.21 -29.94 5.03
N HIS F 93 23.83 -29.10 6.00
CA HIS F 93 22.52 -28.49 6.03
C HIS F 93 22.63 -26.98 6.26
N THR F 94 21.62 -26.24 5.83
CA THR F 94 21.63 -24.78 5.93
C THR F 94 20.55 -24.22 6.86
N ILE F 95 20.62 -22.91 7.14
CA ILE F 95 19.66 -22.19 7.97
C ILE F 95 19.62 -20.74 7.49
N GLN F 96 18.42 -20.18 7.35
CA GLN F 96 18.24 -18.80 6.89
C GLN F 96 17.16 -18.13 7.70
N VAL F 97 17.40 -16.90 8.15
CA VAL F 97 16.43 -16.20 9.00
C VAL F 97 15.76 -14.93 8.42
N ILE F 98 14.43 -14.93 8.43
CA ILE F 98 13.63 -13.81 7.96
C ILE F 98 13.00 -13.11 9.16
N SER F 99 13.66 -12.08 9.67
CA SER F 99 13.13 -11.36 10.82
C SER F 99 13.37 -9.86 10.71
N GLY F 100 12.30 -9.08 10.90
CA GLY F 100 12.39 -7.63 10.81
C GLY F 100 11.08 -6.90 11.06
N CYS F 101 11.12 -5.58 10.89
CA CYS F 101 9.95 -4.73 11.10
C CYS F 101 9.65 -3.79 9.92
N GLU F 102 8.36 -3.61 9.64
CA GLU F 102 7.90 -2.72 8.59
C GLU F 102 7.13 -1.57 9.21
N VAL F 103 7.76 -0.40 9.30
CA VAL F 103 7.09 0.74 9.89
C VAL F 103 6.61 1.67 8.78
N GLY F 104 5.42 2.22 8.94
CA GLY F 104 4.87 3.12 7.94
C GLY F 104 5.38 4.53 8.19
N SER F 105 5.02 5.44 7.30
CA SER F 105 5.45 6.84 7.40
C SER F 105 5.03 7.48 8.71
N ASP F 106 3.94 7.00 9.30
CA ASP F 106 3.45 7.56 10.55
C ASP F 106 4.18 6.95 11.76
N GLY F 107 5.00 5.94 11.50
CA GLY F 107 5.75 5.29 12.56
C GLY F 107 5.06 4.09 13.15
N ARG F 108 3.88 3.75 12.61
CA ARG F 108 3.11 2.62 13.09
C ARG F 108 3.83 1.35 12.66
N LEU F 109 3.11 0.22 12.69
CA LEU F 109 3.66 -1.05 12.28
C LEU F 109 2.72 -1.64 11.25
N LEU F 110 3.23 -1.94 10.07
CA LEU F 110 2.39 -2.50 9.03
C LEU F 110 2.32 -4.02 9.19
N ARG F 111 3.46 -4.62 9.54
CA ARG F 111 3.50 -6.06 9.71
C ARG F 111 4.80 -6.54 10.34
N GLY F 112 4.68 -7.53 11.22
CA GLY F 112 5.82 -8.12 11.88
C GLY F 112 5.88 -9.57 11.46
N TYR F 113 6.93 -9.94 10.75
CA TYR F 113 7.07 -11.32 10.29
C TYR F 113 8.21 -12.06 10.94
N GLN F 114 8.20 -13.38 10.79
CA GLN F 114 9.25 -14.22 11.36
C GLN F 114 9.14 -15.60 10.74
N GLN F 115 10.22 -16.02 10.09
CA GLN F 115 10.27 -17.30 9.41
C GLN F 115 11.71 -17.82 9.37
N TYR F 116 11.87 -19.14 9.31
CA TYR F 116 13.18 -19.75 9.25
C TYR F 116 13.28 -20.67 8.04
N ALA F 117 14.47 -20.75 7.45
CA ALA F 117 14.67 -21.60 6.30
C ALA F 117 15.57 -22.78 6.63
N TYR F 118 14.99 -23.98 6.58
CA TYR F 118 15.72 -25.21 6.84
C TYR F 118 15.99 -25.88 5.50
N ASP F 119 17.28 -26.01 5.14
CA ASP F 119 17.67 -26.62 3.88
C ASP F 119 16.91 -26.03 2.68
N GLY F 120 16.20 -24.94 2.88
CA GLY F 120 15.48 -24.31 1.79
C GLY F 120 13.98 -24.24 1.96
N CYS F 121 13.50 -24.45 3.18
CA CYS F 121 12.06 -24.39 3.43
C CYS F 121 11.70 -23.75 4.77
N ASP F 122 10.52 -23.15 4.81
CA ASP F 122 10.06 -22.48 6.02
C ASP F 122 9.88 -23.45 7.17
N TYR F 123 10.05 -22.92 8.38
CA TYR F 123 9.90 -23.71 9.60
C TYR F 123 8.53 -23.39 10.17
N ILE F 124 8.44 -22.28 10.89
CA ILE F 124 7.17 -21.83 11.44
C ILE F 124 7.07 -20.34 11.15
N ALA F 125 5.85 -19.88 10.87
CA ALA F 125 5.65 -18.47 10.57
C ALA F 125 4.72 -17.84 11.60
N LEU F 126 5.10 -16.68 12.11
CA LEU F 126 4.27 -15.97 13.04
C LEU F 126 3.15 -15.31 12.23
N ASN F 127 1.93 -15.36 12.74
CA ASN F 127 0.80 -14.77 12.01
C ASN F 127 0.78 -13.24 12.13
N GLU F 128 -0.25 -12.63 11.54
CA GLU F 128 -0.41 -11.18 11.54
C GLU F 128 -1.18 -10.66 12.75
N ASP F 129 -1.24 -11.46 13.80
CA ASP F 129 -1.90 -11.06 15.03
C ASP F 129 -0.78 -10.97 16.04
N LEU F 130 0.39 -11.44 15.61
CA LEU F 130 1.55 -11.43 16.46
C LEU F 130 1.12 -12.14 17.73
N LYS F 131 0.23 -13.11 17.56
CA LYS F 131 -0.29 -13.89 18.68
C LYS F 131 -0.26 -15.39 18.46
N THR F 132 -0.49 -15.84 17.22
CA THR F 132 -0.49 -17.27 16.93
C THR F 132 0.38 -17.62 15.74
N TRP F 133 0.82 -18.87 15.70
CA TRP F 133 1.65 -19.35 14.61
C TRP F 133 0.75 -20.12 13.64
N THR F 134 1.34 -20.59 12.55
CA THR F 134 0.60 -21.37 11.56
C THR F 134 1.56 -22.16 10.69
N ALA F 135 1.20 -23.40 10.40
CA ALA F 135 2.04 -24.26 9.57
C ALA F 135 1.36 -25.57 9.19
N ALA F 136 1.95 -26.24 8.20
CA ALA F 136 1.47 -27.54 7.72
C ALA F 136 2.60 -28.53 8.04
N ASP F 137 3.55 -28.04 8.83
CA ASP F 137 4.75 -28.77 9.22
C ASP F 137 4.79 -29.16 10.70
N MET F 138 4.94 -30.45 10.97
CA MET F 138 5.04 -30.91 12.36
C MET F 138 6.43 -30.51 12.82
N ALA F 139 7.29 -30.28 11.83
CA ALA F 139 8.66 -29.88 12.04
C ALA F 139 8.76 -28.81 13.12
N ALA F 140 8.41 -27.59 12.75
CA ALA F 140 8.46 -26.44 13.65
C ALA F 140 7.61 -26.59 14.91
N LEU F 141 6.68 -27.54 14.91
CA LEU F 141 5.82 -27.77 16.07
C LEU F 141 6.65 -28.09 17.30
N ILE F 142 7.72 -28.86 17.11
CA ILE F 142 8.58 -29.23 18.23
C ILE F 142 9.13 -27.96 18.89
N THR F 143 9.41 -26.96 18.06
CA THR F 143 9.93 -25.67 18.54
C THR F 143 8.81 -24.63 18.67
N LYS F 144 7.66 -24.94 18.08
CA LYS F 144 6.50 -24.07 18.16
C LYS F 144 6.16 -24.04 19.63
N HIS F 145 6.07 -25.23 20.20
CA HIS F 145 5.74 -25.43 21.60
C HIS F 145 6.89 -25.09 22.53
N LYS F 146 8.12 -25.24 22.05
CA LYS F 146 9.30 -24.92 22.87
C LYS F 146 9.33 -23.41 23.17
N TRP F 147 8.38 -22.68 22.60
CA TRP F 147 8.23 -21.25 22.80
C TRP F 147 6.81 -21.10 23.32
N GLU F 148 5.90 -21.82 22.66
CA GLU F 148 4.49 -21.84 22.99
C GLU F 148 4.30 -22.57 24.31
N GLN F 149 5.38 -22.62 25.09
CA GLN F 149 5.42 -23.25 26.39
C GLN F 149 6.59 -22.65 27.15
N ALA F 150 7.24 -21.67 26.52
CA ALA F 150 8.38 -20.97 27.11
C ALA F 150 8.16 -19.46 26.98
N GLY F 151 6.96 -19.07 26.57
CA GLY F 151 6.63 -17.67 26.42
C GLY F 151 7.51 -16.88 25.46
N GLU F 152 8.22 -17.57 24.57
CA GLU F 152 9.08 -16.90 23.59
C GLU F 152 8.23 -16.31 22.46
N ALA F 153 7.18 -17.03 22.07
CA ALA F 153 6.29 -16.57 21.01
C ALA F 153 5.69 -15.21 21.36
N GLU F 154 6.16 -14.65 22.47
CA GLU F 154 5.69 -13.36 22.94
C GLU F 154 6.89 -12.45 23.21
N ARG F 155 8.09 -13.02 23.17
CA ARG F 155 9.32 -12.25 23.40
C ARG F 155 9.71 -11.51 22.12
N LEU F 156 9.11 -11.89 21.01
CA LEU F 156 9.39 -11.25 19.73
C LEU F 156 8.96 -9.81 19.80
N ARG F 157 7.73 -9.61 20.24
CA ARG F 157 7.15 -8.28 20.36
C ARG F 157 8.19 -7.25 20.79
N ALA F 158 8.73 -7.41 21.99
CA ALA F 158 9.73 -6.49 22.54
C ALA F 158 10.70 -5.96 21.47
N TYR F 159 11.48 -6.85 20.89
CA TYR F 159 12.43 -6.49 19.84
C TYR F 159 11.68 -5.92 18.65
N LEU F 160 10.73 -6.70 18.14
CA LEU F 160 9.94 -6.30 16.98
C LEU F 160 9.18 -4.98 17.16
N GLU F 161 8.38 -4.85 18.21
CA GLU F 161 7.60 -3.62 18.41
C GLU F 161 8.48 -2.53 19.00
N GLY F 162 9.56 -2.92 19.66
CA GLY F 162 10.46 -1.97 20.29
C GLY F 162 11.84 -1.87 19.65
N THR F 163 12.77 -2.68 20.17
CA THR F 163 14.14 -2.69 19.68
C THR F 163 14.25 -2.46 18.17
N CYS F 164 13.55 -3.28 17.38
CA CYS F 164 13.61 -3.16 15.92
C CYS F 164 13.29 -1.75 15.47
N VAL F 165 11.98 -1.45 15.45
CA VAL F 165 11.51 -0.13 15.07
C VAL F 165 12.47 0.91 15.65
N GLU F 166 12.88 0.72 16.90
CA GLU F 166 13.78 1.65 17.58
C GLU F 166 15.06 1.89 16.78
N TRP F 167 15.70 0.82 16.32
CA TRP F 167 16.95 0.93 15.58
C TRP F 167 16.78 1.37 14.13
N LEU F 168 15.79 0.80 13.45
CA LEU F 168 15.51 1.18 12.07
C LEU F 168 15.58 2.68 11.95
N ARG F 169 15.05 3.37 12.97
CA ARG F 169 15.02 4.83 13.00
C ARG F 169 16.41 5.44 13.04
N ARG F 170 17.34 4.80 13.74
CA ARG F 170 18.69 5.35 13.85
C ARG F 170 19.44 5.24 12.53
N TYR F 171 19.48 4.04 11.96
CA TYR F 171 20.17 3.84 10.71
C TYR F 171 19.73 4.92 9.73
N LEU F 172 18.41 5.07 9.61
CA LEU F 172 17.80 6.07 8.73
C LEU F 172 18.31 7.44 9.08
N LYS F 173 18.47 7.70 10.37
CA LYS F 173 18.95 8.99 10.84
C LYS F 173 20.26 9.42 10.17
N ASN F 174 21.22 8.51 10.09
CA ASN F 174 22.52 8.81 9.49
C ASN F 174 22.60 8.48 8.00
N GLY F 175 22.12 7.31 7.62
CA GLY F 175 22.16 6.93 6.22
C GLY F 175 21.03 7.54 5.41
N ASN F 176 20.36 8.56 5.95
CA ASN F 176 19.27 9.19 5.23
C ASN F 176 19.63 9.51 3.78
N ALA F 177 20.40 10.58 3.58
CA ALA F 177 20.79 10.99 2.24
C ALA F 177 21.11 9.78 1.36
N THR F 178 21.91 8.86 1.90
CA THR F 178 22.31 7.66 1.17
C THR F 178 21.15 6.81 0.71
N LEU F 179 20.42 6.21 1.65
CA LEU F 179 19.30 5.32 1.30
C LEU F 179 18.35 5.94 0.29
N LEU F 180 17.91 7.17 0.55
CA LEU F 180 16.99 7.82 -0.36
C LEU F 180 17.76 8.53 -1.48
N ARG F 181 18.05 7.78 -2.54
CA ARG F 181 18.77 8.30 -3.69
C ARG F 181 18.36 7.45 -4.88
N THR F 182 18.08 8.10 -6.00
CA THR F 182 17.66 7.36 -7.19
C THR F 182 18.46 7.66 -8.44
N ASP F 183 18.57 6.64 -9.29
CA ASP F 183 19.22 6.77 -10.59
C ASP F 183 18.15 6.45 -11.61
N SER F 184 17.81 7.44 -12.42
CA SER F 184 16.81 7.27 -13.47
C SER F 184 17.38 6.31 -14.48
N PRO F 185 16.53 5.47 -15.08
CA PRO F 185 17.03 4.57 -16.10
C PRO F 185 17.11 5.28 -17.44
N LYS F 186 17.96 4.77 -18.31
CA LYS F 186 18.11 5.34 -19.63
C LYS F 186 17.68 4.21 -20.53
N ALA F 187 16.73 4.49 -21.42
CA ALA F 187 16.20 3.45 -22.30
C ALA F 187 16.40 3.73 -23.79
N HIS F 188 16.45 2.65 -24.55
CA HIS F 188 16.63 2.70 -25.99
C HIS F 188 16.07 1.38 -26.48
N VAL F 189 15.73 1.30 -27.77
CA VAL F 189 15.20 0.07 -28.31
C VAL F 189 16.09 -0.43 -29.42
N THR F 190 16.23 -1.75 -29.51
CA THR F 190 17.03 -2.39 -30.56
C THR F 190 16.12 -3.24 -31.44
N HIS F 191 16.44 -3.24 -32.73
CA HIS F 191 15.67 -3.98 -33.73
C HIS F 191 16.44 -5.28 -33.97
N HIS F 192 15.71 -6.38 -34.11
CA HIS F 192 16.36 -7.68 -34.36
C HIS F 192 15.63 -8.49 -35.41
N SER F 193 16.34 -8.83 -36.49
CA SER F 193 15.77 -9.58 -37.60
C SER F 193 15.36 -10.97 -37.19
N ARG F 194 14.29 -11.44 -37.79
CA ARG F 194 13.76 -12.76 -37.49
C ARG F 194 13.14 -13.35 -38.77
N PRO F 195 12.99 -14.67 -38.84
CA PRO F 195 12.39 -15.26 -40.03
C PRO F 195 10.94 -14.82 -40.24
N GLU F 196 10.30 -15.36 -41.28
CA GLU F 196 8.92 -15.03 -41.61
C GLU F 196 8.62 -13.53 -41.65
N ASP F 197 9.59 -12.72 -42.05
CA ASP F 197 9.35 -11.29 -42.14
C ASP F 197 8.97 -10.68 -40.80
N LYS F 198 9.55 -11.19 -39.73
CA LYS F 198 9.26 -10.66 -38.40
C LYS F 198 10.50 -10.12 -37.72
N VAL F 199 10.30 -9.31 -36.70
CA VAL F 199 11.41 -8.75 -35.96
C VAL F 199 11.05 -8.75 -34.49
N THR F 200 12.06 -8.73 -33.64
CA THR F 200 11.80 -8.66 -32.21
C THR F 200 12.33 -7.33 -31.75
N LEU F 201 11.44 -6.51 -31.21
CA LEU F 201 11.83 -5.23 -30.69
C LEU F 201 12.27 -5.48 -29.27
N ARG F 202 13.35 -4.84 -28.84
CA ARG F 202 13.85 -5.02 -27.50
C ARG F 202 14.00 -3.69 -26.83
N CYS F 203 13.24 -3.49 -25.76
CA CYS F 203 13.29 -2.27 -25.00
C CYS F 203 14.24 -2.45 -23.82
N TRP F 204 15.26 -1.61 -23.76
CA TRP F 204 16.26 -1.68 -22.70
C TRP F 204 16.21 -0.53 -21.69
N ALA F 205 16.48 -0.87 -20.43
CA ALA F 205 16.55 0.12 -19.35
C ALA F 205 17.89 -0.12 -18.71
N LEU F 206 18.70 0.92 -18.61
CA LEU F 206 20.05 0.76 -18.08
C LEU F 206 20.44 1.69 -16.96
N GLY F 207 21.20 1.14 -16.03
CA GLY F 207 21.72 1.87 -14.88
C GLY F 207 20.72 2.64 -14.06
N PHE F 208 19.69 1.94 -13.59
CA PHE F 208 18.66 2.58 -12.78
C PHE F 208 18.67 2.01 -11.36
N TYR F 209 18.29 2.84 -10.39
CA TYR F 209 18.25 2.44 -9.00
C TYR F 209 17.17 3.28 -8.31
N PRO F 210 16.35 2.71 -7.43
CA PRO F 210 16.31 1.29 -7.02
C PRO F 210 16.12 0.31 -8.16
N ALA F 211 15.82 -0.95 -7.85
CA ALA F 211 15.67 -1.97 -8.88
C ALA F 211 14.23 -2.20 -9.31
N ASP F 212 13.28 -1.65 -8.54
CA ASP F 212 11.88 -1.79 -8.89
C ASP F 212 11.70 -1.02 -10.19
N ILE F 213 11.09 -1.64 -11.19
CA ILE F 213 10.86 -1.00 -12.49
C ILE F 213 9.79 -1.75 -13.25
N THR F 214 9.24 -1.10 -14.26
CA THR F 214 8.21 -1.71 -15.09
C THR F 214 8.38 -1.30 -16.54
N LEU F 215 8.43 -2.30 -17.41
CA LEU F 215 8.58 -2.10 -18.84
C LEU F 215 7.38 -2.74 -19.54
N THR F 216 6.79 -2.06 -20.50
CA THR F 216 5.64 -2.66 -21.19
C THR F 216 5.60 -2.34 -22.68
N TRP F 217 4.93 -3.23 -23.40
CA TRP F 217 4.79 -3.08 -24.83
C TRP F 217 3.33 -2.98 -25.22
N GLN F 218 3.01 -1.91 -25.93
CA GLN F 218 1.65 -1.74 -26.40
C GLN F 218 1.60 -1.41 -27.88
N LEU F 219 0.48 -1.77 -28.51
CA LEU F 219 0.28 -1.57 -29.94
C LEU F 219 -0.90 -0.62 -30.23
N ASN F 220 -0.55 0.64 -30.49
CA ASN F 220 -1.52 1.70 -30.80
C ASN F 220 -2.82 1.47 -30.15
N GLY F 221 -2.56 1.61 -28.96
CA GLY F 221 -3.48 1.44 -27.91
C GLY F 221 -3.82 -0.03 -27.47
N GLU F 222 -3.11 -0.64 -26.53
CA GLU F 222 -3.44 -1.89 -25.79
C GLU F 222 -2.12 -2.32 -25.14
N GLU F 223 -2.08 -3.30 -24.26
CA GLU F 223 -0.78 -3.59 -23.60
C GLU F 223 -0.63 -5.11 -23.79
N LEU F 224 0.29 -5.49 -24.69
CA LEU F 224 0.67 -6.87 -25.02
C LEU F 224 1.26 -7.63 -23.84
N ILE F 225 0.54 -8.64 -23.36
CA ILE F 225 1.02 -9.43 -22.20
C ILE F 225 0.89 -10.94 -22.31
N GLN F 226 1.10 -11.50 -23.50
CA GLN F 226 1.00 -12.96 -23.64
C GLN F 226 1.96 -13.58 -24.66
N ASP F 227 2.80 -12.75 -25.29
CA ASP F 227 3.75 -13.24 -26.28
C ASP F 227 4.94 -12.30 -26.39
N MET F 228 5.18 -11.53 -25.33
CA MET F 228 6.30 -10.62 -25.27
C MET F 228 7.15 -11.08 -24.08
N GLU F 229 8.44 -11.27 -24.29
CA GLU F 229 9.32 -11.76 -23.24
C GLU F 229 9.89 -10.65 -22.36
N LEU F 230 10.03 -10.95 -21.07
CA LEU F 230 10.56 -10.02 -20.08
C LEU F 230 11.64 -10.78 -19.30
N VAL F 231 12.80 -10.18 -19.11
CA VAL F 231 13.90 -10.82 -18.38
C VAL F 231 13.86 -10.42 -16.90
N GLU F 232 14.38 -11.29 -16.03
CA GLU F 232 14.43 -10.99 -14.61
C GLU F 232 15.36 -9.78 -14.51
N THR F 233 15.17 -8.94 -13.49
CA THR F 233 16.02 -7.77 -13.32
C THR F 233 17.41 -8.20 -12.84
N ARG F 234 18.44 -7.52 -13.33
CA ARG F 234 19.81 -7.88 -12.99
C ARG F 234 20.72 -6.69 -12.67
N PRO F 235 21.62 -6.88 -11.71
CA PRO F 235 22.56 -5.83 -11.33
C PRO F 235 23.68 -5.66 -12.34
N ALA F 236 24.04 -4.39 -12.57
CA ALA F 236 25.12 -4.09 -13.47
C ALA F 236 26.35 -4.61 -12.76
N GLY F 237 26.67 -3.96 -11.65
CA GLY F 237 27.80 -4.31 -10.82
C GLY F 237 28.31 -3.05 -10.17
N ASP F 238 27.47 -2.02 -10.18
CA ASP F 238 27.81 -0.74 -9.59
C ASP F 238 26.60 -0.26 -8.80
N GLY F 239 25.72 -1.19 -8.49
CA GLY F 239 24.52 -0.87 -7.75
C GLY F 239 23.32 -0.65 -8.65
N THR F 240 23.55 -0.14 -9.86
CA THR F 240 22.42 0.08 -10.76
C THR F 240 22.03 -1.26 -11.31
N PHE F 241 20.89 -1.31 -11.98
CA PHE F 241 20.37 -2.54 -12.55
C PHE F 241 19.95 -2.32 -13.99
N GLN F 242 19.56 -3.40 -14.64
CA GLN F 242 19.13 -3.34 -16.02
C GLN F 242 17.98 -4.32 -16.19
N LYS F 243 17.27 -4.17 -17.29
CA LYS F 243 16.18 -5.05 -17.61
C LYS F 243 15.76 -4.71 -19.02
N TRP F 244 15.15 -5.67 -19.71
CA TRP F 244 14.65 -5.42 -21.03
C TRP F 244 13.44 -6.28 -21.23
N ALA F 245 12.56 -5.83 -22.11
CA ALA F 245 11.38 -6.57 -22.46
C ALA F 245 11.36 -6.43 -23.95
N SER F 246 10.92 -7.47 -24.63
CA SER F 246 10.85 -7.42 -26.08
C SER F 246 9.53 -8.04 -26.52
N VAL F 247 9.20 -7.84 -27.78
CA VAL F 247 7.96 -8.35 -28.31
C VAL F 247 8.25 -8.72 -29.76
N VAL F 248 7.43 -9.59 -30.34
CA VAL F 248 7.61 -9.99 -31.74
C VAL F 248 6.60 -9.29 -32.64
N VAL F 249 7.06 -8.64 -33.71
CA VAL F 249 6.17 -7.91 -34.62
C VAL F 249 6.46 -8.11 -36.12
N PRO F 250 5.52 -7.71 -36.98
CA PRO F 250 5.72 -7.83 -38.43
C PRO F 250 6.58 -6.75 -39.06
N LEU F 251 7.38 -7.15 -40.03
CA LEU F 251 8.23 -6.22 -40.76
C LEU F 251 7.33 -5.13 -41.33
N GLY F 252 7.76 -3.87 -41.23
CA GLY F 252 6.99 -2.76 -41.76
C GLY F 252 5.90 -2.21 -40.85
N LYS F 253 5.76 -2.76 -39.65
CA LYS F 253 4.75 -2.33 -38.72
C LYS F 253 5.34 -1.93 -37.39
N GLU F 254 6.67 -1.99 -37.29
CA GLU F 254 7.39 -1.71 -36.04
C GLU F 254 6.99 -0.40 -35.36
N GLN F 255 6.81 0.65 -36.16
CA GLN F 255 6.52 2.00 -35.67
C GLN F 255 5.18 2.23 -34.97
N TYR F 256 4.40 1.20 -34.75
CA TYR F 256 3.12 1.38 -34.08
C TYR F 256 3.21 0.93 -32.64
N TYR F 257 4.24 0.14 -32.34
CA TYR F 257 4.43 -0.38 -31.00
C TYR F 257 5.21 0.63 -30.18
N THR F 258 4.90 0.72 -28.90
CA THR F 258 5.64 1.64 -28.05
C THR F 258 6.02 0.99 -26.74
N CYS F 259 7.19 1.37 -26.27
CA CYS F 259 7.69 0.89 -25.01
C CYS F 259 7.49 1.97 -23.96
N HIS F 260 6.97 1.61 -22.81
CA HIS F 260 6.79 2.55 -21.69
C HIS F 260 7.64 2.03 -20.56
N VAL F 261 8.38 2.92 -19.91
CA VAL F 261 9.23 2.53 -18.80
C VAL F 261 8.84 3.35 -17.57
N TYR F 262 8.46 2.64 -16.52
CA TYR F 262 8.00 3.22 -15.26
C TYR F 262 9.01 3.07 -14.14
N HIS F 263 9.48 4.19 -13.61
CA HIS F 263 10.48 4.18 -12.54
C HIS F 263 10.25 5.36 -11.62
N GLN F 264 10.37 5.14 -10.33
CA GLN F 264 10.16 6.21 -9.35
C GLN F 264 11.17 7.36 -9.52
N GLY F 265 12.27 7.11 -10.22
CA GLY F 265 13.27 8.14 -10.43
C GLY F 265 12.96 9.09 -11.57
N LEU F 266 11.99 8.71 -12.41
CA LEU F 266 11.58 9.52 -13.55
C LEU F 266 10.54 10.58 -13.20
N PRO F 267 10.63 11.74 -13.85
CA PRO F 267 9.67 12.82 -13.61
C PRO F 267 8.37 12.38 -14.25
N GLU F 268 8.48 11.40 -15.13
CA GLU F 268 7.35 10.84 -15.85
C GLU F 268 7.86 9.65 -16.64
N PRO F 269 7.01 8.67 -16.89
CA PRO F 269 7.42 7.48 -17.62
C PRO F 269 7.98 7.76 -19.01
N LEU F 270 8.91 6.93 -19.45
CA LEU F 270 9.54 7.10 -20.74
C LEU F 270 8.74 6.39 -21.80
N THR F 271 8.70 6.99 -22.99
CA THR F 271 7.99 6.42 -24.10
C THR F 271 8.93 6.33 -25.28
N LEU F 272 9.28 5.15 -25.71
CA LEU F 272 10.14 5.05 -26.87
C LEU F 272 9.55 4.17 -27.95
N ARG F 273 9.66 4.67 -29.16
CA ARG F 273 9.13 4.04 -30.34
C ARG F 273 10.33 3.82 -31.26
N TRP F 274 10.26 2.82 -32.13
CA TRP F 274 11.33 2.57 -33.06
C TRP F 274 10.88 3.08 -34.41
N ILE G 1 -30.76 6.16 1.20
CA ILE G 1 -31.75 6.88 2.08
C ILE G 1 -31.15 8.13 2.69
N GLN G 2 -31.56 8.37 3.94
CA GLN G 2 -31.08 9.49 4.72
C GLN G 2 -30.15 9.03 5.82
N LYS G 3 -29.17 9.85 6.14
CA LYS G 3 -28.25 9.54 7.22
C LYS G 3 -28.33 10.61 8.28
N THR G 4 -28.21 10.19 9.53
CA THR G 4 -28.27 11.12 10.64
C THR G 4 -26.98 11.93 10.74
N PRO G 5 -27.07 13.24 10.87
CA PRO G 5 -25.85 14.00 10.99
C PRO G 5 -25.20 13.84 12.35
N GLN G 6 -23.88 13.81 12.34
CA GLN G 6 -23.10 13.72 13.56
C GLN G 6 -22.59 15.14 13.77
N ILE G 7 -22.57 15.60 15.01
CA ILE G 7 -22.16 16.96 15.29
C ILE G 7 -21.06 17.03 16.32
N GLN G 8 -20.18 18.02 16.17
CA GLN G 8 -19.11 18.26 17.11
C GLN G 8 -18.97 19.75 17.25
N VAL G 9 -19.02 20.25 18.48
CA VAL G 9 -18.89 21.67 18.72
C VAL G 9 -17.55 21.85 19.45
N TYR G 10 -16.69 22.70 18.94
CA TYR G 10 -15.37 22.89 19.57
C TYR G 10 -14.79 24.18 19.01
N SER G 11 -13.64 24.57 19.53
CA SER G 11 -13.01 25.81 19.10
C SER G 11 -11.68 25.60 18.41
N ARG G 12 -11.29 26.59 17.62
CA ARG G 12 -10.04 26.53 16.90
C ARG G 12 -8.88 26.38 17.89
N HIS G 13 -8.77 27.33 18.82
CA HIS G 13 -7.68 27.32 19.79
C HIS G 13 -8.10 26.96 21.23
N PRO G 14 -7.12 26.61 22.06
CA PRO G 14 -7.37 26.28 23.46
C PRO G 14 -8.19 27.38 24.13
N PRO G 15 -9.39 27.02 24.59
CA PRO G 15 -10.33 27.96 25.21
C PRO G 15 -9.77 28.74 26.39
N GLU G 16 -9.81 30.06 26.27
CA GLU G 16 -9.35 30.94 27.33
C GLU G 16 -10.40 31.99 27.57
N ASN G 17 -10.85 32.08 28.80
CA ASN G 17 -11.83 33.08 29.16
C ASN G 17 -11.27 34.47 28.91
N GLY G 18 -12.08 35.32 28.30
CA GLY G 18 -11.63 36.68 28.03
C GLY G 18 -10.81 36.83 26.76
N LYS G 19 -10.48 35.73 26.10
CA LYS G 19 -9.67 35.79 24.89
C LYS G 19 -10.43 35.40 23.61
N PRO G 20 -10.20 36.14 22.52
CA PRO G 20 -10.83 35.82 21.23
C PRO G 20 -10.49 34.43 20.72
N ASN G 21 -11.49 33.76 20.13
CA ASN G 21 -11.36 32.41 19.61
C ASN G 21 -12.42 32.19 18.52
N ILE G 22 -12.43 30.99 17.94
CA ILE G 22 -13.39 30.63 16.91
C ILE G 22 -14.18 29.41 17.39
N LEU G 23 -15.50 29.49 17.37
CA LEU G 23 -16.34 28.37 17.78
C LEU G 23 -16.73 27.63 16.53
N ASN G 24 -16.39 26.35 16.46
CA ASN G 24 -16.69 25.53 15.32
C ASN G 24 -17.86 24.59 15.56
N CYS G 25 -18.57 24.25 14.49
CA CYS G 25 -19.67 23.29 14.57
C CYS G 25 -19.56 22.46 13.31
N TYR G 26 -18.89 21.32 13.44
CA TYR G 26 -18.65 20.41 12.33
C TYR G 26 -19.75 19.35 12.29
N VAL G 27 -20.41 19.25 11.15
CA VAL G 27 -21.53 18.34 10.93
C VAL G 27 -21.25 17.36 9.77
N THR G 28 -21.36 16.08 10.05
CA THR G 28 -21.03 15.08 9.04
C THR G 28 -22.06 13.97 8.91
N GLN G 29 -21.68 13.00 8.08
CA GLN G 29 -22.46 11.81 7.84
C GLN G 29 -23.94 12.04 7.56
N PHE G 30 -24.28 13.10 6.84
CA PHE G 30 -25.68 13.34 6.54
C PHE G 30 -25.94 13.37 5.05
N HIS G 31 -27.15 12.97 4.70
CA HIS G 31 -27.58 12.90 3.32
C HIS G 31 -29.08 12.83 3.52
N PRO G 32 -29.91 13.59 2.78
CA PRO G 32 -29.64 14.50 1.66
C PRO G 32 -28.77 15.68 2.04
N PRO G 33 -28.33 16.47 1.07
CA PRO G 33 -27.48 17.64 1.35
C PRO G 33 -28.19 18.78 2.06
N HIS G 34 -29.50 18.89 1.94
CA HIS G 34 -30.20 19.99 2.59
C HIS G 34 -30.04 19.90 4.09
N ILE G 35 -29.85 21.04 4.74
CA ILE G 35 -29.67 21.07 6.19
C ILE G 35 -29.62 22.51 6.70
N GLU G 36 -30.11 22.73 7.91
CA GLU G 36 -30.12 24.04 8.52
C GLU G 36 -29.20 23.93 9.73
N ILE G 37 -28.18 24.78 9.79
CA ILE G 37 -27.23 24.78 10.90
C ILE G 37 -27.19 26.13 11.55
N GLN G 38 -27.62 26.18 12.81
CA GLN G 38 -27.59 27.44 13.55
C GLN G 38 -26.77 27.27 14.83
N MET G 39 -25.96 28.28 15.13
CA MET G 39 -25.14 28.28 16.32
C MET G 39 -25.77 29.25 17.31
N LEU G 40 -25.84 28.86 18.59
CA LEU G 40 -26.50 29.66 19.62
C LEU G 40 -25.62 30.11 20.78
N LYS G 41 -25.80 31.37 21.20
CA LYS G 41 -25.10 31.96 22.33
C LYS G 41 -26.16 32.22 23.41
N ASN G 42 -25.89 31.74 24.61
CA ASN G 42 -26.85 31.84 25.70
C ASN G 42 -28.25 31.58 25.13
N GLY G 43 -28.36 30.55 24.31
CA GLY G 43 -29.63 30.16 23.70
C GLY G 43 -30.17 31.01 22.57
N LYS G 44 -29.47 32.08 22.20
CA LYS G 44 -29.93 32.98 21.15
C LYS G 44 -29.06 32.88 19.90
N LYS G 45 -29.68 32.65 18.76
CA LYS G 45 -28.97 32.53 17.49
C LYS G 45 -27.93 33.63 17.28
N ILE G 46 -26.71 33.24 16.94
CA ILE G 46 -25.65 34.20 16.67
C ILE G 46 -25.99 34.85 15.34
N PRO G 47 -25.72 36.15 15.21
CA PRO G 47 -25.99 36.94 14.01
C PRO G 47 -25.41 36.43 12.72
N LYS G 48 -24.12 36.12 12.68
CA LYS G 48 -23.54 35.64 11.45
C LYS G 48 -22.54 34.52 11.63
N VAL G 49 -22.99 33.31 11.27
CA VAL G 49 -22.16 32.14 11.33
C VAL G 49 -21.66 31.89 9.90
N GLU G 50 -20.37 31.69 9.76
CA GLU G 50 -19.78 31.43 8.45
C GLU G 50 -19.94 29.94 8.14
N MET G 51 -20.35 29.64 6.92
CA MET G 51 -20.53 28.26 6.46
C MET G 51 -19.52 27.99 5.37
N SER G 52 -18.76 26.91 5.50
CA SER G 52 -17.80 26.56 4.47
C SER G 52 -18.61 26.05 3.29
N ASP G 53 -17.95 25.75 2.18
CA ASP G 53 -18.68 25.21 1.05
C ASP G 53 -18.99 23.76 1.45
N MET G 54 -19.98 23.14 0.84
CA MET G 54 -20.28 21.78 1.20
C MET G 54 -19.57 20.72 0.34
N SER G 55 -19.10 19.68 1.02
CA SER G 55 -18.40 18.59 0.34
C SER G 55 -19.13 17.33 0.69
N PHE G 56 -18.69 16.23 0.09
CA PHE G 56 -19.22 14.92 0.42
C PHE G 56 -18.07 13.94 0.41
N SER G 57 -18.24 12.81 1.10
CA SER G 57 -17.16 11.84 1.24
C SER G 57 -17.30 10.61 0.37
N LYS G 58 -16.31 9.75 0.48
CA LYS G 58 -16.25 8.49 -0.27
C LYS G 58 -17.50 7.64 -0.09
N ASP G 59 -18.13 7.71 1.08
CA ASP G 59 -19.34 6.94 1.35
C ASP G 59 -20.59 7.72 0.97
N TRP G 60 -20.40 8.81 0.22
CA TRP G 60 -21.50 9.64 -0.27
C TRP G 60 -22.07 10.64 0.73
N SER G 61 -21.67 10.55 2.00
CA SER G 61 -22.22 11.45 3.00
C SER G 61 -21.61 12.85 2.89
N PHE G 62 -22.46 13.87 3.04
CA PHE G 62 -22.01 15.24 2.97
C PHE G 62 -21.49 15.73 4.30
N TYR G 63 -20.69 16.77 4.26
CA TYR G 63 -20.15 17.37 5.46
C TYR G 63 -19.99 18.86 5.28
N ILE G 64 -19.86 19.57 6.38
CA ILE G 64 -19.76 21.00 6.28
C ILE G 64 -19.35 21.60 7.61
N LEU G 65 -18.66 22.73 7.52
CA LEU G 65 -18.15 23.47 8.66
C LEU G 65 -18.83 24.81 8.85
N ALA G 66 -19.26 25.07 10.08
CA ALA G 66 -19.90 26.32 10.47
C ALA G 66 -19.05 26.85 11.59
N HIS G 67 -18.75 28.15 11.57
CA HIS G 67 -17.92 28.75 12.60
C HIS G 67 -18.24 30.22 12.86
N THR G 68 -17.87 30.70 14.05
CA THR G 68 -18.08 32.09 14.43
C THR G 68 -16.94 32.51 15.32
N GLU G 69 -16.66 33.79 15.31
CA GLU G 69 -15.61 34.32 16.16
C GLU G 69 -16.25 34.55 17.52
N PHE G 70 -15.53 34.18 18.59
CA PHE G 70 -16.06 34.37 19.93
C PHE G 70 -14.99 34.52 21.01
N THR G 71 -15.43 35.07 22.13
CA THR G 71 -14.57 35.27 23.27
C THR G 71 -15.34 34.66 24.40
N PRO G 72 -15.01 33.42 24.78
CA PRO G 72 -15.71 32.72 25.85
C PRO G 72 -15.48 33.30 27.24
N THR G 73 -16.55 33.37 28.03
CA THR G 73 -16.46 33.84 29.41
C THR G 73 -16.42 32.65 30.36
N GLU G 74 -17.03 32.78 31.53
CA GLU G 74 -17.05 31.67 32.49
C GLU G 74 -18.43 31.04 32.47
N THR G 75 -19.45 31.87 32.22
CA THR G 75 -20.84 31.43 32.26
C THR G 75 -21.62 31.44 30.96
N ASP G 76 -21.03 31.90 29.85
CA ASP G 76 -21.78 31.89 28.60
C ASP G 76 -21.96 30.44 28.13
N THR G 77 -22.98 30.20 27.32
CA THR G 77 -23.26 28.86 26.79
C THR G 77 -23.37 28.91 25.28
N TYR G 78 -22.72 27.99 24.59
CA TYR G 78 -22.80 27.94 23.15
C TYR G 78 -23.36 26.60 22.73
N ALA G 79 -24.15 26.62 21.68
CA ALA G 79 -24.73 25.40 21.18
C ALA G 79 -24.86 25.50 19.67
N CYS G 80 -25.06 24.36 19.06
CA CYS G 80 -25.24 24.30 17.63
C CYS G 80 -26.52 23.52 17.45
N ARG G 81 -27.45 24.06 16.66
CA ARG G 81 -28.73 23.42 16.43
C ARG G 81 -28.86 23.04 14.97
N VAL G 82 -29.02 21.75 14.71
CA VAL G 82 -29.10 21.32 13.34
C VAL G 82 -30.43 20.67 13.03
N LYS G 83 -31.06 21.15 11.96
CA LYS G 83 -32.33 20.63 11.49
C LYS G 83 -32.04 19.91 10.18
N HIS G 84 -32.52 18.66 10.07
CA HIS G 84 -32.32 17.87 8.88
C HIS G 84 -33.47 16.88 8.75
N ASP G 85 -33.91 16.62 7.53
CA ASP G 85 -35.04 15.71 7.31
C ASP G 85 -34.86 14.33 7.94
N SER G 86 -33.66 14.01 8.40
CA SER G 86 -33.40 12.70 9.01
C SER G 86 -33.83 12.66 10.47
N MET G 87 -34.15 13.83 11.01
CA MET G 87 -34.54 13.92 12.40
C MET G 87 -35.93 14.56 12.47
N ALA G 88 -36.77 14.04 13.37
CA ALA G 88 -38.12 14.58 13.54
C ALA G 88 -38.03 15.84 14.37
N GLU G 89 -36.92 15.95 15.10
CA GLU G 89 -36.69 17.09 15.97
C GLU G 89 -35.29 17.62 15.72
N PRO G 90 -35.12 18.94 15.68
CA PRO G 90 -33.77 19.45 15.46
C PRO G 90 -32.91 19.09 16.66
N LYS G 91 -31.64 18.81 16.42
CA LYS G 91 -30.73 18.48 17.49
C LYS G 91 -29.87 19.67 17.85
N THR G 92 -29.68 19.89 19.14
CA THR G 92 -28.86 20.99 19.61
C THR G 92 -27.77 20.37 20.47
N VAL G 93 -26.52 20.63 20.12
CA VAL G 93 -25.40 20.07 20.89
C VAL G 93 -24.66 21.27 21.43
N TYR G 94 -24.53 21.34 22.75
CA TYR G 94 -23.83 22.46 23.39
C TYR G 94 -22.34 22.23 23.34
N TRP G 95 -21.59 23.31 23.44
CA TRP G 95 -20.15 23.27 23.44
C TRP G 95 -19.72 22.85 24.83
N ASP G 96 -18.73 21.96 24.87
CA ASP G 96 -18.14 21.44 26.10
C ASP G 96 -16.65 21.75 25.95
N ARG G 97 -16.11 22.67 26.75
CA ARG G 97 -14.70 23.01 26.59
C ARG G 97 -13.76 21.82 26.71
N ASP G 98 -14.14 20.79 27.46
CA ASP G 98 -13.29 19.61 27.60
C ASP G 98 -13.60 18.53 26.55
N MET G 99 -14.22 18.92 25.44
CA MET G 99 -14.56 17.96 24.40
C MET G 99 -14.15 18.42 22.99
N ILE H 1 13.94 -27.01 -1.70
CA ILE H 1 14.59 -28.34 -1.77
C ILE H 1 16.01 -28.09 -2.23
N GLN H 2 16.11 -27.98 -3.55
CA GLN H 2 17.31 -27.65 -4.26
C GLN H 2 16.74 -27.49 -5.65
N LYS H 3 16.77 -26.28 -6.20
CA LYS H 3 16.17 -26.06 -7.52
C LYS H 3 17.09 -25.38 -8.53
N THR H 4 17.15 -25.99 -9.72
CA THR H 4 17.95 -25.51 -10.83
C THR H 4 18.07 -23.99 -10.87
N PRO H 5 19.29 -23.48 -10.84
CA PRO H 5 19.50 -22.02 -10.87
C PRO H 5 19.06 -21.36 -12.19
N GLN H 6 19.33 -20.05 -12.28
CA GLN H 6 19.00 -19.26 -13.45
C GLN H 6 20.24 -18.46 -13.80
N ILE H 7 20.60 -18.42 -15.08
CA ILE H 7 21.82 -17.69 -15.46
C ILE H 7 21.56 -16.55 -16.42
N GLN H 8 22.34 -15.49 -16.26
CA GLN H 8 22.29 -14.30 -17.10
C GLN H 8 23.68 -13.72 -17.24
N VAL H 9 24.29 -13.90 -18.41
CA VAL H 9 25.61 -13.35 -18.65
C VAL H 9 25.38 -12.09 -19.44
N TYR H 10 26.01 -10.99 -19.03
CA TYR H 10 25.80 -9.71 -19.69
C TYR H 10 26.92 -8.73 -19.37
N SER H 11 27.21 -7.81 -20.29
CA SER H 11 28.22 -6.79 -20.07
C SER H 11 27.59 -5.81 -19.11
N ARG H 12 28.32 -4.79 -18.70
CA ARG H 12 27.81 -3.83 -17.73
C ARG H 12 27.53 -2.52 -18.41
N HIS H 13 28.47 -2.13 -19.25
CA HIS H 13 28.33 -0.91 -20.01
C HIS H 13 28.12 -1.37 -21.44
N PRO H 14 27.47 -0.55 -22.26
CA PRO H 14 27.25 -0.91 -23.66
C PRO H 14 28.52 -1.43 -24.32
N PRO H 15 28.49 -2.66 -24.79
CA PRO H 15 29.68 -3.25 -25.42
C PRO H 15 30.24 -2.40 -26.55
N GLU H 16 31.52 -2.61 -26.85
CA GLU H 16 32.20 -1.89 -27.90
C GLU H 16 33.55 -2.55 -28.04
N ASN H 17 33.69 -3.36 -29.07
CA ASN H 17 34.93 -4.08 -29.33
C ASN H 17 36.19 -3.28 -28.99
N GLY H 18 37.14 -3.94 -28.35
CA GLY H 18 38.39 -3.31 -27.98
C GLY H 18 38.32 -2.41 -26.76
N LYS H 19 37.14 -2.32 -26.15
CA LYS H 19 36.97 -1.47 -24.96
C LYS H 19 36.78 -2.30 -23.70
N PRO H 20 37.73 -2.19 -22.76
CA PRO H 20 37.65 -2.93 -21.51
C PRO H 20 36.36 -2.62 -20.77
N ASN H 21 35.54 -3.64 -20.58
CA ASN H 21 34.27 -3.48 -19.90
C ASN H 21 34.36 -4.29 -18.60
N ILE H 22 33.27 -4.94 -18.23
CA ILE H 22 33.22 -5.79 -17.05
C ILE H 22 32.12 -6.81 -17.31
N LEU H 23 32.48 -8.07 -17.57
CA LEU H 23 31.47 -9.08 -17.84
C LEU H 23 30.78 -9.50 -16.54
N ASN H 24 29.54 -9.97 -16.65
CA ASN H 24 28.77 -10.38 -15.49
C ASN H 24 28.08 -11.72 -15.71
N CYS H 25 27.89 -12.45 -14.61
CA CYS H 25 27.19 -13.74 -14.62
C CYS H 25 26.39 -13.78 -13.33
N TYR H 26 25.08 -13.59 -13.45
CA TYR H 26 24.14 -13.56 -12.33
C TYR H 26 23.40 -14.88 -12.27
N VAL H 27 23.60 -15.64 -11.20
CA VAL H 27 22.93 -16.91 -11.04
C VAL H 27 21.89 -16.77 -9.95
N THR H 28 20.69 -17.31 -10.16
CA THR H 28 19.61 -17.14 -9.20
C THR H 28 18.58 -18.27 -9.12
N GLN H 29 17.73 -18.18 -8.09
CA GLN H 29 16.64 -19.13 -7.85
C GLN H 29 17.13 -20.56 -7.63
N PHE H 30 18.28 -20.69 -6.98
CA PHE H 30 18.83 -22.01 -6.70
C PHE H 30 18.99 -22.23 -5.19
N HIS H 31 19.47 -23.41 -4.82
CA HIS H 31 19.63 -23.83 -3.42
C HIS H 31 19.83 -25.32 -3.51
N PRO H 32 20.68 -25.94 -2.69
CA PRO H 32 21.58 -25.37 -1.67
C PRO H 32 22.47 -24.19 -2.10
N PRO H 33 23.03 -23.47 -1.12
CA PRO H 33 23.89 -22.28 -1.32
C PRO H 33 25.29 -22.45 -1.93
N HIS H 34 25.94 -23.59 -1.73
CA HIS H 34 27.28 -23.78 -2.29
C HIS H 34 27.17 -23.80 -3.80
N ILE H 35 28.14 -23.23 -4.51
CA ILE H 35 28.04 -23.22 -5.97
C ILE H 35 29.38 -23.12 -6.71
N GLU H 36 29.45 -23.85 -7.82
CA GLU H 36 30.62 -23.86 -8.67
C GLU H 36 30.34 -22.95 -9.86
N ILE H 37 31.07 -21.85 -9.95
CA ILE H 37 30.87 -20.89 -11.03
C ILE H 37 32.19 -20.33 -11.54
N GLN H 38 32.32 -20.22 -12.86
CA GLN H 38 33.53 -19.71 -13.48
C GLN H 38 33.26 -18.98 -14.81
N MET H 39 33.93 -17.85 -15.02
CA MET H 39 33.77 -17.04 -16.23
C MET H 39 34.84 -17.40 -17.27
N LEU H 40 34.41 -18.10 -18.31
CA LEU H 40 35.31 -18.56 -19.38
C LEU H 40 35.75 -17.43 -20.32
N LYS H 41 36.06 -17.84 -21.55
CA LYS H 41 36.52 -16.95 -22.61
C LYS H 41 37.15 -17.89 -23.63
N ASN H 42 36.33 -18.48 -24.48
CA ASN H 42 36.77 -19.43 -25.50
C ASN H 42 36.92 -20.83 -24.93
N GLY H 43 36.67 -20.99 -23.64
CA GLY H 43 36.78 -22.29 -23.00
C GLY H 43 37.82 -22.33 -21.88
N LYS H 44 38.81 -21.44 -21.98
CA LYS H 44 39.86 -21.35 -20.96
C LYS H 44 39.37 -20.55 -19.76
N LYS H 45 38.91 -21.27 -18.74
CA LYS H 45 38.40 -20.68 -17.51
C LYS H 45 39.27 -19.51 -17.06
N ILE H 46 38.66 -18.32 -16.97
CA ILE H 46 39.40 -17.12 -16.55
C ILE H 46 39.93 -17.27 -15.13
N PRO H 47 41.12 -16.73 -14.88
CA PRO H 47 41.77 -16.76 -13.57
C PRO H 47 41.01 -16.02 -12.48
N LYS H 48 41.08 -14.69 -12.50
CA LYS H 48 40.42 -13.88 -11.50
C LYS H 48 38.94 -13.65 -11.81
N VAL H 49 38.12 -14.44 -11.14
CA VAL H 49 36.67 -14.37 -11.30
C VAL H 49 36.04 -13.66 -10.07
N GLU H 50 36.61 -12.52 -9.70
CA GLU H 50 36.14 -11.74 -8.54
C GLU H 50 34.63 -11.73 -8.35
N MET H 51 34.18 -11.55 -7.10
CA MET H 51 32.74 -11.52 -6.81
C MET H 51 32.26 -11.05 -5.45
N SER H 52 30.93 -10.95 -5.39
CA SER H 52 30.18 -10.53 -4.21
C SER H 52 30.19 -11.60 -3.14
N ASP H 53 29.43 -11.36 -2.07
CA ASP H 53 29.30 -12.32 -0.99
C ASP H 53 28.17 -13.28 -1.30
N MET H 54 27.46 -13.72 -0.26
CA MET H 54 26.33 -14.61 -0.42
C MET H 54 25.10 -13.94 0.20
N SER H 55 24.04 -13.82 -0.60
CA SER H 55 22.78 -13.20 -0.17
C SER H 55 21.59 -13.94 -0.81
N PHE H 56 20.59 -14.29 0.00
CA PHE H 56 19.40 -14.97 -0.52
C PHE H 56 18.16 -14.07 -0.46
N SER H 57 17.25 -14.25 -1.42
CA SER H 57 16.05 -13.41 -1.50
C SER H 57 15.07 -13.71 -0.38
N LYS H 58 13.79 -13.51 -0.64
CA LYS H 58 12.76 -13.77 0.36
C LYS H 58 12.11 -15.13 0.14
N ASP H 59 12.03 -15.60 -1.11
CA ASP H 59 11.37 -16.88 -1.44
C ASP H 59 12.20 -18.05 -0.95
N TRP H 60 13.36 -17.66 -0.42
CA TRP H 60 14.38 -18.49 0.23
C TRP H 60 15.63 -18.68 -0.61
N SER H 61 15.54 -18.46 -1.93
CA SER H 61 16.67 -18.72 -2.83
C SER H 61 17.91 -17.86 -2.61
N PHE H 62 19.05 -18.46 -2.92
CA PHE H 62 20.33 -17.78 -2.83
C PHE H 62 20.57 -17.20 -4.21
N TYR H 63 21.42 -16.20 -4.28
CA TYR H 63 21.76 -15.61 -5.55
C TYR H 63 23.09 -14.95 -5.40
N ILE H 64 23.99 -15.30 -6.30
CA ILE H 64 25.32 -14.74 -6.26
C ILE H 64 25.66 -14.29 -7.67
N LEU H 65 26.53 -13.29 -7.77
CA LEU H 65 26.94 -12.73 -9.05
C LEU H 65 28.46 -12.81 -9.23
N ALA H 66 28.88 -13.19 -10.44
CA ALA H 66 30.30 -13.30 -10.79
C ALA H 66 30.67 -12.27 -11.85
N HIS H 67 31.82 -11.61 -11.68
CA HIS H 67 32.27 -10.62 -12.65
C HIS H 67 33.79 -10.57 -12.85
N THR H 68 34.19 -10.66 -14.12
CA THR H 68 35.60 -10.62 -14.51
C THR H 68 35.87 -9.46 -15.45
N GLU H 69 36.95 -8.74 -15.20
CA GLU H 69 37.34 -7.64 -16.08
C GLU H 69 37.47 -8.24 -17.47
N PHE H 70 37.42 -7.42 -18.52
CA PHE H 70 37.53 -7.93 -19.89
C PHE H 70 37.33 -6.85 -20.96
N THR H 71 37.88 -7.10 -22.14
CA THR H 71 37.72 -6.19 -23.26
C THR H 71 37.13 -7.01 -24.42
N PRO H 72 35.86 -6.76 -24.73
CA PRO H 72 35.12 -7.51 -25.76
C PRO H 72 35.67 -7.41 -27.18
N THR H 73 35.51 -8.51 -27.90
CA THR H 73 35.92 -8.63 -29.28
C THR H 73 34.68 -9.15 -30.00
N GLU H 74 34.70 -9.21 -31.34
CA GLU H 74 33.54 -9.71 -32.08
C GLU H 74 33.71 -11.20 -32.34
N THR H 75 34.94 -11.69 -32.23
CA THR H 75 35.23 -13.09 -32.48
C THR H 75 35.32 -13.95 -31.23
N ASP H 76 35.46 -13.34 -30.05
CA ASP H 76 35.56 -14.11 -28.81
C ASP H 76 34.21 -14.51 -28.22
N THR H 77 34.14 -15.72 -27.64
CA THR H 77 32.91 -16.20 -27.03
C THR H 77 33.02 -16.43 -25.52
N TYR H 78 32.74 -15.39 -24.76
CA TYR H 78 32.77 -15.46 -23.31
C TYR H 78 31.54 -16.21 -22.82
N ALA H 79 31.71 -17.11 -21.86
CA ALA H 79 30.58 -17.86 -21.32
C ALA H 79 30.69 -18.05 -19.80
N CYS H 80 29.67 -18.67 -19.23
CA CYS H 80 29.63 -18.93 -17.80
C CYS H 80 29.11 -20.34 -17.58
N ARG H 81 29.80 -21.12 -16.76
CA ARG H 81 29.38 -22.49 -16.48
C ARG H 81 29.13 -22.74 -15.01
N VAL H 82 28.06 -23.48 -14.71
CA VAL H 82 27.68 -23.78 -13.35
C VAL H 82 27.07 -25.16 -13.22
N LYS H 83 27.35 -25.82 -12.11
CA LYS H 83 26.87 -27.18 -11.84
C LYS H 83 26.08 -27.19 -10.53
N HIS H 84 24.84 -27.66 -10.58
CA HIS H 84 24.00 -27.70 -9.39
C HIS H 84 23.35 -29.06 -9.24
N ASP H 85 23.38 -29.59 -8.02
CA ASP H 85 22.80 -30.90 -7.74
C ASP H 85 21.35 -31.05 -8.20
N SER H 86 20.74 -29.95 -8.62
CA SER H 86 19.37 -29.98 -9.11
C SER H 86 19.43 -30.46 -10.56
N MET H 87 20.60 -30.26 -11.15
CA MET H 87 20.86 -30.65 -12.53
C MET H 87 22.12 -31.51 -12.57
N ALA H 88 21.94 -32.82 -12.50
CA ALA H 88 23.05 -33.76 -12.54
C ALA H 88 24.03 -33.35 -13.63
N GLU H 89 23.49 -33.02 -14.80
CA GLU H 89 24.29 -32.60 -15.94
C GLU H 89 24.28 -31.07 -16.03
N PRO H 90 25.47 -30.47 -15.98
CA PRO H 90 25.64 -29.02 -16.04
C PRO H 90 24.82 -28.26 -17.08
N LYS H 91 24.79 -26.95 -16.91
CA LYS H 91 24.07 -26.04 -17.78
C LYS H 91 25.02 -24.87 -17.99
N THR H 92 25.46 -24.69 -19.24
CA THR H 92 26.39 -23.61 -19.58
C THR H 92 25.71 -22.51 -20.40
N VAL H 93 26.07 -21.26 -20.13
CA VAL H 93 25.44 -20.13 -20.82
C VAL H 93 26.45 -19.21 -21.49
N TYR H 94 26.31 -19.06 -22.81
CA TYR H 94 27.20 -18.20 -23.58
C TYR H 94 26.71 -16.76 -23.57
N TRP H 95 27.64 -15.81 -23.68
CA TRP H 95 27.30 -14.39 -23.70
C TRP H 95 26.79 -13.92 -25.04
N ASP H 96 25.65 -13.23 -25.02
CA ASP H 96 25.04 -12.67 -26.22
C ASP H 96 25.00 -11.16 -25.99
N ARG H 97 25.69 -10.41 -26.83
CA ARG H 97 25.76 -8.96 -26.70
C ARG H 97 24.38 -8.30 -26.71
N ASP H 98 23.41 -8.96 -27.33
CA ASP H 98 22.08 -8.36 -27.42
C ASP H 98 21.15 -8.77 -26.29
N MET H 99 21.65 -9.43 -25.25
CA MET H 99 20.75 -9.86 -24.18
C MET H 99 21.24 -9.71 -22.74
N GLU I 1 -7.84 18.14 -15.39
CA GLU I 1 -9.10 18.77 -15.82
C GLU I 1 -10.18 17.71 -15.77
N GLN I 2 -11.41 18.17 -15.82
CA GLN I 2 -12.60 17.34 -15.74
C GLN I 2 -12.98 16.55 -16.98
N TYR I 3 -13.85 15.57 -16.76
CA TYR I 3 -14.34 14.70 -17.81
C TYR I 3 -15.65 15.22 -18.38
N LYS I 4 -15.94 14.84 -19.60
CA LYS I 4 -17.19 15.19 -20.22
C LYS I 4 -18.09 13.98 -20.02
N PHE I 5 -19.03 14.09 -19.10
CA PHE I 5 -19.91 12.97 -18.74
C PHE I 5 -20.98 12.64 -19.77
N TYR I 6 -21.47 11.41 -19.68
CA TYR I 6 -22.50 10.94 -20.60
C TYR I 6 -23.66 10.41 -19.76
N SER I 7 -24.76 11.15 -19.83
CA SER I 7 -26.00 10.85 -19.11
C SER I 7 -26.34 9.37 -19.01
N VAL I 8 -27.15 9.05 -18.02
CA VAL I 8 -27.59 7.67 -17.77
C VAL I 8 -28.79 7.29 -18.61
N GLU J 1 19.48 -2.92 15.54
CA GLU J 1 20.40 -4.00 15.99
C GLU J 1 19.75 -5.35 15.78
N GLN J 2 20.56 -6.40 15.79
CA GLN J 2 20.06 -7.76 15.63
C GLN J 2 19.27 -8.24 16.84
N TYR J 3 18.52 -9.31 16.65
CA TYR J 3 17.73 -9.91 17.70
C TYR J 3 18.58 -10.99 18.32
N LYS J 4 18.21 -11.36 19.54
CA LYS J 4 18.89 -12.45 20.20
C LYS J 4 17.99 -13.65 19.97
N PHE J 5 18.42 -14.58 19.13
CA PHE J 5 17.62 -15.76 18.81
C PHE J 5 17.79 -16.89 19.82
N TYR J 6 16.66 -17.54 20.10
CA TYR J 6 16.59 -18.69 20.99
C TYR J 6 16.91 -19.82 20.05
N SER J 7 17.84 -20.69 20.39
CA SER J 7 18.07 -21.84 19.52
C SER J 7 16.66 -22.48 19.35
N VAL J 8 15.95 -22.12 18.28
CA VAL J 8 14.57 -22.58 18.09
C VAL J 8 14.02 -22.80 19.46
#